data_4OD4
#
_entry.id   4OD4
#
_cell.length_a   70.090
_cell.length_b   123.070
_cell.length_c   423.480
_cell.angle_alpha   90.00
_cell.angle_beta   90.00
_cell.angle_gamma   90.00
#
_symmetry.space_group_name_H-M   'P 21 21 21'
#
_entity_poly.entity_id   1
_entity_poly.type   'polypeptide(L)'
_entity_poly.pdbx_seq_one_letter_code
;MGSSHHHHHHSSGLVPAGSMRLVRIEHTIFSLPFAYVGALLSRYPFTLADAILMAAAVVGLRMAGMAYNNIADLDIDRLN
PRTAKRPLVVGAVSLREAWALVAAGSAIYFASAALLNTYALLLSPLVLAIALTYPHAKRLHPLPHLHLGIVLGSVVFGGA
VAASGDEASSLGEVLRSVPWLYVAAVSLWVAGFDTIYSIMDIDFDRSHGLGSIPALLGPKGALAASLAMHAAAVALFIAG
VEAYGLGAIATVSTALTALVIILVQAMAWLGRVKESFNLNLAVPIIIGAGIIVDMLHHMIRLL
;
_entity_poly.pdbx_strand_id   A,B,C,D,E,F
#
# COMPACT_ATOMS: atom_id res chain seq x y z
N LEU A 22 16.75 15.43 -54.99
CA LEU A 22 17.68 14.66 -54.15
C LEU A 22 19.13 15.06 -54.42
N VAL A 23 19.95 15.02 -53.37
CA VAL A 23 21.38 15.28 -53.51
C VAL A 23 22.22 14.31 -52.68
N ARG A 24 23.28 13.79 -53.28
CA ARG A 24 24.21 12.90 -52.57
C ARG A 24 25.46 13.68 -52.19
N ILE A 25 25.72 13.76 -50.89
CA ILE A 25 26.77 14.64 -50.36
C ILE A 25 28.16 14.15 -50.73
N GLU A 26 28.34 12.83 -50.74
CA GLU A 26 29.64 12.22 -51.03
C GLU A 26 30.34 12.83 -52.26
N HIS A 27 29.56 13.08 -53.33
CA HIS A 27 30.10 13.64 -54.56
C HIS A 27 30.95 14.89 -54.32
N THR A 28 30.56 15.67 -53.31
CA THR A 28 31.24 16.92 -53.05
C THR A 28 32.74 16.70 -52.79
N ILE A 29 33.11 15.49 -52.38
CA ILE A 29 34.51 15.15 -52.15
C ILE A 29 35.34 15.50 -53.38
N PHE A 30 34.75 15.31 -54.56
CA PHE A 30 35.48 15.49 -55.81
C PHE A 30 35.56 16.95 -56.22
N SER A 31 34.97 17.83 -55.42
CA SER A 31 34.98 19.26 -55.69
C SER A 31 35.93 20.00 -54.75
N LEU A 32 36.22 19.40 -53.60
CA LEU A 32 37.06 20.03 -52.58
C LEU A 32 38.47 20.43 -53.07
N PRO A 33 39.16 19.51 -53.77
CA PRO A 33 40.54 19.78 -54.18
C PRO A 33 40.70 21.10 -54.90
N PHE A 34 39.76 21.43 -55.79
CA PHE A 34 39.86 22.63 -56.60
C PHE A 34 39.80 23.89 -55.75
N ALA A 35 39.16 23.78 -54.59
CA ALA A 35 39.08 24.89 -53.64
C ALA A 35 40.43 25.07 -52.94
N TYR A 36 40.95 23.98 -52.38
CA TYR A 36 42.23 24.01 -51.69
C TYR A 36 43.36 24.43 -52.63
N VAL A 37 43.22 24.08 -53.91
CA VAL A 37 44.19 24.49 -54.91
C VAL A 37 44.26 26.02 -54.95
N GLY A 38 43.10 26.67 -55.03
CA GLY A 38 43.05 28.12 -55.10
C GLY A 38 43.47 28.80 -53.81
N ALA A 39 43.39 28.07 -52.71
CA ALA A 39 43.80 28.58 -51.40
C ALA A 39 45.31 28.49 -51.24
N LEU A 40 45.89 27.48 -51.86
CA LEU A 40 47.33 27.30 -51.83
C LEU A 40 48.01 28.19 -52.86
N LEU A 41 47.60 28.09 -54.12
CA LEU A 41 48.18 28.90 -55.18
C LEU A 41 47.94 30.40 -54.95
N SER A 42 47.12 30.72 -53.96
CA SER A 42 47.10 32.05 -53.38
C SER A 42 48.05 32.02 -52.20
N ARG A 43 49.18 32.73 -52.34
CA ARG A 43 50.28 32.59 -51.40
C ARG A 43 49.93 32.99 -49.96
N TYR A 44 48.71 33.46 -49.73
CA TYR A 44 48.25 33.79 -48.37
C TYR A 44 48.06 32.51 -47.54
N PRO A 45 48.07 32.66 -46.20
CA PRO A 45 47.90 31.51 -45.31
C PRO A 45 46.46 31.35 -44.80
N PHE A 46 46.19 30.18 -44.23
CA PHE A 46 44.87 29.88 -43.69
C PHE A 46 44.96 28.79 -42.64
N THR A 47 43.92 28.67 -41.82
CA THR A 47 43.92 27.75 -40.70
C THR A 47 43.08 26.51 -40.97
N LEU A 48 43.20 25.51 -40.11
CA LEU A 48 42.39 24.31 -40.20
C LEU A 48 40.90 24.69 -40.12
N ALA A 49 40.61 25.71 -39.33
CA ALA A 49 39.26 26.21 -39.22
C ALA A 49 38.81 26.71 -40.60
N ASP A 50 39.59 27.62 -41.16
CA ASP A 50 39.30 28.17 -42.48
C ASP A 50 39.08 27.05 -43.50
N ALA A 51 39.87 25.98 -43.37
CA ALA A 51 39.86 24.89 -44.34
C ALA A 51 38.57 24.09 -44.23
N ILE A 52 38.02 24.00 -43.03
CA ILE A 52 36.77 23.29 -42.82
C ILE A 52 35.62 24.10 -43.42
N LEU A 53 35.65 25.41 -43.19
CA LEU A 53 34.65 26.31 -43.74
C LEU A 53 34.64 26.27 -45.26
N MET A 54 35.83 26.13 -45.85
CA MET A 54 35.95 25.96 -47.29
C MET A 54 35.10 24.78 -47.73
N ALA A 55 35.35 23.63 -47.11
CA ALA A 55 34.62 22.41 -47.41
C ALA A 55 33.12 22.60 -47.23
N ALA A 56 32.74 23.15 -46.08
CA ALA A 56 31.35 23.46 -45.81
C ALA A 56 30.73 24.26 -46.95
N ALA A 57 31.39 25.35 -47.32
CA ALA A 57 30.90 26.24 -48.39
C ALA A 57 30.66 25.47 -49.68
N VAL A 58 31.59 24.58 -50.00
CA VAL A 58 31.47 23.75 -51.20
C VAL A 58 30.25 22.84 -51.06
N VAL A 59 30.16 22.11 -49.95
CA VAL A 59 29.03 21.25 -49.67
C VAL A 59 27.72 22.00 -49.86
N GLY A 60 27.63 23.20 -49.30
CA GLY A 60 26.43 24.01 -49.42
C GLY A 60 26.16 24.35 -50.86
N LEU A 61 27.18 24.86 -51.53
CA LEU A 61 27.05 25.31 -52.91
C LEU A 61 26.57 24.16 -53.80
N ARG A 62 27.20 23.00 -53.66
CA ARG A 62 26.84 21.83 -54.43
C ARG A 62 25.44 21.37 -54.07
N MET A 63 25.12 21.40 -52.78
CA MET A 63 23.78 21.03 -52.33
C MET A 63 22.72 21.88 -53.04
N ALA A 64 22.89 23.20 -52.95
CA ALA A 64 21.96 24.14 -53.56
C ALA A 64 21.90 23.96 -55.07
N GLY A 65 23.05 23.83 -55.70
CA GLY A 65 23.11 23.67 -57.13
C GLY A 65 22.39 22.42 -57.58
N MET A 66 22.83 21.26 -57.06
CA MET A 66 22.23 19.98 -57.41
C MET A 66 20.73 20.00 -57.18
N ALA A 67 20.32 20.54 -56.03
CA ALA A 67 18.90 20.70 -55.73
C ALA A 67 18.22 21.50 -56.85
N TYR A 68 18.57 22.76 -57.00
CA TYR A 68 17.88 23.65 -57.93
C TYR A 68 17.95 23.16 -59.37
N ASN A 69 18.99 22.41 -59.69
CA ASN A 69 19.13 21.81 -61.01
C ASN A 69 17.96 20.88 -61.30
N ASN A 70 17.66 20.01 -60.33
CA ASN A 70 16.56 19.06 -60.47
C ASN A 70 15.20 19.74 -60.60
N ILE A 71 15.12 20.97 -60.09
CA ILE A 71 13.91 21.77 -60.17
C ILE A 71 13.77 22.46 -61.52
N ALA A 72 14.74 23.29 -61.86
CA ALA A 72 14.65 24.12 -63.06
C ALA A 72 14.52 23.29 -64.34
N ASP A 73 15.07 22.08 -64.31
CA ASP A 73 15.06 21.21 -65.49
C ASP A 73 13.94 20.18 -65.40
N LEU A 74 13.08 20.31 -64.38
CA LEU A 74 12.01 19.34 -64.16
C LEU A 74 11.09 19.15 -65.36
N ASP A 75 10.57 20.25 -65.89
CA ASP A 75 9.61 20.19 -66.98
C ASP A 75 10.12 19.36 -68.15
N ILE A 76 11.42 19.45 -68.41
CA ILE A 76 12.05 18.76 -69.53
C ILE A 76 12.73 17.47 -69.09
N ASP A 77 13.01 17.36 -67.79
CA ASP A 77 13.55 16.12 -67.25
C ASP A 77 12.46 15.05 -67.26
N ARG A 78 11.21 15.48 -67.38
CA ARG A 78 10.09 14.55 -67.47
C ARG A 78 9.96 13.96 -68.87
N LEU A 79 10.37 14.73 -69.87
CA LEU A 79 10.20 14.36 -71.27
C LEU A 79 11.34 13.50 -71.78
N ASN A 80 12.56 13.88 -71.41
CA ASN A 80 13.75 13.14 -71.83
C ASN A 80 13.70 11.72 -71.28
N PRO A 81 14.10 10.73 -72.11
CA PRO A 81 14.05 9.33 -71.66
C PRO A 81 15.08 9.03 -70.57
N ARG A 82 16.24 9.65 -70.68
CA ARG A 82 17.35 9.40 -69.78
C ARG A 82 17.03 9.85 -68.35
N THR A 83 16.24 10.91 -68.24
CA THR A 83 15.96 11.55 -66.97
C THR A 83 14.59 11.14 -66.43
N ALA A 84 13.93 10.20 -67.08
CA ALA A 84 12.64 9.70 -66.61
C ALA A 84 12.81 8.97 -65.28
N LYS A 85 14.04 8.55 -64.99
CA LYS A 85 14.35 7.79 -63.78
C LYS A 85 14.82 8.71 -62.65
N ARG A 86 15.09 9.97 -62.98
CA ARG A 86 15.54 10.94 -61.98
C ARG A 86 14.46 11.13 -60.91
N PRO A 87 14.87 11.51 -59.69
CA PRO A 87 13.89 11.71 -58.62
C PRO A 87 12.99 12.91 -58.90
N LEU A 88 11.88 13.02 -58.17
CA LEU A 88 10.85 14.06 -58.36
C LEU A 88 10.36 14.21 -59.80
N VAL A 89 10.79 13.32 -60.68
CA VAL A 89 10.11 13.09 -61.95
C VAL A 89 9.18 11.95 -61.61
N VAL A 90 9.75 10.94 -60.96
CA VAL A 90 9.01 9.81 -60.43
C VAL A 90 8.06 10.28 -59.35
N GLY A 91 8.53 11.23 -58.54
CA GLY A 91 7.78 11.75 -57.41
C GLY A 91 8.37 11.27 -56.09
N ALA A 92 9.59 10.73 -56.16
CA ALA A 92 10.27 10.19 -54.99
C ALA A 92 10.49 11.27 -53.94
N VAL A 93 10.51 12.53 -54.37
CA VAL A 93 10.63 13.67 -53.46
C VAL A 93 9.78 14.83 -53.95
N SER A 94 9.41 15.73 -53.04
CA SER A 94 8.58 16.88 -53.38
C SER A 94 9.46 18.02 -53.86
N LEU A 95 8.84 19.05 -54.43
CA LEU A 95 9.53 20.31 -54.68
C LEU A 95 9.86 20.98 -53.36
N ARG A 96 9.04 20.70 -52.36
CA ARG A 96 9.26 21.25 -51.04
C ARG A 96 10.58 20.72 -50.49
N GLU A 97 10.71 19.39 -50.47
CA GLU A 97 11.93 18.76 -50.00
C GLU A 97 13.13 19.26 -50.80
N ALA A 98 12.90 19.55 -52.08
CA ALA A 98 13.93 20.05 -52.96
C ALA A 98 14.29 21.47 -52.58
N TRP A 99 13.29 22.35 -52.63
CA TRP A 99 13.47 23.75 -52.25
C TRP A 99 14.04 23.89 -50.85
N ALA A 100 13.86 22.85 -50.02
CA ALA A 100 14.40 22.84 -48.68
C ALA A 100 15.92 22.75 -48.73
N LEU A 101 16.45 21.95 -49.65
CA LEU A 101 17.89 21.78 -49.79
C LEU A 101 18.52 22.98 -50.47
N VAL A 102 17.77 23.61 -51.37
CA VAL A 102 18.20 24.87 -51.98
C VAL A 102 18.47 25.87 -50.87
N ALA A 103 17.45 26.09 -50.04
CA ALA A 103 17.57 27.00 -48.93
C ALA A 103 18.69 26.55 -47.98
N ALA A 104 18.70 25.26 -47.67
CA ALA A 104 19.67 24.71 -46.74
C ALA A 104 21.09 24.92 -47.21
N GLY A 105 21.34 24.55 -48.47
CA GLY A 105 22.65 24.67 -49.06
C GLY A 105 23.10 26.11 -49.13
N SER A 106 22.22 26.96 -49.63
CA SER A 106 22.51 28.39 -49.75
C SER A 106 22.92 28.95 -48.38
N ALA A 107 22.28 28.43 -47.34
CA ALA A 107 22.53 28.91 -45.99
C ALA A 107 23.90 28.45 -45.50
N ILE A 108 24.16 27.15 -45.57
CA ILE A 108 25.40 26.60 -45.04
C ILE A 108 26.57 27.05 -45.88
N TYR A 109 26.28 27.69 -47.01
CA TYR A 109 27.29 28.38 -47.80
C TYR A 109 27.50 29.78 -47.22
N PHE A 110 26.43 30.57 -47.19
CA PHE A 110 26.44 31.90 -46.58
C PHE A 110 27.01 31.86 -45.16
N ALA A 111 26.70 30.79 -44.45
CA ALA A 111 27.18 30.61 -43.08
C ALA A 111 28.68 30.54 -43.06
N SER A 112 29.22 29.55 -43.79
CA SER A 112 30.66 29.34 -43.84
C SER A 112 31.38 30.54 -44.43
N ALA A 113 30.74 31.22 -45.38
CA ALA A 113 31.30 32.39 -46.04
C ALA A 113 31.45 33.55 -45.05
N ALA A 114 30.61 33.55 -44.02
CA ALA A 114 30.58 34.62 -43.02
C ALA A 114 31.66 34.44 -41.96
N LEU A 115 31.92 33.19 -41.58
CA LEU A 115 32.91 32.88 -40.56
C LEU A 115 34.32 32.94 -41.12
N LEU A 116 34.42 33.06 -42.43
CA LEU A 116 35.72 33.16 -43.09
C LEU A 116 36.20 34.61 -43.11
N ASN A 117 35.71 35.37 -44.09
CA ASN A 117 36.15 36.74 -44.32
C ASN A 117 34.95 37.62 -44.61
N THR A 118 35.22 38.89 -44.85
CA THR A 118 34.17 39.83 -45.24
C THR A 118 34.08 39.89 -46.76
N TYR A 119 35.17 39.53 -47.43
CA TYR A 119 35.20 39.48 -48.88
C TYR A 119 34.52 38.21 -49.36
N ALA A 120 34.82 37.12 -48.66
CA ALA A 120 34.16 35.85 -48.92
C ALA A 120 32.65 36.02 -48.84
N LEU A 121 32.18 36.65 -47.76
CA LEU A 121 30.76 36.91 -47.59
C LEU A 121 30.25 37.87 -48.67
N LEU A 122 31.02 38.91 -48.94
CA LEU A 122 30.66 39.90 -49.94
C LEU A 122 30.44 39.31 -51.34
N LEU A 123 31.24 38.30 -51.68
CA LEU A 123 31.20 37.70 -53.00
C LEU A 123 30.29 36.48 -53.04
N SER A 124 29.81 36.05 -51.88
CA SER A 124 28.91 34.90 -51.76
C SER A 124 27.74 34.91 -52.75
N PRO A 125 26.94 36.00 -52.77
CA PRO A 125 25.78 36.01 -53.65
C PRO A 125 26.13 35.86 -55.13
N LEU A 126 27.26 36.42 -55.55
CA LEU A 126 27.64 36.36 -56.95
C LEU A 126 28.03 34.94 -57.33
N VAL A 127 28.76 34.27 -56.45
CA VAL A 127 29.14 32.88 -56.65
C VAL A 127 27.91 31.96 -56.65
N LEU A 128 27.01 32.19 -55.69
CA LEU A 128 25.78 31.40 -55.60
C LEU A 128 24.90 31.65 -56.82
N ALA A 129 24.89 32.89 -57.29
CA ALA A 129 24.11 33.25 -58.45
C ALA A 129 24.57 32.44 -59.66
N ILE A 130 25.89 32.38 -59.85
CA ILE A 130 26.51 31.63 -60.94
C ILE A 130 26.06 30.18 -60.93
N ALA A 131 25.92 29.63 -59.73
CA ALA A 131 25.57 28.22 -59.57
C ALA A 131 24.10 27.97 -59.87
N LEU A 132 23.27 28.96 -59.55
CA LEU A 132 21.83 28.78 -59.65
C LEU A 132 21.28 29.23 -61.00
N THR A 133 22.06 30.03 -61.73
CA THR A 133 21.64 30.50 -63.04
C THR A 133 21.96 29.50 -64.14
N TYR A 134 22.91 28.62 -63.87
CA TYR A 134 23.41 27.68 -64.89
C TYR A 134 22.31 26.83 -65.55
N PRO A 135 21.38 26.25 -64.77
CA PRO A 135 20.31 25.42 -65.34
C PRO A 135 19.43 26.13 -66.37
N HIS A 136 19.57 27.45 -66.49
CA HIS A 136 18.78 28.24 -67.44
C HIS A 136 19.58 28.61 -68.67
N ALA A 137 20.89 28.41 -68.59
CA ALA A 137 21.79 28.73 -69.70
C ALA A 137 21.28 28.07 -70.98
N LYS A 138 20.95 26.78 -70.90
CA LYS A 138 20.50 26.02 -72.07
C LYS A 138 19.19 26.55 -72.66
N ARG A 139 18.56 27.50 -71.97
CA ARG A 139 17.29 28.07 -72.43
C ARG A 139 17.51 29.40 -73.15
N LEU A 140 18.70 29.97 -72.97
CA LEU A 140 19.02 31.30 -73.49
C LEU A 140 19.95 31.24 -74.69
N HIS A 141 20.95 30.36 -74.59
CA HIS A 141 22.01 30.29 -75.57
C HIS A 141 22.67 28.91 -75.60
N PRO A 142 23.45 28.62 -76.66
CA PRO A 142 24.25 27.39 -76.61
C PRO A 142 25.40 27.56 -75.63
N LEU A 143 26.40 26.68 -75.71
CA LEU A 143 27.52 26.69 -74.77
C LEU A 143 27.12 27.04 -73.32
N PRO A 144 26.20 26.26 -72.73
CA PRO A 144 26.00 26.28 -71.29
C PRO A 144 27.15 25.56 -70.59
N HIS A 145 27.97 24.89 -71.38
CA HIS A 145 29.11 24.14 -70.87
C HIS A 145 30.14 25.07 -70.21
N LEU A 146 30.24 26.28 -70.74
CA LEU A 146 31.11 27.29 -70.14
C LEU A 146 30.53 27.70 -68.79
N HIS A 147 29.25 28.05 -68.80
CA HIS A 147 28.53 28.40 -67.59
C HIS A 147 28.80 27.34 -66.53
N LEU A 148 28.63 26.08 -66.91
CA LEU A 148 28.87 24.95 -66.02
C LEU A 148 30.28 24.96 -65.46
N GLY A 149 31.26 25.34 -66.28
CA GLY A 149 32.64 25.28 -65.86
C GLY A 149 33.07 26.42 -64.95
N ILE A 150 32.57 27.61 -65.25
CA ILE A 150 32.80 28.75 -64.40
C ILE A 150 32.32 28.45 -62.96
N VAL A 151 31.36 27.54 -62.82
CA VAL A 151 30.89 27.12 -61.50
C VAL A 151 32.02 26.46 -60.73
N LEU A 152 32.76 25.58 -61.41
CA LEU A 152 33.90 24.95 -60.78
C LEU A 152 35.07 25.94 -60.65
N GLY A 153 35.16 26.89 -61.58
CA GLY A 153 36.10 27.98 -61.44
C GLY A 153 35.82 28.80 -60.19
N SER A 154 34.55 29.01 -59.90
CA SER A 154 34.16 29.81 -58.75
C SER A 154 34.58 29.12 -57.45
N VAL A 155 34.83 27.81 -57.52
CA VAL A 155 35.23 27.06 -56.34
C VAL A 155 36.67 27.37 -55.96
N VAL A 156 37.56 27.30 -56.94
CA VAL A 156 38.95 27.65 -56.74
C VAL A 156 39.04 29.14 -56.39
N PHE A 157 38.25 29.95 -57.09
CA PHE A 157 38.12 31.38 -56.76
C PHE A 157 37.75 31.58 -55.28
N GLY A 158 36.74 30.85 -54.84
CA GLY A 158 36.31 30.87 -53.47
C GLY A 158 37.43 30.45 -52.56
N GLY A 159 38.14 29.41 -52.96
CA GLY A 159 39.24 28.90 -52.17
C GLY A 159 40.30 29.96 -51.97
N ALA A 160 40.55 30.73 -53.03
CA ALA A 160 41.47 31.85 -52.96
C ALA A 160 40.96 32.91 -51.97
N VAL A 161 39.79 33.48 -52.24
CA VAL A 161 39.27 34.55 -51.37
C VAL A 161 39.19 34.06 -49.92
N ALA A 162 38.92 32.77 -49.74
CA ALA A 162 38.82 32.17 -48.41
C ALA A 162 40.13 32.29 -47.64
N ALA A 163 41.22 32.50 -48.37
CA ALA A 163 42.54 32.64 -47.77
C ALA A 163 43.01 34.09 -47.77
N SER A 164 42.71 34.81 -48.85
CA SER A 164 43.11 36.22 -48.98
C SER A 164 42.06 37.19 -48.39
N GLY A 165 41.56 36.87 -47.20
CA GLY A 165 40.77 37.77 -46.36
C GLY A 165 41.32 37.70 -44.95
N ASP A 166 41.74 36.49 -44.58
CA ASP A 166 42.60 36.22 -43.43
C ASP A 166 43.96 35.71 -43.92
N GLU A 167 44.97 36.59 -44.12
CA GLU A 167 44.89 38.04 -43.87
C GLU A 167 44.96 38.84 -45.18
N ALA A 168 44.26 39.97 -45.24
CA ALA A 168 44.23 40.80 -46.45
C ALA A 168 43.64 42.18 -46.19
N SER A 169 43.67 43.03 -47.21
CA SER A 169 43.37 44.45 -47.05
C SER A 169 42.20 44.94 -47.89
N SER A 170 42.32 44.79 -49.22
CA SER A 170 41.31 45.32 -50.13
C SER A 170 40.85 44.25 -51.14
N LEU A 171 39.93 44.64 -52.01
CA LEU A 171 39.38 43.74 -53.01
C LEU A 171 40.39 43.49 -54.14
N GLY A 172 41.15 44.52 -54.47
CA GLY A 172 42.20 44.40 -55.47
C GLY A 172 43.13 43.26 -55.14
N GLU A 173 43.58 43.21 -53.89
CA GLU A 173 44.52 42.19 -53.45
C GLU A 173 43.93 40.80 -53.57
N VAL A 174 42.71 40.65 -53.06
CA VAL A 174 42.09 39.34 -53.00
C VAL A 174 41.79 38.87 -54.42
N LEU A 175 41.52 39.80 -55.33
CA LEU A 175 41.38 39.43 -56.74
C LEU A 175 42.75 39.08 -57.33
N ARG A 176 43.77 39.85 -56.96
CA ARG A 176 45.15 39.56 -57.35
C ARG A 176 45.59 38.22 -56.74
N SER A 177 44.93 37.84 -55.65
CA SER A 177 45.24 36.62 -54.94
C SER A 177 44.85 35.35 -55.70
N VAL A 178 43.94 35.50 -56.66
CA VAL A 178 43.38 34.33 -57.36
C VAL A 178 44.31 33.81 -58.45
N PRO A 179 44.51 32.48 -58.49
CA PRO A 179 45.26 31.86 -59.59
C PRO A 179 44.38 31.63 -60.83
N TRP A 180 44.20 32.66 -61.64
CA TRP A 180 43.23 32.64 -62.73
C TRP A 180 43.54 31.62 -63.83
N LEU A 181 44.76 31.12 -63.89
CA LEU A 181 45.09 30.11 -64.89
C LEU A 181 44.32 28.84 -64.58
N TYR A 182 44.32 28.44 -63.32
CA TYR A 182 43.63 27.24 -62.89
C TYR A 182 42.12 27.46 -62.85
N VAL A 183 41.71 28.72 -62.69
CA VAL A 183 40.31 29.07 -62.81
C VAL A 183 39.87 28.70 -64.22
N ALA A 184 40.57 29.25 -65.20
CA ALA A 184 40.22 29.06 -66.60
C ALA A 184 40.52 27.63 -67.06
N ALA A 185 41.58 27.03 -66.52
CA ALA A 185 41.97 25.68 -66.89
C ALA A 185 40.89 24.68 -66.49
N VAL A 186 40.49 24.74 -65.23
CA VAL A 186 39.45 23.86 -64.69
C VAL A 186 38.11 24.08 -65.39
N SER A 187 37.79 25.34 -65.68
CA SER A 187 36.55 25.68 -66.39
C SER A 187 36.50 25.03 -67.77
N LEU A 188 37.59 25.16 -68.53
CA LEU A 188 37.63 24.64 -69.88
C LEU A 188 37.65 23.12 -69.88
N TRP A 189 38.13 22.53 -68.79
CA TRP A 189 38.19 21.09 -68.68
C TRP A 189 36.81 20.46 -68.58
N VAL A 190 35.96 21.03 -67.73
CA VAL A 190 34.61 20.51 -67.55
C VAL A 190 33.71 20.94 -68.70
N ALA A 191 33.95 22.15 -69.22
CA ALA A 191 33.25 22.62 -70.40
C ALA A 191 33.48 21.65 -71.54
N GLY A 192 34.63 20.97 -71.50
CA GLY A 192 35.02 20.08 -72.56
C GLY A 192 34.32 18.75 -72.49
N PHE A 193 34.19 18.17 -71.30
CA PHE A 193 33.59 16.85 -71.20
C PHE A 193 32.08 16.96 -71.04
N ASP A 194 31.59 18.14 -70.66
CA ASP A 194 30.15 18.38 -70.66
C ASP A 194 29.70 18.47 -72.10
N THR A 195 30.58 19.02 -72.95
CA THR A 195 30.35 19.06 -74.39
C THR A 195 30.25 17.65 -74.96
N ILE A 196 31.17 16.80 -74.54
CA ILE A 196 31.18 15.42 -74.96
C ILE A 196 29.96 14.70 -74.39
N TYR A 197 29.55 15.09 -73.19
CA TYR A 197 28.45 14.44 -72.50
C TYR A 197 27.12 14.83 -73.11
N SER A 198 27.09 15.97 -73.79
CA SER A 198 25.86 16.49 -74.38
C SER A 198 25.57 15.88 -75.76
N ILE A 199 26.46 15.00 -76.22
CA ILE A 199 26.29 14.33 -77.51
C ILE A 199 25.05 13.44 -77.48
N MET A 200 24.84 12.78 -76.35
CA MET A 200 23.76 11.81 -76.23
C MET A 200 22.38 12.47 -76.21
N ASP A 201 22.36 13.79 -76.03
CA ASP A 201 21.11 14.56 -75.93
C ASP A 201 20.94 15.52 -77.11
N ILE A 202 21.69 15.29 -78.19
CA ILE A 202 21.62 16.15 -79.38
C ILE A 202 20.20 16.17 -79.92
N ASP A 203 19.58 15.00 -79.92
CA ASP A 203 18.25 14.86 -80.47
C ASP A 203 17.23 15.58 -79.62
N PHE A 204 17.24 15.28 -78.31
CA PHE A 204 16.27 15.85 -77.38
C PHE A 204 16.45 17.35 -77.22
N ASP A 205 17.70 17.82 -77.19
CA ASP A 205 17.98 19.25 -76.98
C ASP A 205 17.53 20.04 -78.21
N ARG A 206 17.70 19.45 -79.40
CA ARG A 206 17.06 19.98 -80.59
C ARG A 206 15.59 19.70 -80.47
N SER A 207 14.77 20.37 -81.28
CA SER A 207 13.32 20.16 -81.24
C SER A 207 12.71 20.81 -80.01
N HIS A 208 13.22 20.47 -78.83
CA HIS A 208 12.76 21.05 -77.57
C HIS A 208 13.40 22.42 -77.31
N GLY A 209 14.23 22.89 -78.22
CA GLY A 209 14.75 24.24 -78.17
C GLY A 209 15.79 24.46 -77.10
N LEU A 210 16.41 23.38 -76.63
CA LEU A 210 17.47 23.49 -75.63
C LEU A 210 18.83 23.70 -76.28
N GLY A 211 19.63 24.58 -75.67
CA GLY A 211 20.92 24.95 -76.21
C GLY A 211 22.04 23.99 -75.86
N SER A 212 22.78 23.58 -76.88
CA SER A 212 23.93 22.69 -76.74
C SER A 212 24.88 23.01 -77.87
N ILE A 213 26.18 22.83 -77.63
CA ILE A 213 27.15 23.00 -78.71
C ILE A 213 27.13 21.76 -79.64
N PRO A 214 26.92 20.54 -79.11
CA PRO A 214 26.76 19.46 -80.09
C PRO A 214 25.43 19.52 -80.87
N ALA A 215 24.41 20.15 -80.31
CA ALA A 215 23.15 20.33 -81.03
C ALA A 215 23.30 21.38 -82.12
N LEU A 216 24.37 22.18 -82.01
CA LEU A 216 24.65 23.25 -82.94
C LEU A 216 25.59 22.79 -84.05
N LEU A 217 26.45 21.83 -83.75
CA LEU A 217 27.54 21.44 -84.66
C LEU A 217 27.58 19.94 -84.95
N GLY A 218 26.69 19.18 -84.31
CA GLY A 218 26.69 17.73 -84.47
C GLY A 218 27.86 17.11 -83.73
N PRO A 219 27.87 15.78 -83.60
CA PRO A 219 28.94 15.05 -82.90
C PRO A 219 30.34 15.44 -83.41
N LYS A 220 30.68 15.09 -84.64
CA LYS A 220 31.91 15.59 -85.25
C LYS A 220 31.72 17.10 -85.40
N GLY A 221 32.38 17.85 -84.51
CA GLY A 221 32.22 19.29 -84.44
C GLY A 221 32.11 19.66 -82.98
N ALA A 222 31.41 18.80 -82.25
CA ALA A 222 31.42 18.85 -80.80
C ALA A 222 32.76 18.30 -80.32
N LEU A 223 33.12 17.12 -80.82
CA LEU A 223 34.40 16.52 -80.51
C LEU A 223 35.52 17.51 -80.79
N ALA A 224 35.37 18.25 -81.88
CA ALA A 224 36.35 19.24 -82.28
C ALA A 224 36.44 20.36 -81.24
N ALA A 225 35.31 21.02 -80.99
CA ALA A 225 35.25 22.09 -80.01
C ALA A 225 35.65 21.56 -78.64
N SER A 226 35.32 20.30 -78.37
CA SER A 226 35.72 19.63 -77.14
C SER A 226 37.23 19.59 -77.06
N LEU A 227 37.85 19.22 -78.17
CA LEU A 227 39.29 19.08 -78.26
C LEU A 227 39.99 20.42 -78.12
N ALA A 228 39.40 21.46 -78.70
CA ALA A 228 39.94 22.80 -78.61
C ALA A 228 39.96 23.25 -77.16
N MET A 229 38.84 23.05 -76.47
CA MET A 229 38.73 23.39 -75.05
C MET A 229 39.80 22.66 -74.26
N HIS A 230 39.76 21.34 -74.33
CA HIS A 230 40.66 20.49 -73.57
C HIS A 230 42.14 20.73 -73.92
N ALA A 231 42.39 21.24 -75.13
CA ALA A 231 43.74 21.60 -75.51
C ALA A 231 44.17 22.79 -74.68
N ALA A 232 43.42 23.87 -74.79
CA ALA A 232 43.67 25.10 -74.04
C ALA A 232 43.73 24.85 -72.54
N ALA A 233 43.07 23.79 -72.09
CA ALA A 233 43.06 23.42 -70.68
C ALA A 233 44.43 22.94 -70.26
N VAL A 234 44.96 21.98 -71.00
CA VAL A 234 46.28 21.41 -70.71
C VAL A 234 47.36 22.48 -70.86
N ALA A 235 47.16 23.38 -71.83
CA ALA A 235 48.07 24.51 -72.00
C ALA A 235 48.19 25.30 -70.70
N LEU A 236 47.05 25.62 -70.10
CA LEU A 236 47.04 26.44 -68.90
C LEU A 236 47.57 25.68 -67.69
N PHE A 237 47.22 24.39 -67.60
CA PHE A 237 47.67 23.57 -66.48
C PHE A 237 49.18 23.52 -66.46
N ILE A 238 49.76 23.54 -67.66
CA ILE A 238 51.19 23.52 -67.84
C ILE A 238 51.78 24.89 -67.53
N ALA A 239 51.22 25.92 -68.14
CA ALA A 239 51.69 27.29 -67.96
C ALA A 239 51.67 27.68 -66.47
N GLY A 240 50.83 27.02 -65.70
CA GLY A 240 50.73 27.29 -64.28
C GLY A 240 51.95 26.84 -63.52
N VAL A 241 52.70 25.90 -64.09
CA VAL A 241 53.92 25.40 -63.46
C VAL A 241 54.98 26.50 -63.46
N GLU A 242 55.36 26.98 -64.65
CA GLU A 242 56.35 28.04 -64.75
C GLU A 242 55.90 29.28 -63.98
N ALA A 243 54.61 29.60 -64.08
CA ALA A 243 54.07 30.82 -63.51
C ALA A 243 54.01 30.74 -61.99
N TYR A 244 53.20 29.82 -61.46
CA TYR A 244 52.99 29.72 -60.03
C TYR A 244 54.05 28.83 -59.36
N GLY A 245 55.24 28.78 -59.97
CA GLY A 245 56.37 28.09 -59.37
C GLY A 245 56.18 26.59 -59.37
N LEU A 246 55.39 26.09 -58.43
CA LEU A 246 55.12 24.66 -58.29
C LEU A 246 56.40 23.87 -58.07
N GLY A 247 56.23 22.57 -57.86
CA GLY A 247 57.34 21.70 -57.53
C GLY A 247 57.21 20.34 -58.15
N ALA A 248 57.97 19.39 -57.61
CA ALA A 248 58.03 18.05 -58.17
C ALA A 248 56.66 17.40 -58.22
N ILE A 249 56.11 17.13 -57.04
CA ILE A 249 54.84 16.42 -56.93
C ILE A 249 53.74 17.14 -57.72
N ALA A 250 53.73 18.47 -57.65
CA ALA A 250 52.74 19.27 -58.34
C ALA A 250 52.89 19.12 -59.86
N THR A 251 54.13 19.14 -60.32
CA THR A 251 54.41 19.02 -61.75
C THR A 251 54.08 17.62 -62.23
N VAL A 252 54.32 16.62 -61.37
CA VAL A 252 53.93 15.25 -61.68
C VAL A 252 52.43 15.16 -61.83
N SER A 253 51.72 15.76 -60.87
CA SER A 253 50.27 15.79 -60.91
C SER A 253 49.76 16.51 -62.15
N THR A 254 50.33 17.70 -62.40
CA THR A 254 50.00 18.48 -63.59
C THR A 254 50.11 17.62 -64.86
N ALA A 255 51.09 16.73 -64.88
CA ALA A 255 51.32 15.89 -66.05
C ALA A 255 50.26 14.79 -66.11
N LEU A 256 49.93 14.23 -64.96
CA LEU A 256 48.95 13.14 -64.90
C LEU A 256 47.57 13.61 -65.31
N THR A 257 47.16 14.78 -64.82
CA THR A 257 45.86 15.33 -65.19
C THR A 257 45.85 15.61 -66.68
N ALA A 258 46.94 16.18 -67.17
CA ALA A 258 47.10 16.43 -68.60
C ALA A 258 47.02 15.11 -69.37
N LEU A 259 47.49 14.05 -68.73
CA LEU A 259 47.46 12.71 -69.33
C LEU A 259 46.04 12.21 -69.46
N VAL A 260 45.27 12.31 -68.38
CA VAL A 260 43.89 11.85 -68.36
C VAL A 260 43.05 12.61 -69.39
N ILE A 261 43.16 13.93 -69.39
CA ILE A 261 42.41 14.78 -70.32
C ILE A 261 42.58 14.33 -71.76
N ILE A 262 43.68 13.64 -72.05
CA ILE A 262 43.95 13.16 -73.39
C ILE A 262 43.21 11.85 -73.68
N LEU A 263 43.01 11.03 -72.65
CA LEU A 263 42.27 9.78 -72.82
C LEU A 263 40.77 10.04 -72.98
N VAL A 264 40.24 11.01 -72.24
CA VAL A 264 38.82 11.32 -72.31
C VAL A 264 38.56 11.79 -73.73
N GLN A 265 39.51 12.54 -74.29
CA GLN A 265 39.43 12.93 -75.69
C GLN A 265 39.57 11.68 -76.56
N ALA A 266 40.62 10.93 -76.33
CA ALA A 266 40.91 9.72 -77.10
C ALA A 266 39.72 8.76 -77.12
N MET A 267 39.26 8.36 -75.94
CA MET A 267 38.15 7.44 -75.80
C MET A 267 36.87 7.99 -76.43
N ALA A 268 36.73 9.32 -76.44
CA ALA A 268 35.53 9.97 -76.95
C ALA A 268 35.53 10.01 -78.48
N TRP A 269 36.71 10.25 -79.05
CA TRP A 269 36.84 10.22 -80.51
C TRP A 269 36.72 8.80 -81.03
N LEU A 270 36.97 7.82 -80.17
CA LEU A 270 36.69 6.42 -80.47
C LEU A 270 35.25 6.03 -80.10
N GLY A 271 34.32 6.97 -80.26
CA GLY A 271 32.96 6.78 -79.78
C GLY A 271 33.06 6.62 -78.29
N ARG A 272 32.67 5.44 -77.79
CA ARG A 272 32.97 4.99 -76.43
C ARG A 272 33.05 6.13 -75.38
N VAL A 273 31.96 6.87 -75.23
CA VAL A 273 31.95 8.14 -74.49
C VAL A 273 31.63 8.02 -73.01
N LYS A 274 30.97 6.93 -72.60
CA LYS A 274 30.57 6.77 -71.22
C LYS A 274 31.79 6.61 -70.33
N GLU A 275 32.70 5.75 -70.74
CA GLU A 275 33.94 5.53 -70.00
C GLU A 275 34.83 6.76 -70.11
N SER A 276 34.69 7.51 -71.22
CA SER A 276 35.42 8.76 -71.39
C SER A 276 34.98 9.78 -70.34
N PHE A 277 33.67 9.96 -70.23
CA PHE A 277 33.10 10.84 -69.23
C PHE A 277 33.49 10.36 -67.84
N ASN A 278 33.26 9.06 -67.60
CA ASN A 278 33.50 8.47 -66.29
C ASN A 278 34.97 8.60 -65.89
N LEU A 279 35.85 8.78 -66.87
CA LEU A 279 37.29 8.83 -66.62
C LEU A 279 37.72 10.09 -65.89
N ASN A 280 36.97 11.17 -66.07
CA ASN A 280 37.34 12.47 -65.55
C ASN A 280 37.47 12.52 -64.02
N LEU A 281 37.07 11.45 -63.33
CA LEU A 281 37.12 11.42 -61.87
C LEU A 281 38.55 11.25 -61.36
N ALA A 282 39.48 10.99 -62.27
CA ALA A 282 40.88 10.85 -61.90
C ALA A 282 41.46 12.21 -61.50
N VAL A 283 41.02 13.26 -62.20
CA VAL A 283 41.62 14.58 -62.06
C VAL A 283 41.50 15.09 -60.61
N PRO A 284 40.29 15.05 -60.02
CA PRO A 284 40.19 15.41 -58.60
C PRO A 284 41.08 14.55 -57.71
N ILE A 285 41.06 13.23 -57.95
CA ILE A 285 41.81 12.28 -57.14
C ILE A 285 43.30 12.53 -57.25
N ILE A 286 43.76 12.74 -58.48
CA ILE A 286 45.16 13.04 -58.73
C ILE A 286 45.56 14.30 -57.98
N ILE A 287 44.78 15.36 -58.17
CA ILE A 287 45.04 16.64 -57.52
C ILE A 287 45.01 16.47 -56.01
N GLY A 288 43.95 15.86 -55.50
CA GLY A 288 43.78 15.68 -54.07
C GLY A 288 44.91 14.89 -53.45
N ALA A 289 45.24 13.76 -54.06
CA ALA A 289 46.36 12.95 -53.62
C ALA A 289 47.66 13.76 -53.70
N GLY A 290 47.82 14.54 -54.77
CA GLY A 290 49.00 15.34 -54.97
C GLY A 290 49.23 16.32 -53.86
N ILE A 291 48.15 16.91 -53.37
CA ILE A 291 48.22 17.85 -52.25
C ILE A 291 48.60 17.14 -50.97
N ILE A 292 47.95 16.01 -50.71
CA ILE A 292 48.18 15.24 -49.49
C ILE A 292 49.62 14.77 -49.36
N VAL A 293 50.21 14.35 -50.48
CA VAL A 293 51.59 13.90 -50.50
C VAL A 293 52.56 15.07 -50.37
N ASP A 294 52.20 16.20 -50.95
CA ASP A 294 53.05 17.40 -50.89
C ASP A 294 53.17 17.92 -49.46
N MET A 295 52.09 17.83 -48.69
CA MET A 295 52.11 18.25 -47.30
C MET A 295 53.05 17.39 -46.47
N LEU A 296 53.12 16.11 -46.81
CA LEU A 296 54.01 15.16 -46.14
C LEU A 296 55.37 15.09 -46.80
N LEU B 22 30.93 40.78 -30.47
CA LEU B 22 31.57 39.52 -30.08
C LEU B 22 30.55 38.57 -29.46
N VAL B 23 30.72 37.28 -29.72
CA VAL B 23 29.87 36.25 -29.12
C VAL B 23 30.67 35.04 -28.67
N ARG B 24 30.37 34.55 -27.47
CA ARG B 24 31.01 33.36 -26.93
C ARG B 24 30.07 32.17 -27.07
N ILE B 25 30.50 31.15 -27.80
CA ILE B 25 29.61 30.07 -28.20
C ILE B 25 29.25 29.19 -27.01
N GLU B 26 30.21 29.01 -26.10
CA GLU B 26 30.03 28.13 -24.94
C GLU B 26 28.70 28.37 -24.21
N HIS B 27 28.34 29.64 -24.05
CA HIS B 27 27.09 30.01 -23.36
C HIS B 27 25.88 29.25 -23.89
N THR B 28 25.88 28.95 -25.18
CA THR B 28 24.75 28.32 -25.82
C THR B 28 24.42 26.98 -25.15
N ILE B 29 25.41 26.38 -24.48
CA ILE B 29 25.21 25.13 -23.76
C ILE B 29 24.03 25.27 -22.80
N PHE B 30 23.88 26.45 -22.22
CA PHE B 30 22.86 26.66 -21.20
C PHE B 30 21.48 26.90 -21.81
N SER B 31 21.40 26.89 -23.13
CA SER B 31 20.15 27.13 -23.84
C SER B 31 19.61 25.83 -24.42
N LEU B 32 20.49 24.86 -24.63
CA LEU B 32 20.12 23.61 -25.30
C LEU B 32 19.02 22.82 -24.58
N PRO B 33 19.13 22.69 -23.25
CA PRO B 33 18.15 21.87 -22.50
C PRO B 33 16.70 22.26 -22.78
N PHE B 34 16.42 23.55 -22.86
CA PHE B 34 15.06 24.03 -23.05
C PHE B 34 14.50 23.60 -24.40
N ALA B 35 15.39 23.38 -25.37
CA ALA B 35 14.99 22.89 -26.68
C ALA B 35 14.62 21.42 -26.60
N TYR B 36 15.51 20.62 -26.03
CA TYR B 36 15.30 19.18 -25.90
C TYR B 36 14.07 18.90 -25.04
N VAL B 37 13.81 19.77 -24.08
CA VAL B 37 12.61 19.66 -23.24
C VAL B 37 11.38 19.69 -24.13
N GLY B 38 11.31 20.67 -25.02
CA GLY B 38 10.17 20.84 -25.89
C GLY B 38 10.05 19.74 -26.94
N ALA B 39 11.18 19.07 -27.21
CA ALA B 39 11.21 17.97 -28.16
C ALA B 39 10.72 16.69 -27.50
N LEU B 40 10.99 16.56 -26.21
CA LEU B 40 10.55 15.40 -25.45
C LEU B 40 9.09 15.55 -25.02
N LEU B 41 8.77 16.66 -24.36
CA LEU B 41 7.40 16.92 -23.92
C LEU B 41 6.42 17.00 -25.11
N SER B 42 6.97 17.04 -26.31
CA SER B 42 6.20 16.75 -27.51
C SER B 42 6.37 15.28 -27.79
N ARG B 43 5.30 14.52 -27.61
CA ARG B 43 5.40 13.06 -27.59
C ARG B 43 5.89 12.46 -28.92
N TYR B 44 6.11 13.29 -29.94
CA TYR B 44 6.67 12.82 -31.20
C TYR B 44 8.14 12.39 -31.04
N PRO B 45 8.64 11.56 -31.97
CA PRO B 45 10.02 11.09 -31.92
C PRO B 45 10.98 11.89 -32.81
N PHE B 46 12.28 11.71 -32.57
CA PHE B 46 13.30 12.39 -33.34
C PHE B 46 14.61 11.62 -33.28
N THR B 47 15.51 11.92 -34.22
CA THR B 47 16.76 11.18 -34.37
C THR B 47 17.94 11.97 -33.82
N LEU B 48 19.08 11.29 -33.70
CA LEU B 48 20.31 11.93 -33.28
C LEU B 48 20.65 13.06 -34.25
N ALA B 49 20.34 12.84 -35.52
CA ALA B 49 20.55 13.85 -36.53
C ALA B 49 19.72 15.08 -36.19
N ASP B 50 18.42 14.85 -36.01
CA ASP B 50 17.49 15.92 -35.65
C ASP B 50 17.98 16.68 -34.42
N ALA B 51 18.57 15.94 -33.48
CA ALA B 51 18.98 16.51 -32.21
C ALA B 51 20.20 17.42 -32.37
N ILE B 52 21.05 17.10 -33.34
CA ILE B 52 22.22 17.93 -33.63
C ILE B 52 21.77 19.23 -34.29
N LEU B 53 20.84 19.11 -35.22
CA LEU B 53 20.28 20.26 -35.90
C LEU B 53 19.61 21.22 -34.91
N MET B 54 18.95 20.66 -33.90
CA MET B 54 18.37 21.46 -32.82
C MET B 54 19.46 22.34 -32.21
N ALA B 55 20.55 21.71 -31.81
CA ALA B 55 21.66 22.41 -31.18
C ALA B 55 22.19 23.48 -32.11
N ALA B 56 22.45 23.10 -33.36
CA ALA B 56 22.92 24.03 -34.37
C ALA B 56 22.01 25.26 -34.45
N ALA B 57 20.71 25.02 -34.58
CA ALA B 57 19.72 26.09 -34.67
C ALA B 57 19.82 27.05 -33.49
N VAL B 58 19.97 26.49 -32.30
CA VAL B 58 20.13 27.28 -31.09
C VAL B 58 21.41 28.12 -31.21
N VAL B 59 22.53 27.46 -31.52
CA VAL B 59 23.81 28.15 -31.65
C VAL B 59 23.68 29.32 -32.61
N GLY B 60 23.01 29.09 -33.74
CA GLY B 60 22.83 30.13 -34.72
C GLY B 60 22.00 31.26 -34.15
N LEU B 61 20.88 30.89 -33.56
CA LEU B 61 19.94 31.86 -33.05
C LEU B 61 20.62 32.75 -31.99
N ARG B 62 21.34 32.12 -31.07
CA ARG B 62 22.05 32.84 -30.03
C ARG B 62 23.17 33.69 -30.63
N MET B 63 23.87 33.14 -31.61
CA MET B 63 24.92 33.89 -32.29
C MET B 63 24.33 35.19 -32.86
N ALA B 64 23.28 35.05 -33.66
CA ALA B 64 22.64 36.19 -34.29
C ALA B 64 22.11 37.18 -33.26
N GLY B 65 21.44 36.66 -32.24
CA GLY B 65 20.89 37.50 -31.20
C GLY B 65 21.96 38.29 -30.49
N MET B 66 22.93 37.58 -29.90
CA MET B 66 24.03 38.20 -29.16
C MET B 66 24.73 39.23 -30.03
N ALA B 67 24.99 38.87 -31.27
CA ALA B 67 25.58 39.79 -32.23
C ALA B 67 24.73 41.07 -32.33
N TYR B 68 23.50 40.92 -32.81
CA TYR B 68 22.68 42.08 -33.13
C TYR B 68 22.38 42.92 -31.88
N ASN B 69 22.38 42.26 -30.73
CA ASN B 69 22.17 42.96 -29.48
C ASN B 69 23.25 44.01 -29.29
N ASN B 70 24.50 43.61 -29.49
CA ASN B 70 25.65 44.50 -29.32
C ASN B 70 25.60 45.67 -30.30
N ILE B 71 24.90 45.48 -31.41
CA ILE B 71 24.73 46.52 -32.43
C ILE B 71 23.64 47.50 -32.07
N ALA B 72 22.42 46.99 -31.89
CA ALA B 72 21.25 47.83 -31.70
C ALA B 72 21.36 48.68 -30.44
N ASP B 73 22.10 48.18 -29.45
CA ASP B 73 22.25 48.90 -28.18
C ASP B 73 23.56 49.67 -28.14
N LEU B 74 24.27 49.72 -29.25
CA LEU B 74 25.57 50.38 -29.32
C LEU B 74 25.54 51.83 -28.86
N ASP B 75 24.65 52.63 -29.45
CA ASP B 75 24.59 54.05 -29.17
C ASP B 75 24.48 54.34 -27.68
N ILE B 76 23.76 53.49 -26.96
CA ILE B 76 23.53 53.67 -25.53
C ILE B 76 24.49 52.81 -24.71
N ASP B 77 25.04 51.76 -25.32
CA ASP B 77 26.05 50.96 -24.64
C ASP B 77 27.33 51.77 -24.49
N ARG B 78 27.46 52.84 -25.27
CA ARG B 78 28.60 53.74 -25.16
C ARG B 78 28.48 54.69 -23.98
N LEU B 79 27.24 55.01 -23.63
CA LEU B 79 26.95 56.00 -22.58
C LEU B 79 26.92 55.37 -21.20
N ASN B 80 26.30 54.20 -21.10
CA ASN B 80 26.18 53.51 -19.83
C ASN B 80 27.57 53.16 -19.30
N PRO B 81 27.80 53.32 -17.99
CA PRO B 81 29.13 53.03 -17.44
C PRO B 81 29.45 51.54 -17.45
N ARG B 82 28.44 50.71 -17.21
CA ARG B 82 28.61 49.26 -17.10
C ARG B 82 29.04 48.65 -18.44
N THR B 83 28.57 49.25 -19.53
CA THR B 83 28.79 48.71 -20.85
C THR B 83 29.91 49.43 -21.58
N ALA B 84 30.63 50.30 -20.88
CA ALA B 84 31.76 51.00 -21.48
C ALA B 84 32.90 50.01 -21.79
N LYS B 85 32.85 48.85 -21.15
CA LYS B 85 33.88 47.83 -21.32
C LYS B 85 33.49 46.79 -22.38
N ARG B 86 32.23 46.83 -22.82
CA ARG B 86 31.75 45.90 -23.83
C ARG B 86 32.54 46.09 -25.12
N PRO B 87 32.64 45.03 -25.95
CA PRO B 87 33.37 45.14 -27.21
C PRO B 87 32.68 46.07 -28.19
N LEU B 88 33.38 46.48 -29.25
CA LEU B 88 32.89 47.45 -30.25
C LEU B 88 32.32 48.74 -29.65
N VAL B 89 32.43 48.91 -28.34
CA VAL B 89 32.30 50.22 -27.73
C VAL B 89 33.74 50.70 -27.69
N VAL B 90 34.60 49.80 -27.20
CA VAL B 90 36.03 50.01 -27.18
C VAL B 90 36.55 50.09 -28.61
N GLY B 91 35.98 49.26 -29.48
CA GLY B 91 36.41 49.17 -30.86
C GLY B 91 37.14 47.87 -31.11
N ALA B 92 37.03 46.94 -30.17
CA ALA B 92 37.71 45.65 -30.25
C ALA B 92 37.27 44.87 -31.48
N VAL B 93 36.07 45.17 -31.97
CA VAL B 93 35.57 44.56 -33.20
C VAL B 93 34.77 45.58 -34.01
N SER B 94 34.64 45.35 -35.32
CA SER B 94 33.91 46.26 -36.20
C SER B 94 32.43 45.92 -36.20
N LEU B 95 31.62 46.81 -36.77
CA LEU B 95 30.23 46.48 -37.05
C LEU B 95 30.18 45.43 -38.15
N ARG B 96 31.21 45.42 -39.00
CA ARG B 96 31.30 44.45 -40.06
C ARG B 96 31.43 43.06 -39.47
N GLU B 97 32.42 42.88 -38.60
CA GLU B 97 32.63 41.62 -37.91
C GLU B 97 31.38 41.20 -37.17
N ALA B 98 30.67 42.18 -36.61
CA ALA B 98 29.43 41.94 -35.90
C ALA B 98 28.34 41.47 -36.86
N TRP B 99 28.03 42.32 -37.85
CA TRP B 99 27.03 42.02 -38.86
C TRP B 99 27.35 40.70 -39.56
N ALA B 100 28.60 40.29 -39.52
CA ALA B 100 29.01 39.04 -40.12
C ALA B 100 28.45 37.87 -39.32
N LEU B 101 28.43 38.01 -38.00
CA LEU B 101 27.91 36.95 -37.13
C LEU B 101 26.40 36.94 -37.13
N VAL B 102 25.79 38.10 -37.31
CA VAL B 102 24.35 38.18 -37.50
C VAL B 102 23.96 37.34 -38.71
N ALA B 103 24.60 37.62 -39.83
CA ALA B 103 24.34 36.87 -41.05
C ALA B 103 24.68 35.40 -40.84
N ALA B 104 25.84 35.15 -40.24
CA ALA B 104 26.31 33.78 -40.03
C ALA B 104 25.34 32.97 -39.18
N GLY B 105 24.94 33.54 -38.05
CA GLY B 105 24.02 32.88 -37.13
C GLY B 105 22.67 32.63 -37.78
N SER B 106 22.13 33.68 -38.40
CA SER B 106 20.85 33.59 -39.08
C SER B 106 20.88 32.45 -40.08
N ALA B 107 22.01 32.28 -40.74
CA ALA B 107 22.16 31.26 -41.77
C ALA B 107 22.19 29.86 -41.15
N ILE B 108 23.09 29.64 -40.19
CA ILE B 108 23.25 28.31 -39.58
C ILE B 108 22.00 27.94 -38.79
N TYR B 109 21.11 28.91 -38.61
CA TYR B 109 19.79 28.64 -38.06
C TYR B 109 18.89 28.18 -39.19
N PHE B 110 18.72 29.03 -40.20
CA PHE B 110 17.95 28.70 -41.39
C PHE B 110 18.39 27.36 -41.99
N ALA B 111 19.70 27.12 -41.95
CA ALA B 111 20.27 25.89 -42.47
C ALA B 111 19.72 24.69 -41.72
N SER B 112 19.93 24.67 -40.40
CA SER B 112 19.49 23.57 -39.56
C SER B 112 17.96 23.43 -39.59
N ALA B 113 17.27 24.55 -39.71
CA ALA B 113 15.81 24.56 -39.76
C ALA B 113 15.29 23.87 -41.02
N ALA B 114 16.11 23.90 -42.08
CA ALA B 114 15.75 23.35 -43.39
C ALA B 114 15.94 21.84 -43.44
N LEU B 115 16.99 21.35 -42.80
CA LEU B 115 17.30 19.92 -42.78
C LEU B 115 16.41 19.17 -41.81
N LEU B 116 15.67 19.92 -40.99
CA LEU B 116 14.76 19.33 -40.03
C LEU B 116 13.41 19.03 -40.69
N ASN B 117 12.57 20.04 -40.76
CA ASN B 117 11.20 19.90 -41.26
C ASN B 117 10.87 21.05 -42.19
N THR B 118 9.65 21.04 -42.69
CA THR B 118 9.16 22.14 -43.52
C THR B 118 8.45 23.16 -42.63
N TYR B 119 7.96 22.71 -41.48
CA TYR B 119 7.32 23.59 -40.52
C TYR B 119 8.38 24.36 -39.75
N ALA B 120 9.45 23.65 -39.39
CA ALA B 120 10.60 24.26 -38.74
C ALA B 120 11.11 25.41 -39.61
N LEU B 121 11.29 25.14 -40.90
CA LEU B 121 11.75 26.15 -41.82
C LEU B 121 10.73 27.27 -41.96
N LEU B 122 9.46 26.87 -42.05
CA LEU B 122 8.36 27.82 -42.23
C LEU B 122 8.27 28.83 -41.08
N LEU B 123 8.58 28.37 -39.88
CA LEU B 123 8.45 29.21 -38.68
C LEU B 123 9.77 29.88 -38.32
N SER B 124 10.84 29.53 -39.04
CA SER B 124 12.17 30.10 -38.81
C SER B 124 12.18 31.62 -38.74
N PRO B 125 11.62 32.29 -39.77
CA PRO B 125 11.70 33.75 -39.77
C PRO B 125 10.98 34.41 -38.59
N LEU B 126 9.88 33.82 -38.14
CA LEU B 126 9.13 34.38 -37.03
C LEU B 126 9.92 34.26 -35.73
N VAL B 127 10.52 33.09 -35.52
CA VAL B 127 11.40 32.88 -34.37
C VAL B 127 12.63 33.80 -34.39
N LEU B 128 13.26 33.93 -35.56
CA LEU B 128 14.42 34.80 -35.70
C LEU B 128 14.03 36.26 -35.50
N ALA B 129 12.84 36.60 -35.97
CA ALA B 129 12.33 37.95 -35.82
C ALA B 129 12.20 38.31 -34.34
N ILE B 130 11.64 37.38 -33.56
CA ILE B 130 11.47 37.55 -32.12
C ILE B 130 12.80 37.82 -31.44
N ALA B 131 13.85 37.17 -31.92
CA ALA B 131 15.17 37.29 -31.31
C ALA B 131 15.82 38.61 -31.66
N LEU B 132 15.55 39.11 -32.87
CA LEU B 132 16.23 40.29 -33.37
C LEU B 132 15.47 41.58 -33.05
N THR B 133 14.19 41.45 -32.72
CA THR B 133 13.37 42.61 -32.39
C THR B 133 13.55 43.00 -30.93
N TYR B 134 13.98 42.05 -30.10
CA TYR B 134 14.03 42.25 -28.65
C TYR B 134 14.83 43.49 -28.22
N PRO B 135 16.02 43.70 -28.80
CA PRO B 135 16.85 44.85 -28.41
C PRO B 135 16.18 46.23 -28.62
N HIS B 136 15.03 46.26 -29.31
CA HIS B 136 14.29 47.50 -29.55
C HIS B 136 13.09 47.64 -28.62
N ALA B 137 12.75 46.56 -27.93
CA ALA B 137 11.64 46.56 -27.00
C ALA B 137 11.76 47.72 -26.00
N LYS B 138 12.95 47.87 -25.43
CA LYS B 138 13.19 48.93 -24.45
C LYS B 138 13.05 50.34 -25.00
N ARG B 139 12.86 50.45 -26.32
CA ARG B 139 12.73 51.75 -26.97
C ARG B 139 11.26 52.09 -27.23
N LEU B 140 10.41 51.06 -27.18
CA LEU B 140 8.99 51.20 -27.50
C LEU B 140 8.11 51.20 -26.27
N HIS B 141 8.43 50.33 -25.32
CA HIS B 141 7.59 50.11 -24.15
C HIS B 141 8.40 49.56 -22.99
N PRO B 142 7.84 49.59 -21.76
CA PRO B 142 8.48 48.88 -20.66
C PRO B 142 8.31 47.37 -20.85
N LEU B 143 8.55 46.61 -19.80
CA LEU B 143 8.54 45.14 -19.86
C LEU B 143 9.08 44.57 -21.18
N PRO B 144 10.35 44.89 -21.50
CA PRO B 144 11.09 44.15 -22.51
C PRO B 144 11.50 42.78 -21.98
N HIS B 145 11.32 42.61 -20.68
CA HIS B 145 11.68 41.37 -20.00
C HIS B 145 10.86 40.22 -20.54
N LEU B 146 9.61 40.50 -20.88
CA LEU B 146 8.74 39.50 -21.48
C LEU B 146 9.26 39.11 -22.86
N HIS B 147 9.53 40.14 -23.65
CA HIS B 147 10.11 39.96 -24.98
C HIS B 147 11.31 39.05 -24.87
N LEU B 148 12.19 39.36 -23.93
CA LEU B 148 13.39 38.57 -23.68
C LEU B 148 13.07 37.12 -23.38
N GLY B 149 11.98 36.88 -22.64
CA GLY B 149 11.67 35.53 -22.21
C GLY B 149 11.03 34.69 -23.29
N ILE B 150 10.17 35.32 -24.08
CA ILE B 150 9.55 34.67 -25.22
C ILE B 150 10.65 34.13 -26.17
N VAL B 151 11.82 34.76 -26.15
CA VAL B 151 12.96 34.28 -26.92
C VAL B 151 13.39 32.89 -26.48
N LEU B 152 13.43 32.67 -25.17
CA LEU B 152 13.77 31.36 -24.66
C LEU B 152 12.57 30.43 -24.79
N GLY B 153 11.36 30.99 -24.75
CA GLY B 153 10.19 30.21 -25.07
C GLY B 153 10.22 29.68 -26.49
N SER B 154 10.71 30.50 -27.41
CA SER B 154 10.77 30.12 -28.81
C SER B 154 11.73 28.95 -29.00
N VAL B 155 12.62 28.74 -28.04
CA VAL B 155 13.62 27.66 -28.13
C VAL B 155 12.95 26.32 -27.90
N VAL B 156 12.20 26.23 -26.81
CA VAL B 156 11.44 25.04 -26.50
C VAL B 156 10.39 24.82 -27.59
N PHE B 157 9.73 25.90 -28.02
CA PHE B 157 8.82 25.85 -29.16
C PHE B 157 9.51 25.24 -30.40
N GLY B 158 10.71 25.73 -30.69
CA GLY B 158 11.51 25.22 -31.78
C GLY B 158 11.80 23.75 -31.57
N GLY B 159 12.14 23.39 -30.35
CA GLY B 159 12.46 22.02 -30.02
C GLY B 159 11.28 21.12 -30.29
N ALA B 160 10.08 21.62 -29.98
CA ALA B 160 8.86 20.88 -30.29
C ALA B 160 8.70 20.72 -31.80
N VAL B 161 8.62 21.83 -32.53
CA VAL B 161 8.39 21.74 -33.99
C VAL B 161 9.47 20.89 -34.64
N ALA B 162 10.67 20.93 -34.08
CA ALA B 162 11.80 20.17 -34.59
C ALA B 162 11.53 18.67 -34.54
N ALA B 163 10.56 18.27 -33.71
CA ALA B 163 10.20 16.87 -33.55
C ALA B 163 8.87 16.56 -34.23
N SER B 164 7.94 17.51 -34.15
CA SER B 164 6.61 17.33 -34.74
C SER B 164 6.53 17.81 -36.20
N GLY B 165 7.55 17.46 -36.99
CA GLY B 165 7.53 17.59 -38.44
C GLY B 165 8.01 16.27 -39.03
N ASP B 166 8.98 15.68 -38.32
CA ASP B 166 9.37 14.28 -38.49
C ASP B 166 8.99 13.49 -37.22
N GLU B 167 7.80 12.88 -37.17
CA GLU B 167 6.80 12.84 -38.26
C GLU B 167 5.54 13.62 -37.89
N ALA B 168 4.91 14.25 -38.88
CA ALA B 168 3.71 15.08 -38.63
C ALA B 168 3.00 15.44 -39.93
N SER B 169 1.84 16.07 -39.80
CA SER B 169 0.91 16.27 -40.92
C SER B 169 0.61 17.72 -41.23
N SER B 170 0.08 18.44 -40.25
CA SER B 170 -0.34 19.84 -40.45
C SER B 170 0.22 20.77 -39.38
N LEU B 171 -0.11 22.05 -39.51
CA LEU B 171 0.35 23.07 -38.57
C LEU B 171 -0.40 22.96 -37.23
N GLY B 172 -1.67 22.61 -37.31
CA GLY B 172 -2.46 22.43 -36.11
C GLY B 172 -1.79 21.44 -35.17
N GLU B 173 -1.36 20.30 -35.72
CA GLU B 173 -0.74 19.24 -34.92
C GLU B 173 0.54 19.72 -34.27
N VAL B 174 1.39 20.35 -35.06
CA VAL B 174 2.70 20.75 -34.60
C VAL B 174 2.54 21.84 -33.54
N LEU B 175 1.49 22.65 -33.68
CA LEU B 175 1.18 23.63 -32.63
C LEU B 175 0.62 22.92 -31.41
N ARG B 176 -0.22 21.92 -31.63
CA ARG B 176 -0.73 21.07 -30.55
C ARG B 176 0.42 20.29 -29.91
N SER B 177 1.49 20.12 -30.67
CA SER B 177 2.66 19.38 -30.21
C SER B 177 3.45 20.11 -29.13
N VAL B 178 3.28 21.42 -29.05
CA VAL B 178 4.10 22.24 -28.15
C VAL B 178 3.62 22.16 -26.70
N PRO B 179 4.56 21.98 -25.76
CA PRO B 179 4.23 22.05 -24.33
C PRO B 179 4.19 23.49 -23.80
N TRP B 180 3.08 24.18 -24.03
CA TRP B 180 2.99 25.62 -23.78
C TRP B 180 3.16 26.04 -22.32
N LEU B 181 3.02 25.09 -21.39
CA LEU B 181 3.22 25.41 -19.99
C LEU B 181 4.68 25.77 -19.78
N TYR B 182 5.57 24.95 -20.34
CA TYR B 182 7.00 25.18 -20.18
C TYR B 182 7.47 26.34 -21.05
N VAL B 183 6.73 26.61 -22.12
CA VAL B 183 6.96 27.81 -22.91
C VAL B 183 6.77 29.03 -22.00
N ALA B 184 5.59 29.10 -21.39
CA ALA B 184 5.23 30.23 -20.53
C ALA B 184 6.01 30.22 -19.22
N ALA B 185 6.30 29.04 -18.71
CA ALA B 185 7.05 28.91 -17.45
C ALA B 185 8.47 29.47 -17.60
N VAL B 186 9.16 29.00 -18.63
CA VAL B 186 10.53 29.43 -18.90
C VAL B 186 10.58 30.92 -19.21
N SER B 187 9.59 31.40 -19.96
CA SER B 187 9.50 32.82 -20.30
C SER B 187 9.41 33.69 -19.05
N LEU B 188 8.50 33.33 -18.14
CA LEU B 188 8.27 34.10 -16.94
C LEU B 188 9.47 34.02 -16.01
N TRP B 189 10.23 32.94 -16.11
CA TRP B 189 11.38 32.75 -15.25
C TRP B 189 12.47 33.78 -15.58
N VAL B 190 12.76 33.93 -16.87
CA VAL B 190 13.82 34.86 -17.30
C VAL B 190 13.32 36.30 -17.26
N ALA B 191 12.04 36.48 -17.58
CA ALA B 191 11.41 37.78 -17.43
C ALA B 191 11.56 38.26 -15.99
N GLY B 192 11.59 37.30 -15.07
CA GLY B 192 11.67 37.62 -13.66
C GLY B 192 13.05 38.07 -13.22
N PHE B 193 14.10 37.40 -13.69
CA PHE B 193 15.43 37.76 -13.22
C PHE B 193 16.04 38.84 -14.10
N ASP B 194 15.49 39.02 -15.30
CA ASP B 194 15.89 40.17 -16.10
C ASP B 194 15.34 41.42 -15.45
N THR B 195 14.14 41.29 -14.88
CA THR B 195 13.54 42.37 -14.10
C THR B 195 14.43 42.73 -12.89
N ILE B 196 14.94 41.71 -12.22
CA ILE B 196 15.82 41.90 -11.08
C ILE B 196 17.14 42.47 -11.57
N TYR B 197 17.53 42.07 -12.76
CA TYR B 197 18.83 42.48 -13.31
C TYR B 197 18.78 43.92 -13.77
N SER B 198 17.58 44.42 -14.06
CA SER B 198 17.41 45.76 -14.59
C SER B 198 17.37 46.81 -13.48
N ILE B 199 17.50 46.37 -12.23
CA ILE B 199 17.47 47.28 -11.09
C ILE B 199 18.69 48.19 -11.14
N MET B 200 19.82 47.63 -11.56
CA MET B 200 21.09 48.36 -11.53
C MET B 200 21.14 49.44 -12.59
N ASP B 201 20.19 49.41 -13.53
CA ASP B 201 20.15 50.36 -14.64
C ASP B 201 18.93 51.28 -14.57
N ILE B 202 18.30 51.35 -13.40
CA ILE B 202 17.09 52.17 -13.22
C ILE B 202 17.42 53.61 -13.56
N ASP B 203 18.58 54.05 -13.11
CA ASP B 203 18.99 55.43 -13.29
C ASP B 203 19.21 55.70 -14.76
N PHE B 204 20.08 54.91 -15.39
CA PHE B 204 20.44 55.10 -16.79
C PHE B 204 19.26 54.93 -17.74
N ASP B 205 18.40 53.94 -17.47
CA ASP B 205 17.26 53.68 -18.35
C ASP B 205 16.25 54.82 -18.26
N ARG B 206 16.10 55.39 -17.08
CA ARG B 206 15.41 56.66 -16.93
C ARG B 206 16.28 57.73 -17.53
N SER B 207 15.72 58.90 -17.79
CA SER B 207 16.48 60.00 -18.39
C SER B 207 16.78 59.74 -19.87
N HIS B 208 17.40 58.59 -20.16
CA HIS B 208 17.71 58.21 -21.52
C HIS B 208 16.50 57.59 -22.23
N GLY B 209 15.37 57.52 -21.53
CA GLY B 209 14.12 57.14 -22.15
C GLY B 209 14.00 55.67 -22.49
N LEU B 210 14.82 54.84 -21.85
CA LEU B 210 14.77 53.40 -22.05
C LEU B 210 13.74 52.74 -21.14
N GLY B 211 13.01 51.79 -21.69
CA GLY B 211 11.93 51.12 -20.97
C GLY B 211 12.40 49.99 -20.07
N SER B 212 11.94 50.04 -18.82
CA SER B 212 12.24 49.01 -17.83
C SER B 212 11.07 48.98 -16.87
N ILE B 213 10.78 47.81 -16.29
CA ILE B 213 9.76 47.73 -15.27
C ILE B 213 10.29 48.26 -13.91
N PRO B 214 11.60 48.06 -13.60
CA PRO B 214 12.07 48.74 -12.39
C PRO B 214 12.19 50.26 -12.56
N ALA B 215 12.38 50.74 -13.78
CA ALA B 215 12.42 52.18 -14.03
C ALA B 215 11.03 52.78 -13.90
N LEU B 216 10.02 51.92 -13.99
CA LEU B 216 8.63 52.33 -13.91
C LEU B 216 8.08 52.26 -12.50
N LEU B 217 8.61 51.35 -11.68
CA LEU B 217 8.06 51.06 -10.35
C LEU B 217 9.09 51.15 -9.22
N GLY B 218 10.35 51.39 -9.57
CA GLY B 218 11.43 51.44 -8.59
C GLY B 218 11.78 50.03 -8.14
N PRO B 219 12.90 49.90 -7.39
CA PRO B 219 13.34 48.60 -6.87
C PRO B 219 12.21 47.82 -6.13
N LYS B 220 11.78 48.30 -4.97
CA LYS B 220 10.61 47.73 -4.34
C LYS B 220 9.43 48.02 -5.25
N GLY B 221 8.96 46.99 -5.95
CA GLY B 221 7.94 47.14 -6.95
C GLY B 221 8.37 46.34 -8.16
N ALA B 222 9.66 46.41 -8.44
CA ALA B 222 10.29 45.51 -9.38
C ALA B 222 10.41 44.15 -8.72
N LEU B 223 10.97 44.12 -7.51
CA LEU B 223 11.06 42.90 -6.74
C LEU B 223 9.68 42.24 -6.65
N ALA B 224 8.66 43.06 -6.47
CA ALA B 224 7.30 42.57 -6.36
C ALA B 224 6.87 41.91 -7.68
N ALA B 225 6.94 42.67 -8.77
CA ALA B 225 6.57 42.16 -10.08
C ALA B 225 7.45 40.96 -10.44
N SER B 226 8.70 41.01 -10.00
CA SER B 226 9.63 39.91 -10.18
C SER B 226 9.08 38.67 -9.49
N LEU B 227 8.62 38.86 -8.26
CA LEU B 227 8.08 37.79 -7.44
C LEU B 227 6.81 37.21 -8.03
N ALA B 228 5.96 38.08 -8.58
CA ALA B 228 4.72 37.65 -9.21
C ALA B 228 5.03 36.75 -10.40
N MET B 229 5.97 37.18 -11.23
CA MET B 229 6.40 36.42 -12.39
C MET B 229 6.90 35.04 -11.94
N HIS B 230 7.92 35.07 -11.08
CA HIS B 230 8.57 33.85 -10.63
C HIS B 230 7.63 32.94 -9.86
N ALA B 231 6.57 33.50 -9.29
CA ALA B 231 5.55 32.68 -8.64
C ALA B 231 4.81 31.87 -9.70
N ALA B 232 4.22 32.60 -10.66
CA ALA B 232 3.49 31.98 -11.76
C ALA B 232 4.36 31.00 -12.54
N ALA B 233 5.68 31.19 -12.48
CA ALA B 233 6.62 30.31 -13.15
C ALA B 233 6.63 28.94 -12.48
N VAL B 234 6.82 28.95 -11.16
CA VAL B 234 6.87 27.72 -10.37
C VAL B 234 5.52 27.02 -10.44
N ALA B 235 4.45 27.82 -10.50
CA ALA B 235 3.11 27.27 -10.67
C ALA B 235 3.05 26.39 -11.91
N LEU B 236 3.53 26.91 -13.03
CA LEU B 236 3.44 26.22 -14.29
C LEU B 236 4.40 25.03 -14.34
N PHE B 237 5.62 25.20 -13.83
CA PHE B 237 6.58 24.09 -13.77
C PHE B 237 6.00 22.91 -13.01
N ILE B 238 5.18 23.21 -12.01
CA ILE B 238 4.53 22.19 -11.20
C ILE B 238 3.37 21.59 -11.97
N ALA B 239 2.51 22.46 -12.50
CA ALA B 239 1.32 22.03 -13.21
C ALA B 239 1.70 21.12 -14.38
N GLY B 240 2.93 21.27 -14.86
CA GLY B 240 3.41 20.49 -15.99
C GLY B 240 3.62 19.04 -15.62
N VAL B 241 3.79 18.78 -14.33
CA VAL B 241 3.95 17.41 -13.85
C VAL B 241 2.66 16.61 -14.02
N GLU B 242 1.57 17.09 -13.41
CA GLU B 242 0.28 16.41 -13.52
C GLU B 242 -0.14 16.34 -14.98
N ALA B 243 0.09 17.43 -15.71
CA ALA B 243 -0.39 17.54 -17.09
C ALA B 243 0.40 16.64 -18.03
N TYR B 244 1.70 16.91 -18.17
CA TYR B 244 2.53 16.17 -19.12
C TYR B 244 3.08 14.89 -18.50
N GLY B 245 2.36 14.34 -17.53
CA GLY B 245 2.72 13.06 -16.93
C GLY B 245 3.98 13.12 -16.10
N LEU B 246 5.13 13.16 -16.76
CA LEU B 246 6.43 13.23 -16.09
C LEU B 246 6.63 12.06 -15.14
N GLY B 247 7.82 11.99 -14.53
CA GLY B 247 8.17 10.88 -13.67
C GLY B 247 9.03 11.31 -12.52
N ALA B 248 9.73 10.35 -11.93
CA ALA B 248 10.50 10.59 -10.72
C ALA B 248 11.55 11.67 -10.93
N ILE B 249 12.53 11.36 -11.77
CA ILE B 249 13.66 12.25 -11.99
C ILE B 249 13.18 13.62 -12.45
N ALA B 250 12.18 13.64 -13.32
CA ALA B 250 11.64 14.90 -13.84
C ALA B 250 10.99 15.70 -12.72
N THR B 251 10.26 15.01 -11.84
CA THR B 251 9.57 15.67 -10.74
C THR B 251 10.58 16.18 -9.72
N VAL B 252 11.65 15.41 -9.53
CA VAL B 252 12.74 15.86 -8.68
C VAL B 252 13.37 17.14 -9.25
N SER B 253 13.62 17.13 -10.56
CA SER B 253 14.20 18.27 -11.23
C SER B 253 13.26 19.47 -11.12
N THR B 254 11.98 19.22 -11.41
CA THR B 254 10.94 20.25 -11.32
C THR B 254 10.97 20.93 -9.93
N ALA B 255 11.27 20.14 -8.91
CA ALA B 255 11.31 20.66 -7.54
C ALA B 255 12.57 21.47 -7.31
N LEU B 256 13.69 20.99 -7.84
CA LEU B 256 14.96 21.67 -7.68
C LEU B 256 14.97 23.03 -8.37
N THR B 257 14.43 23.08 -9.58
CA THR B 257 14.38 24.35 -10.30
C THR B 257 13.47 25.30 -9.53
N ALA B 258 12.35 24.76 -9.05
CA ALA B 258 11.41 25.55 -8.25
C ALA B 258 12.13 26.04 -7.00
N LEU B 259 13.07 25.23 -6.51
CA LEU B 259 13.85 25.57 -5.33
C LEU B 259 14.77 26.75 -5.60
N VAL B 260 15.51 26.68 -6.70
CA VAL B 260 16.45 27.72 -7.08
C VAL B 260 15.74 29.06 -7.28
N ILE B 261 14.65 29.03 -8.05
CA ILE B 261 13.85 30.22 -8.34
C ILE B 261 13.46 30.97 -7.06
N ILE B 262 13.41 30.25 -5.96
CA ILE B 262 13.08 30.86 -4.68
C ILE B 262 14.29 31.56 -4.08
N LEU B 263 15.49 31.02 -4.29
CA LEU B 263 16.68 31.66 -3.77
C LEU B 263 17.01 32.95 -4.52
N VAL B 264 16.82 32.93 -5.83
CA VAL B 264 17.12 34.12 -6.63
C VAL B 264 16.20 35.24 -6.15
N GLN B 265 14.96 34.89 -5.83
CA GLN B 265 14.04 35.82 -5.21
C GLN B 265 14.56 36.22 -3.84
N ALA B 266 14.84 35.21 -3.02
CA ALA B 266 15.31 35.41 -1.65
C ALA B 266 16.54 36.31 -1.61
N MET B 267 17.58 35.91 -2.33
CA MET B 267 18.83 36.65 -2.36
C MET B 267 18.64 38.07 -2.90
N ALA B 268 17.66 38.24 -3.79
CA ALA B 268 17.40 39.53 -4.42
C ALA B 268 16.64 40.48 -3.47
N TRP B 269 15.71 39.93 -2.71
CA TRP B 269 15.01 40.73 -1.71
C TRP B 269 15.95 41.09 -0.56
N LEU B 270 17.02 40.33 -0.41
CA LEU B 270 18.08 40.64 0.54
C LEU B 270 19.13 41.53 -0.13
N GLY B 271 18.70 42.41 -1.03
CA GLY B 271 19.63 43.17 -1.86
C GLY B 271 20.41 42.16 -2.66
N ARG B 272 21.73 42.10 -2.44
CA ARG B 272 22.58 41.00 -2.88
C ARG B 272 22.13 40.33 -4.20
N VAL B 273 22.08 41.12 -5.26
CA VAL B 273 21.43 40.73 -6.52
C VAL B 273 22.34 40.06 -7.54
N LYS B 274 23.65 40.27 -7.42
CA LYS B 274 24.58 39.71 -8.40
C LYS B 274 24.63 38.20 -8.28
N GLU B 275 24.72 37.71 -7.05
CA GLU B 275 24.74 36.28 -6.82
C GLU B 275 23.35 35.70 -7.09
N SER B 276 22.32 36.51 -6.92
CA SER B 276 20.95 36.10 -7.23
C SER B 276 20.82 35.83 -8.73
N PHE B 277 21.26 36.79 -9.52
CA PHE B 277 21.25 36.65 -10.97
C PHE B 277 22.13 35.48 -11.38
N ASN B 278 23.35 35.45 -10.86
CA ASN B 278 24.32 34.42 -11.19
C ASN B 278 23.79 33.02 -10.83
N LEU B 279 22.84 32.96 -9.90
CA LEU B 279 22.32 31.68 -9.41
C LEU B 279 21.49 30.95 -10.43
N ASN B 280 20.90 31.68 -11.36
CA ASN B 280 19.94 31.12 -12.31
C ASN B 280 20.56 30.07 -13.26
N LEU B 281 21.89 29.92 -13.24
CA LEU B 281 22.56 28.96 -14.12
C LEU B 281 22.35 27.52 -13.65
N ALA B 282 21.74 27.36 -12.49
CA ALA B 282 21.46 26.04 -11.96
C ALA B 282 20.34 25.39 -12.78
N VAL B 283 19.38 26.21 -13.19
CA VAL B 283 18.16 25.70 -13.81
C VAL B 283 18.47 24.91 -15.09
N PRO B 284 19.27 25.49 -16.02
CA PRO B 284 19.68 24.70 -17.19
C PRO B 284 20.41 23.42 -16.80
N ILE B 285 21.34 23.52 -15.84
CA ILE B 285 22.16 22.40 -15.42
C ILE B 285 21.31 21.31 -14.80
N ILE B 286 20.38 21.71 -13.95
CA ILE B 286 19.46 20.78 -13.30
C ILE B 286 18.64 20.07 -14.36
N ILE B 287 18.06 20.85 -15.27
CA ILE B 287 17.25 20.29 -16.34
C ILE B 287 18.08 19.36 -17.21
N GLY B 288 19.23 19.85 -17.66
CA GLY B 288 20.10 19.09 -18.54
C GLY B 288 20.53 17.78 -17.91
N ALA B 289 21.00 17.86 -16.66
CA ALA B 289 21.39 16.67 -15.92
C ALA B 289 20.20 15.74 -15.75
N GLY B 290 19.04 16.32 -15.47
CA GLY B 290 17.82 15.55 -15.28
C GLY B 290 17.46 14.71 -16.51
N ILE B 291 17.67 15.29 -17.68
CA ILE B 291 17.42 14.58 -18.94
C ILE B 291 18.42 13.45 -19.11
N ILE B 292 19.69 13.75 -18.89
CA ILE B 292 20.76 12.79 -19.09
C ILE B 292 20.60 11.56 -18.21
N VAL B 293 20.16 11.77 -16.97
CA VAL B 293 19.96 10.69 -16.02
C VAL B 293 18.71 9.90 -16.38
N ASP B 294 17.69 10.59 -16.87
CA ASP B 294 16.43 9.94 -17.25
C ASP B 294 16.62 8.97 -18.42
N MET B 295 17.50 9.34 -19.35
CA MET B 295 17.80 8.48 -20.49
C MET B 295 18.47 7.20 -20.04
N LEU B 296 19.30 7.31 -18.99
CA LEU B 296 19.99 6.15 -18.43
C LEU B 296 19.18 5.49 -17.32
N LEU C 22 4.17 13.92 27.16
CA LEU C 22 5.51 14.52 27.17
C LEU C 22 5.48 15.82 26.37
N VAL C 23 6.28 16.80 26.80
CA VAL C 23 6.42 18.07 26.08
C VAL C 23 7.87 18.53 26.04
N ARG C 24 8.32 18.96 24.87
CA ARG C 24 9.67 19.50 24.72
C ARG C 24 9.59 21.02 24.67
N ILE C 25 10.26 21.69 25.61
CA ILE C 25 10.11 23.12 25.81
C ILE C 25 10.74 23.92 24.67
N GLU C 26 11.86 23.43 24.17
CA GLU C 26 12.61 24.11 23.11
C GLU C 26 11.71 24.59 21.95
N HIS C 27 10.76 23.74 21.54
CA HIS C 27 9.85 24.07 20.44
C HIS C 27 9.20 25.44 20.61
N THR C 28 8.95 25.82 21.86
CA THR C 28 8.26 27.08 22.15
C THR C 28 9.02 28.28 21.56
N ILE C 29 10.31 28.12 21.33
CA ILE C 29 11.12 29.18 20.72
C ILE C 29 10.48 29.64 19.42
N PHE C 30 9.88 28.69 18.69
CA PHE C 30 9.34 28.99 17.37
C PHE C 30 7.97 29.65 17.45
N SER C 31 7.48 29.86 18.67
CA SER C 31 6.16 30.45 18.89
C SER C 31 6.30 31.88 19.41
N LEU C 32 7.45 32.19 20.00
CA LEU C 32 7.68 33.49 20.63
C LEU C 32 7.56 34.68 19.68
N PRO C 33 8.16 34.58 18.48
CA PRO C 33 8.13 35.71 17.55
C PRO C 33 6.73 36.27 17.30
N PHE C 34 5.76 35.38 17.15
CA PHE C 34 4.40 35.80 16.81
C PHE C 34 3.77 36.60 17.92
N ALA C 35 4.23 36.38 19.14
CA ALA C 35 3.78 37.16 20.29
C ALA C 35 4.39 38.57 20.25
N TYR C 36 5.71 38.64 20.10
CA TYR C 36 6.41 39.91 20.07
C TYR C 36 5.96 40.74 18.88
N VAL C 37 5.57 40.09 17.81
CA VAL C 37 5.02 40.78 16.64
C VAL C 37 3.76 41.55 17.05
N GLY C 38 2.85 40.89 17.76
CA GLY C 38 1.61 41.52 18.18
C GLY C 38 1.83 42.59 19.23
N ALA C 39 2.95 42.51 19.95
CA ALA C 39 3.31 43.50 20.96
C ALA C 39 3.89 44.74 20.32
N LEU C 40 4.59 44.54 19.21
CA LEU C 40 5.19 45.64 18.47
C LEU C 40 4.15 46.32 17.57
N LEU C 41 3.49 45.53 16.74
CA LEU C 41 2.47 46.07 15.85
C LEU C 41 1.29 46.68 16.61
N SER C 42 1.27 46.46 17.92
CA SER C 42 0.47 47.28 18.82
C SER C 42 1.35 48.41 19.31
N ARG C 43 1.05 49.62 18.86
CA ARG C 43 1.96 50.75 19.04
C ARG C 43 2.24 51.10 20.51
N TYR C 44 1.60 50.40 21.44
CA TYR C 44 1.86 50.61 22.87
C TYR C 44 3.25 50.09 23.24
N PRO C 45 3.79 50.57 24.37
CA PRO C 45 5.12 50.15 24.84
C PRO C 45 5.07 49.05 25.90
N PHE C 46 6.23 48.43 26.13
CA PHE C 46 6.34 47.37 27.12
C PHE C 46 7.78 47.25 27.59
N THR C 47 7.97 46.58 28.72
CA THR C 47 9.28 46.48 29.36
C THR C 47 9.89 45.12 29.15
N LEU C 48 11.17 45.00 29.50
CA LEU C 48 11.86 43.72 29.44
C LEU C 48 11.15 42.72 30.35
N ALA C 49 10.61 43.22 31.46
CA ALA C 49 9.85 42.37 32.37
C ALA C 49 8.64 41.82 31.64
N ASP C 50 7.86 42.73 31.06
CA ASP C 50 6.67 42.37 30.30
C ASP C 50 7.02 41.33 29.23
N ALA C 51 8.18 41.49 28.61
CA ALA C 51 8.60 40.65 27.50
C ALA C 51 8.93 39.23 27.96
N ILE C 52 9.43 39.11 29.18
CA ILE C 52 9.73 37.81 29.75
C ILE C 52 8.44 37.07 30.08
N LEU C 53 7.49 37.81 30.65
CA LEU C 53 6.18 37.25 30.98
C LEU C 53 5.45 36.77 29.73
N MET C 54 5.63 37.49 28.63
CA MET C 54 5.10 37.07 27.33
C MET C 54 5.60 35.67 27.03
N ALA C 55 6.92 35.51 27.08
CA ALA C 55 7.57 34.22 26.80
C ALA C 55 7.03 33.14 27.72
N ALA C 56 7.03 33.44 29.01
CA ALA C 56 6.50 32.53 30.02
C ALA C 56 5.09 32.06 29.66
N ALA C 57 4.21 33.02 29.39
CA ALA C 57 2.82 32.73 29.02
C ALA C 57 2.75 31.76 27.82
N VAL C 58 3.60 31.99 26.84
CA VAL C 58 3.65 31.13 25.66
C VAL C 58 4.09 29.75 26.10
N VAL C 59 5.19 29.67 26.85
CA VAL C 59 5.70 28.40 27.35
C VAL C 59 4.61 27.61 28.07
N GLY C 60 3.89 28.29 28.96
CA GLY C 60 2.80 27.66 29.67
C GLY C 60 1.74 27.17 28.72
N LEU C 61 1.31 28.06 27.83
CA LEU C 61 0.22 27.74 26.92
C LEU C 61 0.57 26.52 26.06
N ARG C 62 1.79 26.52 25.52
CA ARG C 62 2.24 25.41 24.69
C ARG C 62 2.37 24.15 25.54
N MET C 63 2.90 24.29 26.75
CA MET C 63 3.01 23.15 27.66
C MET C 63 1.66 22.49 27.87
N ALA C 64 0.68 23.30 28.28
CA ALA C 64 -0.67 22.81 28.52
C ALA C 64 -1.28 22.19 27.27
N GLY C 65 -1.15 22.89 26.14
CA GLY C 65 -1.70 22.41 24.89
C GLY C 65 -1.10 21.09 24.48
N MET C 66 0.22 21.05 24.34
CA MET C 66 0.93 19.83 23.95
C MET C 66 0.56 18.68 24.87
N ALA C 67 0.56 18.97 26.18
CA ALA C 67 0.15 17.98 27.16
C ALA C 67 -1.24 17.44 26.84
N TYR C 68 -2.25 18.31 26.92
CA TYR C 68 -3.64 17.87 26.80
C TYR C 68 -3.92 17.24 25.44
N ASN C 69 -3.15 17.65 24.43
CA ASN C 69 -3.28 17.07 23.11
C ASN C 69 -3.02 15.57 23.16
N ASN C 70 -1.90 15.20 23.79
CA ASN C 70 -1.54 13.81 23.94
C ASN C 70 -2.57 12.99 24.72
N ILE C 71 -3.37 13.68 25.53
CA ILE C 71 -4.41 13.05 26.32
C ILE C 71 -5.66 12.83 25.51
N ALA C 72 -6.23 13.93 25.00
CA ALA C 72 -7.53 13.89 24.35
C ALA C 72 -7.52 12.99 23.10
N ASP C 73 -6.36 12.87 22.48
CA ASP C 73 -6.22 12.07 21.26
C ASP C 73 -5.67 10.68 21.56
N LEU C 74 -5.53 10.35 22.84
CA LEU C 74 -4.95 9.08 23.26
C LEU C 74 -5.66 7.86 22.66
N ASP C 75 -6.98 7.80 22.83
CA ASP C 75 -7.76 6.63 22.40
C ASP C 75 -7.51 6.30 20.92
N ILE C 76 -7.31 7.34 20.11
CA ILE C 76 -7.11 7.17 18.67
C ILE C 76 -5.62 7.24 18.30
N ASP C 77 -4.82 7.83 19.18
CA ASP C 77 -3.37 7.83 18.97
C ASP C 77 -2.82 6.42 19.15
N ARG C 78 -3.60 5.56 19.80
CA ARG C 78 -3.18 4.19 19.98
C ARG C 78 -3.45 3.35 18.73
N LEU C 79 -4.46 3.74 17.96
CA LEU C 79 -4.92 3.00 16.79
C LEU C 79 -4.11 3.35 15.56
N ASN C 80 -3.86 4.65 15.38
CA ASN C 80 -3.14 5.15 14.23
C ASN C 80 -1.72 4.58 14.25
N PRO C 81 -1.20 4.17 13.08
CA PRO C 81 0.14 3.59 13.03
C PRO C 81 1.25 4.61 13.30
N ARG C 82 1.03 5.84 12.84
CA ARG C 82 2.03 6.90 12.97
C ARG C 82 2.26 7.30 14.42
N THR C 83 1.20 7.21 15.22
CA THR C 83 1.23 7.68 16.60
C THR C 83 1.40 6.52 17.58
N ALA C 84 1.68 5.32 17.08
CA ALA C 84 1.93 4.17 17.94
C ALA C 84 3.23 4.36 18.71
N LYS C 85 4.08 5.26 18.22
CA LYS C 85 5.38 5.51 18.82
C LYS C 85 5.33 6.69 19.79
N ARG C 86 4.22 7.43 19.78
CA ARG C 86 4.06 8.57 20.68
C ARG C 86 4.10 8.10 22.13
N PRO C 87 4.51 8.99 23.06
CA PRO C 87 4.58 8.62 24.48
C PRO C 87 3.19 8.38 25.06
N LEU C 88 3.13 7.77 26.24
CA LEU C 88 1.88 7.36 26.90
C LEU C 88 0.89 6.59 26.01
N VAL C 89 1.32 6.23 24.81
CA VAL C 89 0.69 5.16 24.04
C VAL C 89 1.49 3.96 24.42
N VAL C 90 2.81 4.14 24.34
CA VAL C 90 3.78 3.15 24.80
C VAL C 90 3.65 2.94 26.30
N GLY C 91 3.40 4.04 27.02
CA GLY C 91 3.31 4.02 28.47
C GLY C 91 4.53 4.67 29.09
N ALA C 92 5.29 5.38 28.27
CA ALA C 92 6.53 6.04 28.72
C ALA C 92 6.23 7.06 29.81
N VAL C 93 5.00 7.56 29.84
CA VAL C 93 4.55 8.48 30.89
C VAL C 93 3.10 8.20 31.26
N SER C 94 2.71 8.62 32.46
CA SER C 94 1.34 8.39 32.94
C SER C 94 0.43 9.50 32.48
N LEU C 95 -0.87 9.31 32.65
CA LEU C 95 -1.81 10.42 32.49
C LEU C 95 -1.61 11.42 33.62
N ARG C 96 -1.13 10.92 34.75
CA ARG C 96 -0.86 11.77 35.89
C ARG C 96 0.24 12.77 35.52
N GLU C 97 1.38 12.24 35.07
CA GLU C 97 2.49 13.08 34.64
C GLU C 97 2.04 14.06 33.57
N ALA C 98 1.11 13.61 32.73
CA ALA C 98 0.57 14.44 31.65
C ALA C 98 -0.30 15.54 32.23
N TRP C 99 -1.34 15.13 32.97
CA TRP C 99 -2.25 16.06 33.61
C TRP C 99 -1.51 17.03 34.53
N ALA C 100 -0.31 16.64 34.95
CA ALA C 100 0.52 17.49 35.79
C ALA C 100 1.03 18.68 34.98
N LEU C 101 1.37 18.43 33.71
CA LEU C 101 1.89 19.48 32.84
C LEU C 101 0.77 20.37 32.33
N VAL C 102 -0.42 19.79 32.17
CA VAL C 102 -1.61 20.57 31.86
C VAL C 102 -1.81 21.62 32.95
N ALA C 103 -1.88 21.15 34.19
CA ALA C 103 -2.06 22.03 35.34
C ALA C 103 -0.89 23.01 35.41
N ALA C 104 0.33 22.49 35.28
CA ALA C 104 1.54 23.30 35.38
C ALA C 104 1.56 24.42 34.33
N GLY C 105 1.33 24.06 33.08
CA GLY C 105 1.32 25.01 31.99
C GLY C 105 0.24 26.05 32.17
N SER C 106 -0.98 25.59 32.46
CA SER C 106 -2.11 26.48 32.68
C SER C 106 -1.77 27.51 33.76
N ALA C 107 -1.03 27.06 34.76
CA ALA C 107 -0.68 27.90 35.89
C ALA C 107 0.34 28.95 35.46
N ILE C 108 1.46 28.51 34.88
CA ILE C 108 2.54 29.42 34.55
C ILE C 108 2.10 30.35 33.43
N TYR C 109 0.92 30.08 32.86
CA TYR C 109 0.28 31.00 31.93
C TYR C 109 -0.53 32.03 32.73
N PHE C 110 -1.49 31.54 33.51
CA PHE C 110 -2.25 32.39 34.40
C PHE C 110 -1.35 33.27 35.27
N ALA C 111 -0.21 32.71 35.67
CA ALA C 111 0.74 33.43 36.50
C ALA C 111 1.28 34.63 35.75
N SER C 112 1.88 34.38 34.59
CA SER C 112 2.47 35.44 33.79
C SER C 112 1.40 36.43 33.33
N ALA C 113 0.18 35.93 33.09
CA ALA C 113 -0.91 36.77 32.64
C ALA C 113 -1.36 37.75 33.73
N ALA C 114 -1.10 37.39 34.99
CA ALA C 114 -1.48 38.19 36.15
C ALA C 114 -0.49 39.30 36.45
N LEU C 115 0.80 39.03 36.22
CA LEU C 115 1.86 40.00 36.46
C LEU C 115 1.94 41.00 35.34
N LEU C 116 1.22 40.73 34.26
CA LEU C 116 1.20 41.63 33.12
C LEU C 116 0.16 42.72 33.31
N ASN C 117 -1.10 42.40 33.01
CA ASN C 117 -2.19 43.36 33.01
C ASN C 117 -3.39 42.73 33.64
N THR C 118 -4.47 43.50 33.73
CA THR C 118 -5.75 42.98 34.19
C THR C 118 -6.58 42.47 33.01
N TYR C 119 -6.29 42.99 31.83
CA TYR C 119 -6.96 42.52 30.61
C TYR C 119 -6.34 41.20 30.18
N ALA C 120 -5.03 41.12 30.27
CA ALA C 120 -4.30 39.89 29.98
C ALA C 120 -4.86 38.76 30.83
N LEU C 121 -5.00 39.01 32.12
CA LEU C 121 -5.55 38.03 33.04
C LEU C 121 -7.01 37.74 32.71
N LEU C 122 -7.76 38.80 32.42
CA LEU C 122 -9.18 38.68 32.11
C LEU C 122 -9.45 37.79 30.90
N LEU C 123 -8.56 37.86 29.92
CA LEU C 123 -8.72 37.12 28.67
C LEU C 123 -8.01 35.76 28.69
N SER C 124 -7.24 35.52 29.76
CA SER C 124 -6.51 34.26 29.92
C SER C 124 -7.35 33.02 29.70
N PRO C 125 -8.50 32.90 30.41
CA PRO C 125 -9.30 31.67 30.27
C PRO C 125 -9.79 31.43 28.85
N LEU C 126 -10.12 32.49 28.13
CA LEU C 126 -10.63 32.35 26.77
C LEU C 126 -9.54 31.85 25.82
N VAL C 127 -8.35 32.42 25.96
CA VAL C 127 -7.19 31.97 25.20
C VAL C 127 -6.81 30.52 25.52
N LEU C 128 -6.80 30.18 26.81
CA LEU C 128 -6.49 28.82 27.25
C LEU C 128 -7.54 27.86 26.77
N ALA C 129 -8.79 28.30 26.79
CA ALA C 129 -9.90 27.49 26.30
C ALA C 129 -9.70 27.10 24.83
N ILE C 130 -9.35 28.09 24.02
CA ILE C 130 -9.08 27.90 22.60
C ILE C 130 -8.02 26.83 22.38
N ALA C 131 -7.02 26.81 23.26
CA ALA C 131 -5.90 25.89 23.11
C ALA C 131 -6.27 24.47 23.52
N LEU C 132 -7.17 24.36 24.49
CA LEU C 132 -7.50 23.06 25.06
C LEU C 132 -8.70 22.42 24.37
N THR C 133 -9.48 23.23 23.66
CA THR C 133 -10.65 22.71 22.95
C THR C 133 -10.27 22.14 21.57
N TYR C 134 -9.12 22.57 21.05
CA TYR C 134 -8.71 22.23 19.69
C TYR C 134 -8.68 20.72 19.41
N PRO C 135 -8.09 19.92 20.32
CA PRO C 135 -8.01 18.47 20.11
C PRO C 135 -9.36 17.77 19.90
N HIS C 136 -10.46 18.48 20.18
CA HIS C 136 -11.81 17.92 20.04
C HIS C 136 -12.47 18.38 18.76
N ALA C 137 -11.88 19.38 18.11
CA ALA C 137 -12.41 19.93 16.88
C ALA C 137 -12.67 18.81 15.87
N LYS C 138 -11.68 17.93 15.71
CA LYS C 138 -11.77 16.84 14.75
C LYS C 138 -12.88 15.84 15.06
N ARG C 139 -13.51 15.99 16.21
CA ARG C 139 -14.57 15.08 16.65
C ARG C 139 -15.95 15.68 16.36
N LEU C 140 -15.97 17.00 16.12
CA LEU C 140 -17.21 17.74 15.95
C LEU C 140 -17.48 18.11 14.51
N HIS C 141 -16.42 18.51 13.82
CA HIS C 141 -16.52 19.06 12.47
C HIS C 141 -15.21 18.91 11.71
N PRO C 142 -15.25 19.09 10.38
CA PRO C 142 -14.00 19.16 9.63
C PRO C 142 -13.30 20.49 9.92
N LEU C 143 -12.32 20.87 9.09
CA LEU C 143 -11.53 22.08 9.30
C LEU C 143 -11.22 22.38 10.78
N PRO C 144 -10.59 21.41 11.48
CA PRO C 144 -9.94 21.71 12.76
C PRO C 144 -8.67 22.51 12.55
N HIS C 145 -8.27 22.63 11.29
CA HIS C 145 -7.07 23.35 10.91
C HIS C 145 -7.21 24.82 11.25
N LEU C 146 -8.42 25.35 11.13
CA LEU C 146 -8.68 26.73 11.51
C LEU C 146 -8.52 26.89 13.01
N HIS C 147 -9.18 26.00 13.74
CA HIS C 147 -9.10 25.93 15.19
C HIS C 147 -7.64 25.96 15.59
N LEU C 148 -6.84 25.11 14.97
CA LEU C 148 -5.41 25.03 15.23
C LEU C 148 -4.71 26.36 14.98
N GLY C 149 -5.13 27.10 13.97
CA GLY C 149 -4.46 28.34 13.62
C GLY C 149 -4.83 29.52 14.49
N ILE C 150 -6.09 29.60 14.87
CA ILE C 150 -6.54 30.60 15.82
C ILE C 150 -5.73 30.50 17.12
N VAL C 151 -5.23 29.31 17.44
CA VAL C 151 -4.35 29.14 18.61
C VAL C 151 -3.08 29.96 18.47
N LEU C 152 -2.50 29.97 17.28
CA LEU C 152 -1.31 30.77 17.05
C LEU C 152 -1.72 32.22 16.89
N GLY C 153 -2.93 32.46 16.39
CA GLY C 153 -3.46 33.82 16.38
C GLY C 153 -3.62 34.39 17.77
N SER C 154 -4.02 33.53 18.71
CA SER C 154 -4.22 33.96 20.08
C SER C 154 -2.90 34.36 20.72
N VAL C 155 -1.78 33.89 20.16
CA VAL C 155 -0.45 34.23 20.68
C VAL C 155 -0.10 35.69 20.36
N VAL C 156 -0.26 36.08 19.11
CA VAL C 156 -0.02 37.44 18.70
C VAL C 156 -1.06 38.34 19.41
N PHE C 157 -2.31 37.88 19.47
CA PHE C 157 -3.33 38.56 20.25
C PHE C 157 -2.90 38.81 21.70
N GLY C 158 -2.39 37.77 22.33
CA GLY C 158 -1.84 37.85 23.67
C GLY C 158 -0.71 38.85 23.72
N GLY C 159 0.15 38.80 22.73
CA GLY C 159 1.29 39.70 22.68
C GLY C 159 0.83 41.14 22.65
N ALA C 160 -0.24 41.39 21.89
CA ALA C 160 -0.85 42.71 21.86
C ALA C 160 -1.38 43.11 23.23
N VAL C 161 -2.32 42.33 23.77
CA VAL C 161 -2.92 42.70 25.07
C VAL C 161 -1.83 42.84 26.12
N ALA C 162 -0.76 42.05 25.99
CA ALA C 162 0.35 42.08 26.94
C ALA C 162 1.02 43.45 26.97
N ALA C 163 0.81 44.23 25.91
CA ALA C 163 1.39 45.56 25.80
C ALA C 163 0.35 46.65 26.02
N SER C 164 -0.88 46.41 25.54
CA SER C 164 -1.96 47.39 25.67
C SER C 164 -2.79 47.21 26.95
N GLY C 165 -2.09 47.01 28.06
CA GLY C 165 -2.65 47.05 29.41
C GLY C 165 -1.73 47.91 30.27
N ASP C 166 -0.44 47.75 30.00
CA ASP C 166 0.61 48.67 30.43
C ASP C 166 1.20 49.38 29.19
N GLU C 167 0.67 50.56 28.81
CA GLU C 167 -0.41 51.29 29.50
C GLU C 167 -1.69 51.33 28.65
N ALA C 168 -2.84 51.29 29.30
CA ALA C 168 -4.13 51.30 28.59
C ALA C 168 -5.30 51.55 29.52
N SER C 169 -6.51 51.68 28.94
CA SER C 169 -7.68 52.19 29.67
C SER C 169 -8.84 51.21 29.70
N SER C 170 -9.33 50.82 28.52
CA SER C 170 -10.50 49.97 28.42
C SER C 170 -10.28 48.77 27.49
N LEU C 171 -11.30 47.94 27.36
CA LEU C 171 -11.23 46.74 26.53
C LEU C 171 -11.27 47.10 25.04
N GLY C 172 -12.04 48.13 24.72
CA GLY C 172 -12.13 48.61 23.36
C GLY C 172 -10.76 48.91 22.83
N GLU C 173 -9.95 49.64 23.61
CA GLU C 173 -8.63 50.05 23.18
C GLU C 173 -7.71 48.87 22.94
N VAL C 174 -7.71 47.95 23.91
CA VAL C 174 -6.81 46.83 23.85
C VAL C 174 -7.21 45.93 22.69
N LEU C 175 -8.50 45.88 22.38
CA LEU C 175 -8.94 45.16 21.18
C LEU C 175 -8.54 45.92 19.93
N ARG C 176 -8.67 47.24 19.97
CA ARG C 176 -8.21 48.10 18.89
C ARG C 176 -6.70 48.01 18.75
N SER C 177 -6.04 47.61 19.84
CA SER C 177 -4.59 47.49 19.88
C SER C 177 -4.05 46.32 19.05
N VAL C 178 -4.91 45.35 18.78
CA VAL C 178 -4.47 44.12 18.11
C VAL C 178 -4.30 44.30 16.60
N PRO C 179 -3.18 43.79 16.05
CA PRO C 179 -3.00 43.78 14.60
C PRO C 179 -3.67 42.56 13.94
N TRP C 180 -4.97 42.67 13.70
CA TRP C 180 -5.77 41.53 13.29
C TRP C 180 -5.39 40.94 11.93
N LEU C 181 -4.64 41.70 11.12
CA LEU C 181 -4.21 41.16 9.83
C LEU C 181 -3.26 40.02 10.08
N TYR C 182 -2.31 40.22 10.98
CA TYR C 182 -1.32 39.20 11.29
C TYR C 182 -1.94 38.08 12.14
N VAL C 183 -3.01 38.40 12.85
CA VAL C 183 -3.78 37.38 13.54
C VAL C 183 -4.32 36.42 12.48
N ALA C 184 -5.03 36.97 11.50
CA ALA C 184 -5.67 36.16 10.47
C ALA C 184 -4.64 35.55 9.52
N ALA C 185 -3.57 36.30 9.24
CA ALA C 185 -2.52 35.84 8.35
C ALA C 185 -1.84 34.60 8.90
N VAL C 186 -1.38 34.69 10.14
CA VAL C 186 -0.70 33.58 10.80
C VAL C 186 -1.62 32.37 10.96
N SER C 187 -2.90 32.63 11.26
CA SER C 187 -3.89 31.57 11.41
C SER C 187 -4.05 30.78 10.10
N LEU C 188 -4.22 31.51 9.00
CA LEU C 188 -4.43 30.88 7.71
C LEU C 188 -3.18 30.16 7.24
N TRP C 189 -2.02 30.62 7.70
CA TRP C 189 -0.77 30.00 7.31
C TRP C 189 -0.63 28.58 7.87
N VAL C 190 -0.94 28.42 9.16
CA VAL C 190 -0.83 27.11 9.80
C VAL C 190 -2.01 26.23 9.45
N ALA C 191 -3.18 26.84 9.28
CA ALA C 191 -4.36 26.14 8.80
C ALA C 191 -4.04 25.51 7.44
N GLY C 192 -3.14 26.14 6.71
CA GLY C 192 -2.81 25.71 5.38
C GLY C 192 -1.89 24.51 5.37
N PHE C 193 -0.89 24.49 6.22
CA PHE C 193 0.07 23.39 6.19
C PHE C 193 -0.39 22.26 7.10
N ASP C 194 -1.30 22.54 8.02
CA ASP C 194 -1.93 21.47 8.79
C ASP C 194 -2.85 20.70 7.85
N THR C 195 -3.46 21.43 6.91
CA THR C 195 -4.28 20.82 5.87
C THR C 195 -3.45 19.89 4.99
N ILE C 196 -2.26 20.35 4.64
CA ILE C 196 -1.32 19.55 3.86
C ILE C 196 -0.81 18.39 4.69
N TYR C 197 -0.68 18.62 6.00
CA TYR C 197 -0.12 17.61 6.90
C TYR C 197 -1.14 16.50 7.15
N SER C 198 -2.43 16.83 6.98
CA SER C 198 -3.51 15.91 7.26
C SER C 198 -3.76 14.95 6.10
N ILE C 199 -3.02 15.12 5.01
CA ILE C 199 -3.17 14.25 3.83
C ILE C 199 -2.79 12.81 4.19
N MET C 200 -1.76 12.65 5.01
CA MET C 200 -1.23 11.34 5.33
C MET C 200 -2.17 10.55 6.23
N ASP C 201 -3.17 11.22 6.80
CA ASP C 201 -4.11 10.60 7.73
C ASP C 201 -5.53 10.57 7.15
N ILE C 202 -5.65 10.76 5.83
CA ILE C 202 -6.96 10.73 5.16
C ILE C 202 -7.66 9.41 5.43
N ASP C 203 -6.90 8.33 5.36
CA ASP C 203 -7.45 7.00 5.52
C ASP C 203 -7.92 6.79 6.95
N PHE C 204 -7.03 7.05 7.90
CA PHE C 204 -7.33 6.83 9.31
C PHE C 204 -8.43 7.76 9.82
N ASP C 205 -8.42 9.01 9.38
CA ASP C 205 -9.41 9.99 9.85
C ASP C 205 -10.79 9.63 9.33
N ARG C 206 -10.84 9.12 8.10
CA ARG C 206 -12.05 8.47 7.60
C ARG C 206 -12.20 7.17 8.34
N SER C 207 -13.39 6.57 8.29
CA SER C 207 -13.64 5.30 8.97
C SER C 207 -13.77 5.51 10.48
N HIS C 208 -12.73 6.11 11.08
CA HIS C 208 -12.74 6.40 12.51
C HIS C 208 -13.53 7.67 12.84
N GLY C 209 -14.11 8.29 11.82
CA GLY C 209 -15.03 9.39 12.03
C GLY C 209 -14.38 10.69 12.47
N LEU C 210 -13.08 10.80 12.23
CA LEU C 210 -12.34 12.03 12.53
C LEU C 210 -12.42 13.06 11.41
N GLY C 211 -12.61 14.32 11.79
CA GLY C 211 -12.79 15.40 10.83
C GLY C 211 -11.50 15.94 10.26
N SER C 212 -11.45 16.03 8.94
CA SER C 212 -10.31 16.60 8.22
C SER C 212 -10.85 17.19 6.94
N ILE C 213 -10.20 18.24 6.43
CA ILE C 213 -10.57 18.78 5.13
C ILE C 213 -10.02 17.90 3.98
N PRO C 214 -8.83 17.28 4.13
CA PRO C 214 -8.47 16.32 3.08
C PRO C 214 -9.30 15.02 3.11
N ALA C 215 -9.86 14.66 4.27
CA ALA C 215 -10.73 13.49 4.36
C ALA C 215 -12.07 13.80 3.71
N LEU C 216 -12.35 15.09 3.55
CA LEU C 216 -13.60 15.54 2.99
C LEU C 216 -13.51 15.77 1.48
N LEU C 217 -12.32 16.11 1.00
CA LEU C 217 -12.12 16.51 -0.40
C LEU C 217 -11.02 15.74 -1.12
N GLY C 218 -10.34 14.84 -0.41
CA GLY C 218 -9.25 14.09 -0.99
C GLY C 218 -8.02 14.97 -1.15
N PRO C 219 -6.86 14.37 -1.46
CA PRO C 219 -5.60 15.11 -1.64
C PRO C 219 -5.75 16.29 -2.61
N LYS C 220 -5.97 16.02 -3.89
CA LYS C 220 -6.32 17.08 -4.82
C LYS C 220 -7.68 17.63 -4.40
N GLY C 221 -7.66 18.82 -3.79
CA GLY C 221 -8.85 19.40 -3.19
C GLY C 221 -8.46 19.92 -1.83
N ALA C 222 -7.62 19.16 -1.15
CA ALA C 222 -6.94 19.63 0.05
C ALA C 222 -5.85 20.61 -0.38
N LEU C 223 -5.01 20.17 -1.32
CA LEU C 223 -3.98 21.03 -1.90
C LEU C 223 -4.60 22.33 -2.37
N ALA C 224 -5.80 22.24 -2.95
CA ALA C 224 -6.51 23.40 -3.44
C ALA C 224 -6.90 24.33 -2.30
N ALA C 225 -7.62 23.79 -1.34
CA ALA C 225 -8.04 24.57 -0.18
C ALA C 225 -6.82 25.06 0.57
N SER C 226 -5.76 24.25 0.58
CA SER C 226 -4.50 24.63 1.18
C SER C 226 -3.97 25.89 0.49
N LEU C 227 -4.03 25.87 -0.84
CA LEU C 227 -3.52 26.97 -1.66
C LEU C 227 -4.34 28.24 -1.47
N ALA C 228 -5.65 28.06 -1.32
CA ALA C 228 -6.55 29.18 -1.10
C ALA C 228 -6.20 29.87 0.22
N MET C 229 -6.03 29.07 1.26
CA MET C 229 -5.63 29.58 2.57
C MET C 229 -4.33 30.35 2.48
N HIS C 230 -3.29 29.65 2.02
CA HIS C 230 -1.95 30.22 1.92
C HIS C 230 -1.88 31.43 1.00
N ALA C 231 -2.81 31.51 0.05
CA ALA C 231 -2.90 32.68 -0.82
C ALA C 231 -3.33 33.87 0.03
N ALA C 232 -4.50 33.73 0.66
CA ALA C 232 -5.06 34.76 1.51
C ALA C 232 -4.11 35.14 2.64
N ALA C 233 -3.22 34.23 2.99
CA ALA C 233 -2.22 34.49 4.03
C ALA C 233 -1.22 35.52 3.54
N VAL C 234 -0.64 35.26 2.36
CA VAL C 234 0.38 36.13 1.78
C VAL C 234 -0.25 37.49 1.47
N ALA C 235 -1.52 37.47 1.11
CA ALA C 235 -2.26 38.70 0.85
C ALA C 235 -2.22 39.59 2.08
N LEU C 236 -2.52 39.00 3.23
CA LEU C 236 -2.62 39.75 4.47
C LEU C 236 -1.24 40.17 4.97
N PHE C 237 -0.26 39.29 4.87
CA PHE C 237 1.12 39.61 5.26
C PHE C 237 1.61 40.84 4.49
N ILE C 238 1.18 40.94 3.24
CA ILE C 238 1.53 42.06 2.39
C ILE C 238 0.74 43.30 2.78
N ALA C 239 -0.56 43.14 2.89
CA ALA C 239 -1.45 44.25 3.22
C ALA C 239 -1.05 44.90 4.54
N GLY C 240 -0.37 44.11 5.39
CA GLY C 240 0.08 44.59 6.68
C GLY C 240 1.19 45.61 6.57
N VAL C 241 1.90 45.59 5.44
CA VAL C 241 2.97 46.55 5.20
C VAL C 241 2.38 47.95 5.02
N GLU C 242 1.52 48.12 4.02
CA GLU C 242 0.89 49.41 3.79
C GLU C 242 0.14 49.88 5.01
N ALA C 243 -0.55 48.95 5.66
CA ALA C 243 -1.44 49.29 6.77
C ALA C 243 -0.64 49.67 8.02
N TYR C 244 0.13 48.72 8.55
CA TYR C 244 0.85 48.94 9.80
C TYR C 244 2.22 49.59 9.53
N GLY C 245 2.32 50.34 8.43
CA GLY C 245 3.52 51.11 8.15
C GLY C 245 4.70 50.24 7.78
N LEU C 246 5.32 49.63 8.79
CA LEU C 246 6.48 48.76 8.58
C LEU C 246 7.62 49.50 7.88
N GLY C 247 8.74 48.80 7.70
CA GLY C 247 9.93 49.41 7.17
C GLY C 247 10.71 48.43 6.33
N ALA C 248 11.98 48.75 6.11
CA ALA C 248 12.83 47.98 5.21
C ALA C 248 12.92 46.53 5.63
N ILE C 249 13.54 46.30 6.79
CA ILE C 249 13.80 44.95 7.27
C ILE C 249 12.50 44.15 7.40
N ALA C 250 11.44 44.81 7.88
CA ALA C 250 10.16 44.15 8.05
C ALA C 250 9.58 43.76 6.69
N THR C 251 9.71 44.65 5.71
CA THR C 251 9.19 44.39 4.37
C THR C 251 9.99 43.28 3.70
N VAL C 252 11.29 43.25 3.95
CA VAL C 252 12.15 42.18 3.45
C VAL C 252 11.70 40.86 4.06
N SER C 253 11.46 40.86 5.37
CA SER C 253 11.00 39.67 6.07
C SER C 253 9.65 39.24 5.52
N THR C 254 8.74 40.20 5.37
CA THR C 254 7.40 39.94 4.84
C THR C 254 7.50 39.24 3.50
N ALA C 255 8.52 39.59 2.71
CA ALA C 255 8.70 39.01 1.39
C ALA C 255 9.26 37.60 1.51
N LEU C 256 10.20 37.40 2.43
CA LEU C 256 10.81 36.10 2.63
C LEU C 256 9.81 35.07 3.13
N THR C 257 8.97 35.45 4.09
CA THR C 257 7.96 34.52 4.61
C THR C 257 6.99 34.21 3.47
N ALA C 258 6.62 35.24 2.71
CA ALA C 258 5.74 35.06 1.55
C ALA C 258 6.41 34.09 0.59
N LEU C 259 7.73 34.18 0.52
CA LEU C 259 8.52 33.31 -0.36
C LEU C 259 8.45 31.86 0.07
N VAL C 260 8.68 31.61 1.35
CA VAL C 260 8.64 30.25 1.91
C VAL C 260 7.27 29.61 1.70
N ILE C 261 6.21 30.34 2.06
CA ILE C 261 4.84 29.86 1.94
C ILE C 261 4.55 29.33 0.53
N ILE C 262 5.30 29.83 -0.44
CA ILE C 262 5.12 29.41 -1.82
C ILE C 262 5.82 28.08 -2.08
N LEU C 263 6.93 27.82 -1.38
CA LEU C 263 7.65 26.56 -1.57
C LEU C 263 6.90 25.42 -0.90
N VAL C 264 6.34 25.68 0.28
CA VAL C 264 5.62 24.64 1.00
C VAL C 264 4.45 24.21 0.11
N GLN C 265 3.84 25.18 -0.57
CA GLN C 265 2.81 24.87 -1.56
C GLN C 265 3.44 24.11 -2.71
N ALA C 266 4.50 24.68 -3.26
CA ALA C 266 5.20 24.09 -4.41
C ALA C 266 5.61 22.65 -4.14
N MET C 267 6.38 22.44 -3.08
CA MET C 267 6.87 21.12 -2.72
C MET C 267 5.72 20.16 -2.43
N ALA C 268 4.59 20.69 -1.95
CA ALA C 268 3.44 19.87 -1.60
C ALA C 268 2.65 19.43 -2.81
N TRP C 269 2.51 20.31 -3.78
CA TRP C 269 1.86 19.95 -5.03
C TRP C 269 2.73 18.98 -5.83
N LEU C 270 4.03 18.98 -5.56
CA LEU C 270 4.96 18.00 -6.13
C LEU C 270 5.01 16.75 -5.25
N GLY C 271 3.89 16.39 -4.64
CA GLY C 271 3.87 15.34 -3.63
C GLY C 271 4.77 15.79 -2.50
N ARG C 272 5.85 15.05 -2.27
CA ARG C 272 7.00 15.51 -1.46
C ARG C 272 6.62 16.45 -0.29
N VAL C 273 5.76 15.95 0.60
CA VAL C 273 5.08 16.79 1.60
C VAL C 273 5.81 16.93 2.94
N LYS C 274 6.69 15.99 3.25
CA LYS C 274 7.39 16.01 4.53
C LYS C 274 8.33 17.21 4.60
N GLU C 275 9.10 17.41 3.54
CA GLU C 275 10.01 18.54 3.47
C GLU C 275 9.22 19.83 3.33
N SER C 276 8.02 19.73 2.74
CA SER C 276 7.13 20.88 2.62
C SER C 276 6.70 21.35 4.00
N PHE C 277 6.19 20.41 4.79
CA PHE C 277 5.80 20.68 6.17
C PHE C 277 6.99 21.19 6.96
N ASN C 278 8.10 20.44 6.90
CA ASN C 278 9.31 20.77 7.63
C ASN C 278 9.85 22.16 7.26
N LEU C 279 9.46 22.65 6.09
CA LEU C 279 9.98 23.92 5.59
C LEU C 279 9.42 25.12 6.36
N ASN C 280 8.24 24.94 6.96
CA ASN C 280 7.56 26.05 7.61
C ASN C 280 8.30 26.65 8.81
N LEU C 281 9.39 26.02 9.25
CA LEU C 281 10.16 26.52 10.39
C LEU C 281 10.98 27.76 10.03
N ALA C 282 11.00 28.12 8.76
CA ALA C 282 11.72 29.29 8.31
C ALA C 282 10.99 30.54 8.77
N VAL C 283 9.66 30.47 8.77
CA VAL C 283 8.82 31.65 9.00
C VAL C 283 9.08 32.26 10.38
N PRO C 284 9.04 31.43 11.45
CA PRO C 284 9.44 31.96 12.77
C PRO C 284 10.85 32.54 12.79
N ILE C 285 11.79 31.81 12.20
CA ILE C 285 13.19 32.21 12.20
C ILE C 285 13.39 33.52 11.44
N ILE C 286 12.75 33.63 10.28
CA ILE C 286 12.80 34.84 9.49
C ILE C 286 12.26 36.00 10.29
N ILE C 287 11.06 35.82 10.86
CA ILE C 287 10.42 36.84 11.65
C ILE C 287 11.28 37.22 12.84
N GLY C 288 11.70 36.20 13.60
CA GLY C 288 12.52 36.42 14.78
C GLY C 288 13.79 37.17 14.47
N ALA C 289 14.51 36.70 13.46
CA ALA C 289 15.74 37.36 13.03
C ALA C 289 15.43 38.78 12.57
N GLY C 290 14.31 38.95 11.88
CA GLY C 290 13.92 40.25 11.38
C GLY C 290 13.73 41.26 12.50
N ILE C 291 13.16 40.81 13.60
CA ILE C 291 12.96 41.66 14.76
C ILE C 291 14.29 42.03 15.40
N ILE C 292 15.15 41.03 15.57
CA ILE C 292 16.44 41.22 16.21
C ILE C 292 17.32 42.22 15.47
N VAL C 293 17.28 42.15 14.14
CA VAL C 293 18.07 43.05 13.32
C VAL C 293 17.47 44.44 13.33
N ASP C 294 16.14 44.52 13.37
CA ASP C 294 15.45 45.81 13.37
C ASP C 294 15.75 46.61 14.64
N MET C 295 15.89 45.91 15.76
CA MET C 295 16.23 46.55 17.02
C MET C 295 17.63 47.17 16.96
N LEU C 296 18.53 46.49 16.25
CA LEU C 296 19.89 46.97 16.07
C LEU C 296 20.02 47.86 14.84
N LEU D 22 -19.32 -37.30 -11.07
CA LEU D 22 -18.51 -38.28 -10.33
C LEU D 22 -17.04 -37.99 -10.57
N VAL D 23 -16.21 -38.23 -9.56
CA VAL D 23 -14.76 -38.08 -9.69
C VAL D 23 -14.01 -39.22 -8.97
N ARG D 24 -13.01 -39.78 -9.66
CA ARG D 24 -12.18 -40.83 -9.08
C ARG D 24 -10.85 -40.21 -8.62
N ILE D 25 -10.57 -40.31 -7.33
CA ILE D 25 -9.44 -39.59 -6.73
C ILE D 25 -8.10 -40.17 -7.18
N GLU D 26 -8.05 -41.48 -7.36
CA GLU D 26 -6.82 -42.19 -7.73
C GLU D 26 -6.09 -41.51 -8.90
N HIS D 27 -6.84 -41.08 -9.90
CA HIS D 27 -6.26 -40.44 -11.09
C HIS D 27 -5.29 -39.30 -10.73
N THR D 28 -5.57 -38.62 -9.62
CA THR D 28 -4.78 -37.46 -9.22
C THR D 28 -3.31 -37.85 -9.01
N ILE D 29 -3.06 -39.13 -8.77
CA ILE D 29 -1.69 -39.62 -8.61
C ILE D 29 -0.84 -39.23 -9.81
N PHE D 30 -1.47 -39.23 -10.99
CA PHE D 30 -0.74 -38.98 -12.22
C PHE D 30 -0.51 -37.49 -12.46
N SER D 31 -1.01 -36.66 -11.55
CA SER D 31 -0.87 -35.22 -11.66
C SER D 31 0.17 -34.68 -10.67
N LEU D 32 0.42 -35.43 -9.61
CA LEU D 32 1.31 -35.00 -8.54
C LEU D 32 2.74 -34.69 -8.99
N PRO D 33 3.33 -35.58 -9.82
CA PRO D 33 4.73 -35.38 -10.23
C PRO D 33 5.02 -34.00 -10.81
N PHE D 34 4.11 -33.49 -11.63
CA PHE D 34 4.32 -32.23 -12.30
C PHE D 34 4.38 -31.08 -11.29
N ALA D 35 3.74 -31.26 -10.15
CA ALA D 35 3.78 -30.28 -9.09
C ALA D 35 5.14 -30.30 -8.39
N TYR D 36 5.57 -31.49 -7.98
CA TYR D 36 6.84 -31.65 -7.30
C TYR D 36 8.01 -31.25 -8.22
N VAL D 37 7.82 -31.43 -9.52
CA VAL D 37 8.82 -30.99 -10.49
C VAL D 37 9.03 -29.48 -10.35
N GLY D 38 7.94 -28.72 -10.32
CA GLY D 38 8.01 -27.28 -10.24
C GLY D 38 8.49 -26.78 -8.90
N ALA D 39 8.38 -27.65 -7.88
CA ALA D 39 8.84 -27.33 -6.53
C ALA D 39 10.35 -27.57 -6.41
N LEU D 40 10.83 -28.56 -7.15
CA LEU D 40 12.24 -28.88 -7.18
C LEU D 40 12.99 -27.93 -8.13
N LEU D 41 12.55 -27.86 -9.37
CA LEU D 41 13.19 -26.97 -10.36
C LEU D 41 13.11 -25.50 -9.95
N SER D 42 12.35 -25.23 -8.91
CA SER D 42 12.45 -23.97 -8.18
C SER D 42 13.42 -24.23 -7.03
N ARG D 43 14.60 -23.63 -7.12
CA ARG D 43 15.69 -23.98 -6.21
C ARG D 43 15.39 -23.71 -4.73
N TYR D 44 14.22 -23.14 -4.42
CA TYR D 44 13.81 -22.93 -3.04
C TYR D 44 13.51 -24.26 -2.34
N PRO D 45 13.54 -24.27 -1.00
CA PRO D 45 13.26 -25.49 -0.23
C PRO D 45 11.83 -25.57 0.28
N PHE D 46 11.45 -26.77 0.72
CA PHE D 46 10.11 -27.00 1.24
C PHE D 46 10.12 -28.21 2.18
N THR D 47 9.07 -28.32 2.98
CA THR D 47 8.98 -29.36 4.00
C THR D 47 8.03 -30.47 3.59
N LEU D 48 8.06 -31.57 4.33
CA LEU D 48 7.13 -32.67 4.13
C LEU D 48 5.70 -32.17 4.28
N ALA D 49 5.51 -31.21 5.18
CA ALA D 49 4.21 -30.60 5.37
C ALA D 49 3.79 -29.91 4.08
N ASP D 50 4.65 -29.02 3.60
CA ASP D 50 4.41 -28.30 2.36
C ASP D 50 4.09 -29.27 1.23
N ALA D 51 4.76 -30.41 1.22
CA ALA D 51 4.63 -31.39 0.14
C ALA D 51 3.27 -32.08 0.17
N ILE D 52 2.72 -32.24 1.37
CA ILE D 52 1.41 -32.85 1.52
C ILE D 52 0.34 -31.87 1.04
N LEU D 53 0.51 -30.61 1.40
CA LEU D 53 -0.42 -29.57 1.00
C LEU D 53 -0.44 -29.43 -0.52
N MET D 54 0.73 -29.62 -1.14
CA MET D 54 0.82 -29.63 -2.60
C MET D 54 -0.16 -30.66 -3.14
N ALA D 55 -0.01 -31.89 -2.65
CA ALA D 55 -0.85 -33.01 -3.09
C ALA D 55 -2.32 -32.69 -2.87
N ALA D 56 -2.64 -32.22 -1.66
CA ALA D 56 -4.00 -31.84 -1.32
C ALA D 56 -4.55 -30.85 -2.35
N ALA D 57 -3.80 -29.78 -2.61
CA ALA D 57 -4.19 -28.74 -3.55
C ALA D 57 -4.52 -29.33 -4.92
N VAL D 58 -3.69 -30.27 -5.36
CA VAL D 58 -3.88 -30.95 -6.64
C VAL D 58 -5.18 -31.73 -6.57
N VAL D 59 -5.33 -32.55 -5.53
CA VAL D 59 -6.54 -33.34 -5.35
C VAL D 59 -7.79 -32.46 -5.42
N GLY D 60 -7.75 -31.32 -4.74
CA GLY D 60 -8.86 -30.40 -4.75
C GLY D 60 -9.12 -29.86 -6.13
N LEU D 61 -8.06 -29.38 -6.76
CA LEU D 61 -8.17 -28.77 -8.07
C LEU D 61 -8.76 -29.77 -9.07
N ARG D 62 -8.24 -30.99 -9.08
CA ARG D 62 -8.72 -32.03 -9.98
C ARG D 62 -10.16 -32.41 -9.63
N MET D 63 -10.46 -32.48 -8.34
CA MET D 63 -11.81 -32.76 -7.91
C MET D 63 -12.77 -31.74 -8.51
N ALA D 64 -12.48 -30.47 -8.28
CA ALA D 64 -13.34 -29.39 -8.75
C ALA D 64 -13.44 -29.39 -10.27
N GLY D 65 -12.31 -29.54 -10.93
CA GLY D 65 -12.28 -29.55 -12.38
C GLY D 65 -13.13 -30.68 -12.94
N MET D 66 -12.81 -31.90 -12.54
CA MET D 66 -13.50 -33.09 -13.04
C MET D 66 -14.99 -32.95 -12.77
N ALA D 67 -15.33 -32.49 -11.58
CA ALA D 67 -16.71 -32.24 -11.24
C ALA D 67 -17.34 -31.27 -12.25
N TYR D 68 -16.85 -30.04 -12.27
CA TYR D 68 -17.49 -28.99 -13.08
C TYR D 68 -17.49 -29.33 -14.57
N ASN D 69 -16.52 -30.14 -14.98
CA ASN D 69 -16.45 -30.56 -16.36
C ASN D 69 -17.71 -31.33 -16.72
N ASN D 70 -18.09 -32.27 -15.86
CA ASN D 70 -19.26 -33.11 -16.07
C ASN D 70 -20.54 -32.29 -16.10
N ILE D 71 -20.49 -31.12 -15.47
CA ILE D 71 -21.63 -30.20 -15.43
C ILE D 71 -21.72 -29.36 -16.70
N ALA D 72 -20.68 -28.60 -16.97
CA ALA D 72 -20.70 -27.62 -18.07
C ALA D 72 -20.92 -28.28 -19.43
N ASP D 73 -20.48 -29.54 -19.55
CA ASP D 73 -20.59 -30.27 -20.80
C ASP D 73 -21.81 -31.19 -20.82
N LEU D 74 -22.63 -31.09 -19.78
CA LEU D 74 -23.80 -31.98 -19.63
C LEU D 74 -24.73 -31.95 -20.83
N ASP D 75 -25.16 -30.75 -21.22
CA ASP D 75 -26.14 -30.60 -22.30
C ASP D 75 -25.71 -31.33 -23.57
N ILE D 76 -24.40 -31.33 -23.83
CA ILE D 76 -23.86 -31.95 -25.03
C ILE D 76 -23.33 -33.33 -24.74
N ASP D 77 -23.03 -33.61 -23.47
CA ASP D 77 -22.60 -34.95 -23.08
C ASP D 77 -23.78 -35.90 -23.20
N ARG D 78 -24.99 -35.36 -23.26
CA ARG D 78 -26.19 -36.16 -23.42
C ARG D 78 -26.39 -36.57 -24.87
N LEU D 79 -25.91 -35.74 -25.79
CA LEU D 79 -26.13 -35.93 -27.22
C LEU D 79 -25.08 -36.83 -27.84
N ASN D 80 -23.82 -36.63 -27.45
CA ASN D 80 -22.72 -37.40 -27.98
C ASN D 80 -22.90 -38.88 -27.60
N PRO D 81 -22.61 -39.79 -28.53
CA PRO D 81 -22.79 -41.22 -28.25
C PRO D 81 -21.80 -41.74 -27.22
N ARG D 82 -20.57 -41.23 -27.28
CA ARG D 82 -19.48 -41.69 -26.43
C ARG D 82 -19.74 -41.37 -24.96
N THR D 83 -20.42 -40.25 -24.72
CA THR D 83 -20.63 -39.74 -23.38
C THR D 83 -22.04 -40.06 -22.86
N ALA D 84 -22.78 -40.89 -23.60
CA ALA D 84 -24.10 -41.30 -23.17
C ALA D 84 -24.00 -42.19 -21.93
N LYS D 85 -22.81 -42.75 -21.71
CA LYS D 85 -22.58 -43.66 -20.59
C LYS D 85 -22.01 -42.94 -19.38
N ARG D 86 -21.62 -41.67 -19.57
CA ARG D 86 -21.07 -40.87 -18.47
C ARG D 86 -22.11 -40.69 -17.37
N PRO D 87 -21.66 -40.50 -16.12
CA PRO D 87 -22.60 -40.33 -15.01
C PRO D 87 -23.39 -39.04 -15.13
N LEU D 88 -24.47 -38.90 -14.37
CA LEU D 88 -25.39 -37.76 -14.43
C LEU D 88 -25.90 -37.40 -15.84
N VAL D 89 -25.55 -38.20 -16.83
CA VAL D 89 -26.26 -38.24 -18.10
C VAL D 89 -27.31 -39.31 -17.87
N VAL D 90 -26.82 -40.44 -17.35
CA VAL D 90 -27.66 -41.55 -16.93
C VAL D 90 -28.55 -41.11 -15.77
N GLY D 91 -27.98 -40.29 -14.88
CA GLY D 91 -28.67 -39.84 -13.69
C GLY D 91 -28.11 -40.52 -12.45
N ALA D 92 -26.95 -41.15 -12.61
CA ALA D 92 -26.33 -41.89 -11.51
C ALA D 92 -26.01 -40.98 -10.35
N VAL D 93 -25.86 -39.68 -10.64
CA VAL D 93 -25.62 -38.67 -9.61
C VAL D 93 -26.36 -37.38 -9.96
N SER D 94 -26.63 -36.56 -8.94
CA SER D 94 -27.35 -35.31 -9.13
C SER D 94 -26.38 -34.21 -9.49
N LEU D 95 -26.91 -33.06 -9.92
CA LEU D 95 -26.10 -31.87 -10.06
C LEU D 95 -25.69 -31.40 -8.68
N ARG D 96 -26.52 -31.70 -7.69
CA ARG D 96 -26.23 -31.32 -6.31
C ARG D 96 -24.96 -32.03 -5.86
N GLU D 97 -24.96 -33.36 -5.98
CA GLU D 97 -23.79 -34.16 -5.62
C GLU D 97 -22.57 -33.67 -6.38
N ALA D 98 -22.78 -33.23 -7.61
CA ALA D 98 -21.70 -32.73 -8.46
C ALA D 98 -21.22 -31.41 -7.91
N TRP D 99 -22.12 -30.44 -7.84
CA TRP D 99 -21.81 -29.12 -7.33
C TRP D 99 -21.23 -29.18 -5.93
N ALA D 100 -21.48 -30.29 -5.23
CA ALA D 100 -20.94 -30.49 -3.90
C ALA D 100 -19.44 -30.71 -3.98
N LEU D 101 -19.01 -31.46 -5.00
CA LEU D 101 -17.59 -31.76 -5.19
C LEU D 101 -16.84 -30.57 -5.75
N VAL D 102 -17.54 -29.76 -6.55
CA VAL D 102 -16.99 -28.49 -7.03
C VAL D 102 -16.62 -27.64 -5.82
N ALA D 103 -17.59 -27.44 -4.93
CA ALA D 103 -17.38 -26.66 -3.73
C ALA D 103 -16.32 -27.32 -2.86
N ALA D 104 -16.42 -28.62 -2.71
CA ALA D 104 -15.51 -29.38 -1.87
C ALA D 104 -14.06 -29.26 -2.34
N GLY D 105 -13.87 -29.48 -3.63
CA GLY D 105 -12.56 -29.43 -4.24
C GLY D 105 -11.97 -28.05 -4.17
N SER D 106 -12.78 -27.06 -4.54
CA SER D 106 -12.35 -25.66 -4.51
C SER D 106 -11.86 -25.32 -3.10
N ALA D 107 -12.54 -25.85 -2.10
CA ALA D 107 -12.24 -25.57 -0.70
C ALA D 107 -10.93 -26.22 -0.28
N ILE D 108 -10.79 -27.52 -0.49
CA ILE D 108 -9.60 -28.24 -0.07
C ILE D 108 -8.39 -27.81 -0.89
N TYR D 109 -8.65 -27.02 -1.93
CA TYR D 109 -7.57 -26.34 -2.66
C TYR D 109 -7.23 -25.04 -1.91
N PHE D 110 -8.22 -24.16 -1.79
CA PHE D 110 -8.05 -22.92 -1.05
C PHE D 110 -7.49 -23.16 0.34
N ALA D 111 -7.89 -24.28 0.95
CA ALA D 111 -7.42 -24.65 2.28
C ALA D 111 -5.91 -24.89 2.25
N SER D 112 -5.47 -25.82 1.42
CA SER D 112 -4.07 -26.18 1.32
C SER D 112 -3.25 -24.98 0.84
N ALA D 113 -3.84 -24.15 -0.01
CA ALA D 113 -3.17 -22.97 -0.54
C ALA D 113 -2.90 -21.95 0.57
N ALA D 114 -3.73 -21.98 1.62
CA ALA D 114 -3.65 -21.04 2.72
C ALA D 114 -2.57 -21.43 3.73
N LEU D 115 -2.44 -22.74 3.97
CA LEU D 115 -1.47 -23.25 4.93
C LEU D 115 -0.08 -23.26 4.35
N LEU D 116 0.02 -23.01 3.05
CA LEU D 116 1.31 -22.96 2.38
C LEU D 116 1.94 -21.58 2.50
N ASN D 117 1.52 -20.67 1.63
CA ASN D 117 2.08 -19.33 1.54
C ASN D 117 0.97 -18.31 1.39
N THR D 118 1.36 -17.04 1.29
CA THR D 118 0.40 -15.97 1.03
C THR D 118 0.30 -15.73 -0.47
N TYR D 119 1.36 -16.10 -1.19
CA TYR D 119 1.36 -15.99 -2.65
C TYR D 119 0.55 -17.14 -3.24
N ALA D 120 0.74 -18.32 -2.68
CA ALA D 120 -0.03 -19.50 -3.06
C ALA D 120 -1.52 -19.20 -2.94
N LEU D 121 -1.90 -18.63 -1.79
CA LEU D 121 -3.28 -18.26 -1.57
C LEU D 121 -3.72 -17.15 -2.52
N LEU D 122 -2.84 -16.15 -2.69
CA LEU D 122 -3.12 -15.02 -3.56
C LEU D 122 -3.40 -15.42 -5.01
N LEU D 123 -2.71 -16.46 -5.47
CA LEU D 123 -2.82 -16.91 -6.87
C LEU D 123 -3.84 -18.04 -7.02
N SER D 124 -4.37 -18.53 -5.90
CA SER D 124 -5.35 -19.60 -5.90
C SER D 124 -6.51 -19.36 -6.86
N PRO D 125 -7.19 -18.19 -6.74
CA PRO D 125 -8.37 -17.98 -7.58
C PRO D 125 -8.08 -18.00 -9.08
N LEU D 126 -6.91 -17.51 -9.47
CA LEU D 126 -6.54 -17.45 -10.88
C LEU D 126 -6.29 -18.86 -11.42
N VAL D 127 -5.60 -19.68 -10.63
CA VAL D 127 -5.37 -21.07 -10.99
C VAL D 127 -6.69 -21.86 -11.07
N LEU D 128 -7.56 -21.67 -10.08
CA LEU D 128 -8.86 -22.33 -10.05
C LEU D 128 -9.73 -21.87 -11.21
N ALA D 129 -9.60 -20.59 -11.55
CA ALA D 129 -10.35 -20.01 -12.65
C ALA D 129 -9.98 -20.71 -13.96
N ILE D 130 -8.68 -20.88 -14.16
CA ILE D 130 -8.14 -21.56 -15.34
C ILE D 130 -8.73 -22.96 -15.48
N ALA D 131 -8.92 -23.63 -14.35
CA ALA D 131 -9.39 -25.00 -14.35
C ALA D 131 -10.89 -25.07 -14.64
N LEU D 132 -11.63 -24.07 -14.19
CA LEU D 132 -13.08 -24.08 -14.29
C LEU D 132 -13.59 -23.43 -15.58
N THR D 133 -12.74 -22.65 -16.22
CA THR D 133 -13.13 -21.98 -17.46
C THR D 133 -12.93 -22.89 -18.66
N TYR D 134 -12.06 -23.88 -18.52
CA TYR D 134 -11.65 -24.73 -19.64
C TYR D 134 -12.83 -25.39 -20.38
N PRO D 135 -13.80 -25.96 -19.64
CA PRO D 135 -14.95 -26.61 -20.28
C PRO D 135 -15.79 -25.71 -21.21
N HIS D 136 -15.52 -24.41 -21.17
CA HIS D 136 -16.23 -23.45 -22.02
C HIS D 136 -15.41 -23.01 -23.23
N ALA D 137 -14.12 -23.35 -23.20
CA ALA D 137 -13.20 -23.00 -24.28
C ALA D 137 -13.76 -23.45 -25.62
N LYS D 138 -14.25 -24.69 -25.67
CA LYS D 138 -14.77 -25.27 -26.90
C LYS D 138 -16.04 -24.57 -27.41
N ARG D 139 -16.55 -23.64 -26.62
CA ARG D 139 -17.76 -22.91 -26.98
C ARG D 139 -17.42 -21.54 -27.55
N LEU D 140 -16.19 -21.10 -27.32
CA LEU D 140 -15.74 -19.76 -27.70
C LEU D 140 -14.83 -19.78 -28.90
N HIS D 141 -13.94 -20.75 -28.93
CA HIS D 141 -12.88 -20.81 -29.94
C HIS D 141 -12.37 -22.23 -30.13
N PRO D 142 -11.64 -22.48 -31.22
CA PRO D 142 -10.95 -23.76 -31.33
C PRO D 142 -9.77 -23.82 -30.36
N LEU D 143 -8.87 -24.77 -30.56
CA LEU D 143 -7.74 -24.99 -29.65
C LEU D 143 -8.09 -24.77 -28.17
N PRO D 144 -9.08 -25.52 -27.65
CA PRO D 144 -9.26 -25.64 -26.21
C PRO D 144 -8.17 -26.53 -25.61
N HIS D 145 -7.42 -27.18 -26.49
CA HIS D 145 -6.36 -28.09 -26.11
C HIS D 145 -5.27 -27.36 -25.36
N LEU D 146 -5.02 -26.10 -25.76
CA LEU D 146 -4.07 -25.26 -25.06
C LEU D 146 -4.58 -24.94 -23.66
N HIS D 147 -5.83 -24.48 -23.61
CA HIS D 147 -6.52 -24.20 -22.36
C HIS D 147 -6.33 -25.39 -21.43
N LEU D 148 -6.61 -26.59 -21.95
CA LEU D 148 -6.48 -27.81 -21.18
C LEU D 148 -5.06 -28.01 -20.65
N GLY D 149 -4.06 -27.63 -21.44
CA GLY D 149 -2.69 -27.88 -21.05
C GLY D 149 -2.15 -26.89 -20.04
N ILE D 150 -2.55 -25.64 -20.19
CA ILE D 150 -2.20 -24.62 -19.22
C ILE D 150 -2.68 -25.04 -17.83
N VAL D 151 -3.74 -25.87 -17.77
CA VAL D 151 -4.23 -26.40 -16.49
C VAL D 151 -3.17 -27.26 -15.82
N LEU D 152 -2.50 -28.10 -16.59
CA LEU D 152 -1.43 -28.90 -16.06
C LEU D 152 -0.18 -28.04 -15.86
N GLY D 153 0.00 -27.01 -16.68
CA GLY D 153 1.05 -26.03 -16.43
C GLY D 153 0.86 -25.34 -15.09
N SER D 154 -0.39 -25.05 -14.75
CA SER D 154 -0.70 -24.35 -13.51
C SER D 154 -0.33 -25.22 -12.31
N VAL D 155 -0.21 -26.52 -12.53
CA VAL D 155 0.13 -27.45 -11.45
C VAL D 155 1.58 -27.31 -11.06
N VAL D 156 2.46 -27.35 -12.06
CA VAL D 156 3.88 -27.16 -11.84
C VAL D 156 4.12 -25.73 -11.34
N PHE D 157 3.41 -24.77 -11.94
CA PHE D 157 3.42 -23.39 -11.44
C PHE D 157 3.08 -23.32 -9.95
N GLY D 158 2.01 -23.99 -9.58
CA GLY D 158 1.60 -24.09 -8.18
C GLY D 158 2.70 -24.72 -7.35
N GLY D 159 3.29 -25.79 -7.88
CA GLY D 159 4.35 -26.48 -7.18
C GLY D 159 5.50 -25.54 -6.89
N ALA D 160 5.81 -24.69 -7.86
CA ALA D 160 6.84 -23.68 -7.66
C ALA D 160 6.44 -22.69 -6.57
N VAL D 161 5.32 -21.99 -6.74
CA VAL D 161 4.91 -20.99 -5.75
C VAL D 161 4.81 -21.64 -4.36
N ALA D 162 4.41 -22.90 -4.33
CA ALA D 162 4.26 -23.63 -3.08
C ALA D 162 5.59 -23.73 -2.33
N ALA D 163 6.69 -23.54 -3.04
CA ALA D 163 8.02 -23.60 -2.45
C ALA D 163 8.63 -22.21 -2.31
N SER D 164 8.36 -21.33 -3.27
CA SER D 164 8.90 -19.97 -3.25
C SER D 164 7.97 -18.97 -2.54
N GLY D 165 7.44 -19.37 -1.40
CA GLY D 165 6.79 -18.50 -0.44
C GLY D 165 7.35 -18.78 0.94
N ASP D 166 7.63 -20.06 1.17
CA ASP D 166 8.46 -20.54 2.27
C ASP D 166 9.75 -21.13 1.71
N GLU D 167 10.84 -20.33 1.58
CA GLU D 167 10.91 -18.91 1.97
C GLU D 167 11.04 -17.99 0.77
N ALA D 168 10.42 -16.80 0.84
CA ALA D 168 10.48 -15.83 -0.26
C ALA D 168 10.01 -14.44 0.16
N SER D 169 10.14 -13.49 -0.76
CA SER D 169 10.00 -12.06 -0.42
C SER D 169 8.86 -11.37 -1.19
N SER D 170 8.95 -11.37 -2.52
CA SER D 170 8.00 -10.67 -3.36
C SER D 170 7.43 -11.56 -4.46
N LEU D 171 6.55 -10.98 -5.27
CA LEU D 171 5.91 -11.72 -6.37
C LEU D 171 6.87 -11.92 -7.53
N GLY D 172 7.74 -10.94 -7.75
CA GLY D 172 8.74 -11.05 -8.79
C GLY D 172 9.57 -12.30 -8.60
N GLU D 173 10.02 -12.54 -7.37
CA GLU D 173 10.87 -13.69 -7.07
C GLU D 173 10.15 -15.00 -7.33
N VAL D 174 8.92 -15.09 -6.81
CA VAL D 174 8.18 -16.33 -6.89
C VAL D 174 7.82 -16.59 -8.35
N LEU D 175 7.63 -15.55 -9.15
CA LEU D 175 7.44 -15.73 -10.58
C LEU D 175 8.76 -16.15 -11.24
N ARG D 176 9.86 -15.53 -10.80
CA ARG D 176 11.20 -15.91 -11.24
C ARG D 176 11.51 -17.33 -10.79
N SER D 177 10.82 -17.77 -9.75
CA SER D 177 11.04 -19.10 -9.19
C SER D 177 10.52 -20.22 -10.09
N VAL D 178 9.61 -19.89 -10.99
CA VAL D 178 8.94 -20.90 -11.81
C VAL D 178 9.81 -21.39 -12.97
N PRO D 179 9.88 -22.72 -13.17
CA PRO D 179 10.56 -23.27 -14.34
C PRO D 179 9.65 -23.29 -15.59
N TRP D 180 9.55 -22.15 -16.26
CA TRP D 180 8.58 -21.96 -17.32
C TRP D 180 8.77 -22.88 -18.53
N LEU D 181 9.94 -23.48 -18.66
CA LEU D 181 10.16 -24.39 -19.79
C LEU D 181 9.26 -25.60 -19.61
N TYR D 182 9.25 -26.13 -18.40
CA TYR D 182 8.45 -27.31 -18.11
C TYR D 182 6.98 -26.94 -18.01
N VAL D 183 6.69 -25.69 -17.70
CA VAL D 183 5.32 -25.19 -17.75
C VAL D 183 4.83 -25.35 -19.19
N ALA D 184 5.58 -24.76 -20.12
CA ALA D 184 5.21 -24.76 -21.53
C ALA D 184 5.36 -26.15 -22.14
N ALA D 185 6.36 -26.90 -21.69
CA ALA D 185 6.61 -28.24 -22.21
C ALA D 185 5.44 -29.15 -21.91
N VAL D 186 5.05 -29.20 -20.64
CA VAL D 186 3.96 -30.05 -20.19
C VAL D 186 2.64 -29.62 -20.84
N SER D 187 2.44 -28.31 -20.98
CA SER D 187 1.23 -27.79 -21.62
C SER D 187 1.11 -28.27 -23.06
N LEU D 188 2.18 -28.15 -23.82
CA LEU D 188 2.16 -28.54 -25.23
C LEU D 188 2.02 -30.04 -25.37
N TRP D 189 2.47 -30.79 -24.36
CA TRP D 189 2.40 -32.23 -24.41
C TRP D 189 0.97 -32.71 -24.38
N VAL D 190 0.18 -32.17 -23.46
CA VAL D 190 -1.21 -32.58 -23.32
C VAL D 190 -2.09 -31.94 -24.39
N ALA D 191 -1.75 -30.71 -24.77
CA ALA D 191 -2.42 -30.05 -25.89
C ALA D 191 -2.26 -30.91 -27.14
N GLY D 192 -1.18 -31.66 -27.19
CA GLY D 192 -0.87 -32.47 -28.35
C GLY D 192 -1.71 -33.73 -28.42
N PHE D 193 -1.88 -34.42 -27.28
CA PHE D 193 -2.61 -35.69 -27.32
C PHE D 193 -4.11 -35.45 -27.11
N ASP D 194 -4.48 -34.30 -26.59
CA ASP D 194 -5.89 -33.92 -26.54
C ASP D 194 -6.34 -33.62 -27.96
N THR D 195 -5.42 -33.07 -28.74
CA THR D 195 -5.66 -32.82 -30.17
C THR D 195 -5.88 -34.14 -30.91
N ILE D 196 -5.05 -35.13 -30.59
CA ILE D 196 -5.17 -36.46 -31.16
C ILE D 196 -6.45 -37.12 -30.65
N TYR D 197 -6.81 -36.82 -29.41
CA TYR D 197 -7.96 -37.45 -28.78
C TYR D 197 -9.26 -36.88 -29.34
N SER D 198 -9.19 -35.67 -29.88
CA SER D 198 -10.37 -34.96 -30.37
C SER D 198 -10.72 -35.37 -31.80
N ILE D 199 -9.93 -36.27 -32.38
CA ILE D 199 -10.18 -36.75 -33.73
C ILE D 199 -11.50 -37.52 -33.78
N MET D 200 -11.77 -38.29 -32.73
CA MET D 200 -12.94 -39.17 -32.70
C MET D 200 -14.24 -38.38 -32.59
N ASP D 201 -14.13 -37.09 -32.27
CA ASP D 201 -15.30 -36.24 -32.05
C ASP D 201 -15.39 -35.15 -33.11
N ILE D 202 -14.66 -35.31 -34.21
CA ILE D 202 -14.66 -34.32 -35.30
C ILE D 202 -16.08 -34.11 -35.79
N ASP D 203 -16.81 -35.21 -35.92
CA ASP D 203 -18.15 -35.16 -36.46
C ASP D 203 -19.10 -34.45 -35.50
N PHE D 204 -19.09 -34.90 -34.24
CA PHE D 204 -19.99 -34.34 -33.24
C PHE D 204 -19.66 -32.88 -32.92
N ASP D 205 -18.37 -32.55 -32.86
CA ASP D 205 -17.96 -31.19 -32.51
C ASP D 205 -18.33 -30.22 -33.63
N ARG D 206 -18.23 -30.69 -34.87
CA ARG D 206 -18.83 -29.97 -35.99
C ARG D 206 -20.34 -30.12 -35.86
N SER D 207 -21.09 -29.29 -36.57
CA SER D 207 -22.56 -29.36 -36.53
C SER D 207 -23.10 -28.79 -35.22
N HIS D 208 -22.61 -29.32 -34.10
CA HIS D 208 -23.00 -28.83 -32.78
C HIS D 208 -22.23 -27.58 -32.37
N GLY D 209 -21.35 -27.11 -33.25
CA GLY D 209 -20.72 -25.82 -33.06
C GLY D 209 -19.67 -25.82 -31.97
N LEU D 210 -19.14 -26.99 -31.63
CA LEU D 210 -18.06 -27.11 -30.66
C LEU D 210 -16.67 -26.97 -31.30
N GLY D 211 -15.80 -26.23 -30.62
CA GLY D 211 -14.49 -25.91 -31.14
C GLY D 211 -13.47 -27.01 -30.94
N SER D 212 -12.78 -27.36 -32.01
CA SER D 212 -11.72 -28.36 -32.00
C SER D 212 -10.74 -28.01 -33.09
N ILE D 213 -9.47 -28.34 -32.90
CA ILE D 213 -8.50 -28.14 -33.98
C ILE D 213 -8.65 -29.26 -35.03
N PRO D 214 -8.98 -30.50 -34.64
CA PRO D 214 -9.24 -31.45 -35.73
C PRO D 214 -10.56 -31.17 -36.47
N ALA D 215 -11.51 -30.51 -35.84
CA ALA D 215 -12.76 -30.14 -36.50
C ALA D 215 -12.50 -28.99 -37.47
N LEU D 216 -11.38 -28.32 -37.27
CA LEU D 216 -11.00 -27.18 -38.10
C LEU D 216 -10.11 -27.58 -39.27
N LEU D 217 -9.34 -28.65 -39.10
CA LEU D 217 -8.31 -29.05 -40.06
C LEU D 217 -8.43 -30.51 -40.54
N GLY D 218 -9.36 -31.26 -39.96
CA GLY D 218 -9.50 -32.67 -40.28
C GLY D 218 -8.40 -33.47 -39.63
N PRO D 219 -8.52 -34.81 -39.67
CA PRO D 219 -7.51 -35.71 -39.08
C PRO D 219 -6.10 -35.39 -39.55
N LYS D 220 -5.80 -35.64 -40.82
CA LYS D 220 -4.54 -35.17 -41.39
C LYS D 220 -4.56 -33.66 -41.37
N GLY D 221 -3.81 -33.07 -40.43
CA GLY D 221 -3.86 -31.64 -40.19
C GLY D 221 -3.92 -31.44 -38.69
N ALA D 222 -4.69 -32.30 -38.05
CA ALA D 222 -4.67 -32.42 -36.61
C ALA D 222 -3.38 -33.15 -36.21
N LEU D 223 -3.14 -34.29 -36.84
CA LEU D 223 -1.92 -35.05 -36.64
C LEU D 223 -0.71 -34.14 -36.81
N ALA D 224 -0.80 -33.26 -37.81
CA ALA D 224 0.27 -32.33 -38.12
C ALA D 224 0.48 -31.35 -36.97
N ALA D 225 -0.58 -30.62 -36.64
CA ALA D 225 -0.53 -29.67 -35.53
C ALA D 225 -0.18 -30.39 -34.23
N SER D 226 -0.63 -31.62 -34.10
CA SER D 226 -0.29 -32.46 -32.96
C SER D 226 1.22 -32.67 -32.91
N LEU D 227 1.79 -32.98 -34.07
CA LEU D 227 3.22 -33.23 -34.20
C LEU D 227 4.05 -31.98 -33.93
N ALA D 228 3.54 -30.83 -34.37
CA ALA D 228 4.21 -29.56 -34.15
C ALA D 228 4.29 -29.28 -32.64
N MET D 229 3.16 -29.45 -31.96
CA MET D 229 3.09 -29.27 -30.52
C MET D 229 4.09 -30.18 -29.81
N HIS D 230 3.93 -31.49 -30.04
CA HIS D 230 4.77 -32.49 -29.40
C HIS D 230 6.25 -32.35 -29.76
N ALA D 231 6.54 -31.73 -30.90
CA ALA D 231 7.91 -31.46 -31.28
C ALA D 231 8.47 -30.42 -30.31
N ALA D 232 7.83 -29.25 -30.31
CA ALA D 232 8.21 -28.16 -29.42
C ALA D 232 8.24 -28.59 -27.96
N ALA D 233 7.49 -29.63 -27.62
CA ALA D 233 7.45 -30.14 -26.26
C ALA D 233 8.77 -30.80 -25.92
N VAL D 234 9.20 -31.73 -26.78
CA VAL D 234 10.46 -32.44 -26.58
C VAL D 234 11.64 -31.47 -26.64
N ALA D 235 11.52 -30.44 -27.47
CA ALA D 235 12.51 -29.39 -27.54
C ALA D 235 12.72 -28.78 -26.15
N LEU D 236 11.62 -28.41 -25.50
CA LEU D 236 11.70 -27.74 -24.23
C LEU D 236 12.16 -28.68 -23.13
N PHE D 237 11.68 -29.92 -23.15
CA PHE D 237 12.08 -30.91 -22.15
C PHE D 237 13.58 -31.10 -22.18
N ILE D 238 14.14 -30.99 -23.38
CA ILE D 238 15.57 -31.13 -23.60
C ILE D 238 16.30 -29.88 -23.14
N ALA D 239 15.81 -28.74 -23.62
CA ALA D 239 16.42 -27.46 -23.29
C ALA D 239 16.47 -27.24 -21.78
N GLY D 240 15.57 -27.90 -21.06
CA GLY D 240 15.50 -27.77 -19.61
C GLY D 240 16.68 -28.44 -18.93
N VAL D 241 17.33 -29.36 -19.62
CA VAL D 241 18.51 -30.03 -19.09
C VAL D 241 19.67 -29.05 -18.99
N GLU D 242 20.07 -28.47 -20.11
CA GLU D 242 21.17 -27.50 -20.12
C GLU D 242 20.85 -26.34 -19.20
N ALA D 243 19.60 -25.88 -19.24
CA ALA D 243 19.19 -24.68 -18.52
C ALA D 243 19.12 -24.93 -17.02
N TYR D 244 18.24 -25.83 -16.59
CA TYR D 244 18.04 -26.07 -15.16
C TYR D 244 19.01 -27.12 -14.64
N GLY D 245 20.17 -27.23 -15.28
CA GLY D 245 21.24 -28.08 -14.79
C GLY D 245 20.93 -29.55 -14.93
N LEU D 246 20.08 -30.05 -14.04
CA LEU D 246 19.68 -31.47 -14.04
C LEU D 246 20.87 -32.41 -13.93
N GLY D 247 20.58 -33.70 -13.84
CA GLY D 247 21.60 -34.70 -13.64
C GLY D 247 21.34 -35.96 -14.42
N ALA D 248 22.01 -37.04 -14.02
CA ALA D 248 21.94 -38.31 -14.73
C ALA D 248 20.51 -38.82 -14.82
N ILE D 249 19.95 -39.16 -13.68
CA ILE D 249 18.61 -39.76 -13.61
C ILE D 249 17.58 -38.85 -14.29
N ALA D 250 17.71 -37.55 -14.07
CA ALA D 250 16.78 -36.58 -14.65
C ALA D 250 16.91 -36.57 -16.18
N THR D 251 18.14 -36.61 -16.66
CA THR D 251 18.40 -36.60 -18.10
C THR D 251 17.93 -37.90 -18.73
N VAL D 252 18.09 -39.01 -18.01
CA VAL D 252 17.57 -40.29 -18.46
C VAL D 252 16.05 -40.21 -18.58
N SER D 253 15.41 -39.66 -17.56
CA SER D 253 13.96 -39.49 -17.55
C SER D 253 13.52 -38.59 -18.69
N THR D 254 14.20 -37.45 -18.82
CA THR D 254 13.93 -36.50 -19.90
C THR D 254 13.96 -37.21 -21.27
N ALA D 255 14.83 -38.19 -21.41
CA ALA D 255 14.97 -38.91 -22.67
C ALA D 255 13.84 -39.90 -22.85
N LEU D 256 13.46 -40.57 -21.76
CA LEU D 256 12.38 -41.54 -21.79
C LEU D 256 11.04 -40.89 -22.12
N THR D 257 10.74 -39.75 -21.49
CA THR D 257 9.50 -39.05 -21.77
C THR D 257 9.50 -38.60 -23.22
N ALA D 258 10.65 -38.08 -23.66
CA ALA D 258 10.82 -37.68 -25.06
C ALA D 258 10.60 -38.88 -25.96
N LEU D 259 10.98 -40.05 -25.46
CA LEU D 259 10.82 -41.31 -26.20
C LEU D 259 9.34 -41.66 -26.37
N VAL D 260 8.59 -41.61 -25.27
CA VAL D 260 7.17 -41.93 -25.27
C VAL D 260 6.40 -41.00 -26.19
N ILE D 261 6.64 -39.69 -26.05
CA ILE D 261 5.96 -38.68 -26.85
C ILE D 261 6.08 -38.99 -28.35
N ILE D 262 7.11 -39.73 -28.72
CA ILE D 262 7.33 -40.07 -30.12
C ILE D 262 6.45 -41.26 -30.54
N LEU D 263 6.19 -42.17 -29.60
CA LEU D 263 5.33 -43.32 -29.89
C LEU D 263 3.87 -42.90 -30.00
N VAL D 264 3.44 -41.98 -29.14
CA VAL D 264 2.06 -41.52 -29.16
C VAL D 264 1.82 -40.87 -30.51
N GLN D 265 2.82 -40.15 -31.00
CA GLN D 265 2.78 -39.61 -32.34
C GLN D 265 2.77 -40.77 -33.35
N ALA D 266 3.75 -41.64 -33.21
CA ALA D 266 3.92 -42.77 -34.13
C ALA D 266 2.64 -43.59 -34.24
N MET D 267 2.16 -44.09 -33.10
CA MET D 267 0.97 -44.91 -33.04
C MET D 267 -0.25 -44.17 -33.58
N ALA D 268 -0.27 -42.85 -33.43
CA ALA D 268 -1.40 -42.02 -33.86
C ALA D 268 -1.41 -41.80 -35.36
N TRP D 269 -0.22 -41.61 -35.93
CA TRP D 269 -0.09 -41.49 -37.38
C TRP D 269 -0.37 -42.83 -38.06
N LEU D 270 -0.22 -43.91 -37.30
CA LEU D 270 -0.61 -45.24 -37.76
C LEU D 270 -2.09 -45.53 -37.41
N GLY D 271 -2.93 -44.49 -37.47
CA GLY D 271 -4.29 -44.59 -36.97
C GLY D 271 -4.21 -44.94 -35.50
N ARG D 272 -4.69 -46.13 -35.13
CA ARG D 272 -4.41 -46.76 -33.84
C ARG D 272 -4.21 -45.77 -32.68
N VAL D 273 -5.24 -44.96 -32.42
CA VAL D 273 -5.11 -43.79 -31.55
C VAL D 273 -5.42 -44.04 -30.08
N LYS D 274 -6.17 -45.10 -29.80
CA LYS D 274 -6.59 -45.38 -28.43
C LYS D 274 -5.39 -45.75 -27.58
N GLU D 275 -4.56 -46.64 -28.11
CA GLU D 275 -3.35 -47.05 -27.41
C GLU D 275 -2.35 -45.90 -27.40
N SER D 276 -2.42 -45.03 -28.40
CA SER D 276 -1.57 -43.84 -28.45
C SER D 276 -1.90 -42.92 -27.29
N PHE D 277 -3.19 -42.62 -27.14
CA PHE D 277 -3.66 -41.81 -26.04
C PHE D 277 -3.32 -42.49 -24.72
N ASN D 278 -3.67 -43.76 -24.62
CA ASN D 278 -3.46 -44.53 -23.39
C ASN D 278 -1.98 -44.59 -23.01
N LEU D 279 -1.11 -44.37 -23.99
CA LEU D 279 0.35 -44.48 -23.76
C LEU D 279 0.90 -43.37 -22.91
N ASN D 280 0.24 -42.22 -22.94
CA ASN D 280 0.76 -41.02 -22.28
C ASN D 280 0.90 -41.16 -20.75
N LEU D 281 0.38 -42.25 -20.17
CA LEU D 281 0.46 -42.46 -18.73
C LEU D 281 1.86 -42.82 -18.28
N ALA D 282 2.77 -43.04 -19.22
CA ALA D 282 4.14 -43.37 -18.91
C ALA D 282 4.85 -42.13 -18.38
N VAL D 283 4.50 -40.97 -18.93
CA VAL D 283 5.24 -39.75 -18.65
C VAL D 283 5.18 -39.39 -17.16
N PRO D 284 3.98 -39.38 -16.55
CA PRO D 284 3.93 -39.19 -15.10
C PRO D 284 4.73 -40.22 -14.32
N ILE D 285 4.58 -41.49 -14.70
CA ILE D 285 5.24 -42.59 -14.02
C ILE D 285 6.77 -42.48 -14.14
N ILE D 286 7.23 -42.16 -15.33
CA ILE D 286 8.65 -41.99 -15.59
C ILE D 286 9.18 -40.86 -14.71
N ILE D 287 8.49 -39.72 -14.76
CA ILE D 287 8.88 -38.55 -13.98
C ILE D 287 8.84 -38.87 -12.49
N GLY D 288 7.73 -39.44 -12.03
CA GLY D 288 7.56 -39.76 -10.63
C GLY D 288 8.62 -40.72 -10.13
N ALA D 289 8.84 -41.79 -10.88
CA ALA D 289 9.88 -42.75 -10.54
C ALA D 289 11.25 -42.07 -10.56
N GLY D 290 11.47 -41.21 -11.55
CA GLY D 290 12.73 -40.50 -11.69
C GLY D 290 13.05 -39.67 -10.46
N ILE D 291 12.04 -39.05 -9.89
CA ILE D 291 12.21 -38.24 -8.68
C ILE D 291 12.53 -39.13 -7.49
N ILE D 292 11.79 -40.22 -7.36
CA ILE D 292 11.94 -41.13 -6.23
C ILE D 292 13.33 -41.75 -6.18
N VAL D 293 13.87 -42.08 -7.35
CA VAL D 293 15.20 -42.68 -7.44
C VAL D 293 16.28 -41.63 -7.20
N ASP D 294 16.03 -40.40 -7.64
CA ASP D 294 16.98 -39.30 -7.47
C ASP D 294 17.17 -38.95 -5.99
N MET D 295 16.09 -39.03 -5.22
CA MET D 295 16.15 -38.77 -3.79
C MET D 295 17.02 -39.81 -3.08
N LEU D 296 16.96 -41.05 -3.56
CA LEU D 296 17.76 -42.15 -3.02
C LEU D 296 19.11 -42.27 -3.71
N LEU E 22 -2.90 -15.65 15.65
CA LEU E 22 -2.45 -16.99 15.98
C LEU E 22 -3.61 -17.82 16.49
N VAL E 23 -3.60 -19.12 16.19
CA VAL E 23 -4.62 -20.04 16.71
C VAL E 23 -3.99 -21.38 17.14
N ARG E 24 -4.39 -21.85 18.32
CA ARG E 24 -3.93 -23.14 18.83
C ARG E 24 -5.02 -24.18 18.59
N ILE E 25 -4.69 -25.22 17.84
CA ILE E 25 -5.69 -26.19 17.36
C ILE E 25 -6.21 -27.06 18.48
N GLU E 26 -5.33 -27.43 19.41
CA GLU E 26 -5.67 -28.30 20.53
C GLU E 26 -6.98 -27.90 21.23
N HIS E 27 -7.17 -26.60 21.45
CA HIS E 27 -8.38 -26.08 22.11
C HIS E 27 -9.67 -26.65 21.51
N THR E 28 -9.65 -26.90 20.20
CA THR E 28 -10.84 -27.36 19.50
C THR E 28 -11.37 -28.66 20.09
N ILE E 29 -10.48 -29.42 20.75
CA ILE E 29 -10.89 -30.66 21.42
C ILE E 29 -12.07 -30.41 22.35
N PHE E 30 -12.08 -29.24 23.00
CA PHE E 30 -13.10 -28.94 23.99
C PHE E 30 -14.42 -28.50 23.34
N SER E 31 -14.44 -28.44 22.02
CA SER E 31 -15.62 -28.00 21.28
C SER E 31 -16.31 -29.19 20.61
N LEU E 32 -15.55 -30.26 20.37
CA LEU E 32 -16.05 -31.42 19.65
C LEU E 32 -17.28 -32.08 20.30
N PRO E 33 -17.23 -32.29 21.63
CA PRO E 33 -18.34 -32.98 22.31
C PRO E 33 -19.72 -32.40 21.99
N PHE E 34 -19.81 -31.08 21.95
CA PHE E 34 -21.09 -30.42 21.75
C PHE E 34 -21.65 -30.71 20.36
N ALA E 35 -20.77 -31.01 19.42
CA ALA E 35 -21.18 -31.38 18.08
C ALA E 35 -21.74 -32.81 18.08
N TYR E 36 -20.98 -33.74 18.64
CA TYR E 36 -21.40 -35.14 18.71
C TYR E 36 -22.68 -35.29 19.52
N VAL E 37 -22.86 -34.42 20.51
CA VAL E 37 -24.09 -34.42 21.30
C VAL E 37 -25.28 -34.18 20.36
N GLY E 38 -25.17 -33.17 19.50
CA GLY E 38 -26.26 -32.83 18.61
C GLY E 38 -26.48 -33.85 17.51
N ALA E 39 -25.44 -34.64 17.22
CA ALA E 39 -25.52 -35.71 16.23
C ALA E 39 -26.19 -36.94 16.83
N LEU E 40 -25.99 -37.14 18.13
CA LEU E 40 -26.61 -38.26 18.83
C LEU E 40 -28.04 -37.92 19.22
N LEU E 41 -28.24 -36.80 19.90
CA LEU E 41 -29.58 -36.40 20.31
C LEU E 41 -30.50 -36.14 19.11
N SER E 42 -29.90 -36.12 17.92
CA SER E 42 -30.65 -36.26 16.69
C SER E 42 -30.68 -37.74 16.35
N ARG E 43 -31.85 -38.35 16.46
CA ARG E 43 -31.94 -39.81 16.41
C ARG E 43 -31.48 -40.42 15.07
N TYR E 44 -31.11 -39.59 14.11
CA TYR E 44 -30.57 -40.07 12.84
C TYR E 44 -29.18 -40.69 13.04
N PRO E 45 -28.76 -41.55 12.09
CA PRO E 45 -27.45 -42.20 12.17
C PRO E 45 -26.37 -41.50 11.34
N PHE E 46 -25.11 -41.86 11.62
CA PHE E 46 -23.98 -41.29 10.92
C PHE E 46 -22.80 -42.24 10.97
N THR E 47 -21.83 -42.01 10.09
CA THR E 47 -20.68 -42.90 9.95
C THR E 47 -19.43 -42.32 10.56
N LEU E 48 -18.40 -43.15 10.68
CA LEU E 48 -17.10 -42.69 11.17
C LEU E 48 -16.58 -41.58 10.27
N ALA E 49 -16.88 -41.70 8.98
CA ALA E 49 -16.49 -40.69 8.02
C ALA E 49 -17.17 -39.38 8.40
N ASP E 50 -18.49 -39.44 8.53
CA ASP E 50 -19.29 -38.27 8.90
C ASP E 50 -18.75 -37.63 10.18
N ALA E 51 -18.31 -38.48 11.11
CA ALA E 51 -17.85 -38.02 12.42
C ALA E 51 -16.53 -37.28 12.33
N ILE E 52 -15.69 -37.67 11.38
CA ILE E 52 -14.41 -36.99 11.16
C ILE E 52 -14.66 -35.62 10.55
N LEU E 53 -15.57 -35.58 9.58
CA LEU E 53 -15.94 -34.33 8.93
C LEU E 53 -16.52 -33.34 9.94
N MET E 54 -17.28 -33.85 10.90
CA MET E 54 -17.79 -33.03 11.99
C MET E 54 -16.62 -32.33 12.66
N ALA E 55 -15.64 -33.11 13.09
CA ALA E 55 -14.46 -32.59 13.77
C ALA E 55 -13.75 -31.55 12.92
N ALA E 56 -13.49 -31.93 11.66
CA ALA E 56 -12.88 -31.02 10.70
C ALA E 56 -13.63 -29.68 10.66
N ALA E 57 -14.94 -29.74 10.46
CA ALA E 57 -15.78 -28.54 10.38
C ALA E 57 -15.58 -27.66 11.61
N VAL E 58 -15.54 -28.29 12.78
CA VAL E 58 -15.33 -27.56 14.03
C VAL E 58 -13.96 -26.90 14.00
N VAL E 59 -12.92 -27.69 13.71
CA VAL E 59 -11.56 -27.17 13.62
C VAL E 59 -11.50 -25.95 12.70
N GLY E 60 -12.12 -26.05 11.53
CA GLY E 60 -12.14 -24.93 10.61
C GLY E 60 -12.86 -23.74 11.21
N LEU E 61 -14.04 -23.99 11.76
CA LEU E 61 -14.86 -22.92 12.29
C LEU E 61 -14.10 -22.18 13.40
N ARG E 62 -13.50 -22.94 14.31
CA ARG E 62 -12.75 -22.35 15.40
C ARG E 62 -11.52 -21.63 14.88
N MET E 63 -10.84 -22.23 13.91
CA MET E 63 -9.68 -21.59 13.29
C MET E 63 -10.06 -20.21 12.75
N ALA E 64 -11.09 -20.17 11.91
CA ALA E 64 -11.57 -18.93 11.31
C ALA E 64 -11.99 -17.92 12.36
N GLY E 65 -12.78 -18.37 13.34
CA GLY E 65 -13.25 -17.51 14.41
C GLY E 65 -12.11 -16.91 15.21
N MET E 66 -11.26 -17.77 15.76
CA MET E 66 -10.13 -17.33 16.57
C MET E 66 -9.27 -16.36 15.78
N ALA E 67 -9.01 -16.71 14.52
CA ALA E 67 -8.26 -15.84 13.64
C ALA E 67 -8.92 -14.46 13.56
N TYR E 68 -10.12 -14.41 13.00
CA TYR E 68 -10.80 -13.14 12.74
C TYR E 68 -11.04 -12.33 14.01
N ASN E 69 -11.17 -13.03 15.13
CA ASN E 69 -11.33 -12.36 16.42
C ASN E 69 -10.12 -11.47 16.70
N ASN E 70 -8.92 -12.04 16.54
CA ASN E 70 -7.68 -11.29 16.76
C ASN E 70 -7.54 -10.08 15.83
N ILE E 71 -8.23 -10.14 14.69
CA ILE E 71 -8.21 -9.07 13.71
C ILE E 71 -9.17 -7.96 14.07
N ALA E 72 -10.45 -8.31 14.16
CA ALA E 72 -11.51 -7.32 14.37
C ALA E 72 -11.35 -6.55 15.68
N ASP E 73 -10.73 -7.18 16.68
CA ASP E 73 -10.52 -6.55 17.97
C ASP E 73 -9.12 -5.95 18.11
N LEU E 74 -8.36 -5.96 17.02
CA LEU E 74 -6.98 -5.48 17.03
C LEU E 74 -6.84 -4.05 17.55
N ASP E 75 -7.59 -3.12 16.97
CA ASP E 75 -7.47 -1.70 17.30
C ASP E 75 -7.60 -1.48 18.80
N ILE E 76 -8.46 -2.27 19.45
CA ILE E 76 -8.72 -2.11 20.88
C ILE E 76 -7.93 -3.12 21.70
N ASP E 77 -7.49 -4.20 21.06
CA ASP E 77 -6.62 -5.15 21.74
C ASP E 77 -5.25 -4.52 21.96
N ARG E 78 -4.96 -3.44 21.24
CA ARG E 78 -3.70 -2.72 21.42
C ARG E 78 -3.75 -1.81 22.65
N LEU E 79 -4.95 -1.35 22.98
CA LEU E 79 -5.15 -0.37 24.04
C LEU E 79 -5.31 -1.01 25.40
N ASN E 80 -6.07 -2.11 25.43
CA ASN E 80 -6.33 -2.82 26.65
C ASN E 80 -5.02 -3.39 27.20
N PRO E 81 -4.81 -3.30 28.53
CA PRO E 81 -3.56 -3.80 29.11
C PRO E 81 -3.45 -5.32 29.05
N ARG E 82 -4.57 -6.01 29.22
CA ARG E 82 -4.59 -7.47 29.27
C ARG E 82 -4.19 -8.08 27.92
N THR E 83 -4.54 -7.39 26.84
CA THR E 83 -4.36 -7.90 25.49
C THR E 83 -3.10 -7.31 24.82
N ALA E 84 -2.31 -6.57 25.58
CA ALA E 84 -1.08 -6.00 25.05
C ALA E 84 -0.08 -7.11 24.73
N LYS E 85 -0.30 -8.29 25.33
CA LYS E 85 0.59 -9.42 25.16
C LYS E 85 0.10 -10.36 24.06
N ARG E 86 -1.11 -10.12 23.57
CA ARG E 86 -1.67 -10.95 22.49
C ARG E 86 -0.82 -10.81 21.23
N PRO E 87 -0.82 -11.84 20.37
CA PRO E 87 -0.03 -11.79 19.13
C PRO E 87 -0.57 -10.73 18.16
N LEU E 88 0.22 -10.39 17.15
CA LEU E 88 -0.09 -9.32 16.19
C LEU E 88 -0.53 -7.98 16.81
N VAL E 89 -0.45 -7.88 18.14
CA VAL E 89 -0.40 -6.59 18.82
C VAL E 89 1.08 -6.31 18.93
N VAL E 90 1.79 -7.34 19.40
CA VAL E 90 3.24 -7.33 19.47
C VAL E 90 3.82 -7.27 18.06
N GLY E 91 3.18 -7.96 17.13
CA GLY E 91 3.65 -8.05 15.76
C GLY E 91 4.22 -9.42 15.48
N ALA E 92 3.95 -10.37 16.38
CA ALA E 92 4.46 -11.74 16.26
C ALA E 92 3.97 -12.40 14.98
N VAL E 93 2.84 -11.92 14.46
CA VAL E 93 2.30 -12.41 13.19
C VAL E 93 1.67 -11.25 12.40
N SER E 94 1.57 -11.42 11.09
CA SER E 94 1.00 -10.40 10.23
C SER E 94 -0.51 -10.53 10.16
N LEU E 95 -1.18 -9.53 9.61
CA LEU E 95 -2.59 -9.66 9.28
C LEU E 95 -2.74 -10.65 8.13
N ARG E 96 -1.68 -10.75 7.32
CA ARG E 96 -1.69 -11.68 6.21
C ARG E 96 -1.77 -13.10 6.75
N GLU E 97 -0.84 -13.45 7.63
CA GLU E 97 -0.81 -14.77 8.26
C GLU E 97 -2.15 -15.04 8.94
N ALA E 98 -2.74 -13.99 9.51
CA ALA E 98 -4.03 -14.10 10.19
C ALA E 98 -5.13 -14.36 9.18
N TRP E 99 -5.27 -13.44 8.22
CA TRP E 99 -6.27 -13.57 7.16
C TRP E 99 -6.11 -14.88 6.40
N ALA E 100 -4.92 -15.47 6.48
CA ALA E 100 -4.66 -16.75 5.84
C ALA E 100 -5.42 -17.85 6.56
N LEU E 101 -5.45 -17.77 7.88
CA LEU E 101 -6.13 -18.77 8.69
C LEU E 101 -7.64 -18.58 8.64
N VAL E 102 -8.07 -17.34 8.50
CA VAL E 102 -9.49 -17.05 8.26
C VAL E 102 -9.95 -17.79 7.01
N ALA E 103 -9.25 -17.57 5.91
CA ALA E 103 -9.55 -18.21 4.65
C ALA E 103 -9.42 -19.73 4.80
N ALA E 104 -8.32 -20.17 5.42
CA ALA E 104 -8.04 -21.59 5.60
C ALA E 104 -9.14 -22.31 6.37
N GLY E 105 -9.50 -21.74 7.51
CA GLY E 105 -10.52 -22.30 8.37
C GLY E 105 -11.87 -22.32 7.68
N SER E 106 -12.24 -21.18 7.10
CA SER E 106 -13.51 -21.09 6.37
C SER E 106 -13.60 -22.17 5.30
N ALA E 107 -12.47 -22.48 4.69
CA ALA E 107 -12.42 -23.46 3.62
C ALA E 107 -12.59 -24.88 4.17
N ILE E 108 -11.76 -25.25 5.15
CA ILE E 108 -11.81 -26.61 5.70
C ILE E 108 -13.11 -26.84 6.44
N TYR E 109 -13.89 -25.78 6.62
CA TYR E 109 -15.24 -25.88 7.12
C TYR E 109 -16.16 -26.18 5.95
N PHE E 110 -16.19 -25.28 4.97
CA PHE E 110 -16.94 -25.46 3.73
C PHE E 110 -16.65 -26.80 3.07
N ALA E 111 -15.40 -27.23 3.18
CA ALA E 111 -14.97 -28.51 2.62
C ALA E 111 -15.69 -29.65 3.30
N SER E 112 -15.53 -29.75 4.62
CA SER E 112 -16.15 -30.81 5.39
C SER E 112 -17.67 -30.73 5.29
N ALA E 113 -18.20 -29.52 5.19
CA ALA E 113 -19.64 -29.31 5.11
C ALA E 113 -20.19 -29.87 3.80
N ALA E 114 -19.33 -29.92 2.78
CA ALA E 114 -19.71 -30.37 1.44
C ALA E 114 -19.73 -31.90 1.30
N LEU E 115 -18.77 -32.55 1.96
CA LEU E 115 -18.67 -34.00 1.92
C LEU E 115 -19.69 -34.65 2.85
N LEU E 116 -20.35 -33.83 3.67
CA LEU E 116 -21.37 -34.34 4.57
C LEU E 116 -22.70 -34.43 3.86
N ASN E 117 -23.40 -33.31 3.78
CA ASN E 117 -24.76 -33.26 3.27
C ASN E 117 -24.90 -32.06 2.38
N THR E 118 -26.11 -31.86 1.84
CA THR E 118 -26.41 -30.69 1.04
C THR E 118 -27.02 -29.61 1.95
N TYR E 119 -27.59 -30.05 3.06
CA TYR E 119 -28.15 -29.12 4.04
C TYR E 119 -27.03 -28.54 4.88
N ALA E 120 -26.08 -29.39 5.23
CA ALA E 120 -24.89 -28.97 5.95
C ALA E 120 -24.19 -27.87 5.16
N LEU E 121 -24.00 -28.11 3.88
CA LEU E 121 -23.37 -27.12 3.00
C LEU E 121 -24.24 -25.87 2.88
N LEU E 122 -25.54 -26.10 2.71
CA LEU E 122 -26.50 -25.01 2.54
C LEU E 122 -26.51 -24.06 3.73
N LEU E 123 -26.31 -24.59 4.93
CA LEU E 123 -26.37 -23.80 6.15
C LEU E 123 -24.98 -23.32 6.59
N SER E 124 -23.95 -23.77 5.89
CA SER E 124 -22.56 -23.40 6.19
C SER E 124 -22.36 -21.88 6.32
N PRO E 125 -22.78 -21.11 5.32
CA PRO E 125 -22.51 -19.67 5.39
C PRO E 125 -23.17 -18.98 6.57
N LEU E 126 -24.36 -19.42 6.95
CA LEU E 126 -25.07 -18.81 8.06
C LEU E 126 -24.37 -19.10 9.39
N VAL E 127 -23.90 -20.33 9.55
CA VAL E 127 -23.13 -20.71 10.73
C VAL E 127 -21.78 -19.96 10.78
N LEU E 128 -21.11 -19.86 9.66
CA LEU E 128 -19.83 -19.16 9.58
C LEU E 128 -20.03 -17.69 9.83
N ALA E 129 -21.15 -17.16 9.34
CA ALA E 129 -21.49 -15.75 9.54
C ALA E 129 -21.62 -15.45 11.03
N ILE E 130 -22.34 -16.31 11.75
CA ILE E 130 -22.54 -16.19 13.19
C ILE E 130 -21.21 -16.13 13.91
N ALA E 131 -20.23 -16.89 13.44
CA ALA E 131 -18.94 -16.97 14.10
C ALA E 131 -18.10 -15.73 13.83
N LEU E 132 -18.27 -15.14 12.66
CA LEU E 132 -17.41 -14.05 12.22
C LEU E 132 -18.00 -12.69 12.57
N THR E 133 -19.29 -12.65 12.84
CA THR E 133 -19.96 -11.41 13.20
C THR E 133 -19.80 -11.09 14.69
N TYR E 134 -19.54 -12.13 15.48
CA TYR E 134 -19.52 -12.01 16.94
C TYR E 134 -18.58 -10.90 17.46
N PRO E 135 -17.34 -10.81 16.91
CA PRO E 135 -16.39 -9.80 17.38
C PRO E 135 -16.86 -8.36 17.23
N HIS E 136 -17.97 -8.15 16.51
CA HIS E 136 -18.53 -6.82 16.28
C HIS E 136 -19.73 -6.56 17.17
N ALA E 137 -20.24 -7.61 17.81
CA ALA E 137 -21.38 -7.50 18.71
C ALA E 137 -21.16 -6.41 19.76
N LYS E 138 -19.98 -6.42 20.37
CA LYS E 138 -19.63 -5.45 21.41
C LYS E 138 -19.56 -4.01 20.91
N ARG E 139 -19.68 -3.82 19.59
CA ARG E 139 -19.62 -2.49 18.99
C ARG E 139 -21.01 -1.95 18.71
N LEU E 140 -21.99 -2.85 18.71
CA LEU E 140 -23.37 -2.52 18.33
C LEU E 140 -24.30 -2.45 19.51
N HIS E 141 -24.13 -3.39 20.45
CA HIS E 141 -25.03 -3.56 21.57
C HIS E 141 -24.34 -4.25 22.73
N PRO E 142 -24.95 -4.19 23.93
CA PRO E 142 -24.46 -5.03 25.04
C PRO E 142 -24.79 -6.50 24.78
N LEU E 143 -24.70 -7.33 25.81
CA LEU E 143 -24.90 -8.77 25.68
C LEU E 143 -24.38 -9.36 24.35
N PRO E 144 -23.08 -9.18 24.07
CA PRO E 144 -22.40 -9.99 23.05
C PRO E 144 -22.20 -11.43 23.54
N HIS E 145 -22.46 -11.63 24.83
CA HIS E 145 -22.28 -12.92 25.46
C HIS E 145 -23.24 -13.94 24.86
N LEU E 146 -24.43 -13.48 24.49
CA LEU E 146 -25.40 -14.34 23.81
C LEU E 146 -24.88 -14.72 22.43
N HIS E 147 -24.45 -13.71 21.69
CA HIS E 147 -23.84 -13.90 20.38
C HIS E 147 -22.77 -14.97 20.48
N LEU E 148 -21.89 -14.80 21.46
CA LEU E 148 -20.80 -15.76 21.71
C LEU E 148 -21.33 -17.18 21.95
N GLY E 149 -22.46 -17.30 22.64
CA GLY E 149 -22.98 -18.61 22.99
C GLY E 149 -23.70 -19.31 21.87
N ILE E 150 -24.42 -18.54 21.07
CA ILE E 150 -25.07 -19.07 19.88
C ILE E 150 -24.02 -19.69 18.95
N VAL E 151 -22.77 -19.24 19.04
CA VAL E 151 -21.68 -19.84 18.27
C VAL E 151 -21.47 -21.29 18.67
N LEU E 152 -21.49 -21.56 19.97
CA LEU E 152 -21.35 -22.92 20.43
C LEU E 152 -22.65 -23.68 20.21
N GLY E 153 -23.79 -22.98 20.25
CA GLY E 153 -25.04 -23.61 19.87
C GLY E 153 -25.02 -24.06 18.42
N SER E 154 -24.40 -23.26 17.55
CA SER E 154 -24.33 -23.59 16.14
C SER E 154 -23.53 -24.87 15.93
N VAL E 155 -22.70 -25.24 16.91
CA VAL E 155 -21.87 -26.44 16.81
C VAL E 155 -22.69 -27.69 16.96
N VAL E 156 -23.49 -27.72 18.01
CA VAL E 156 -24.41 -28.82 18.24
C VAL E 156 -25.43 -28.84 17.09
N PHE E 157 -25.91 -27.66 16.70
CA PHE E 157 -26.78 -27.54 15.52
C PHE E 157 -26.16 -28.20 14.28
N GLY E 158 -24.89 -27.86 14.05
CA GLY E 158 -24.12 -28.44 12.96
C GLY E 158 -24.03 -29.94 13.12
N GLY E 159 -23.80 -30.38 14.35
CA GLY E 159 -23.68 -31.79 14.64
C GLY E 159 -24.95 -32.51 14.28
N ALA E 160 -26.08 -31.88 14.57
CA ALA E 160 -27.37 -32.42 14.18
C ALA E 160 -27.50 -32.51 12.67
N VAL E 161 -27.41 -31.36 11.98
CA VAL E 161 -27.60 -31.36 10.52
C VAL E 161 -26.61 -32.34 9.88
N ALA E 162 -25.43 -32.47 10.47
CA ALA E 162 -24.39 -33.35 9.97
C ALA E 162 -24.86 -34.81 9.94
N ALA E 163 -25.90 -35.11 10.71
CA ALA E 163 -26.45 -36.45 10.79
C ALA E 163 -27.78 -36.54 10.06
N SER E 164 -28.58 -35.48 10.14
CA SER E 164 -29.90 -35.46 9.50
C SER E 164 -29.86 -34.90 8.07
N GLY E 165 -28.87 -35.37 7.30
CA GLY E 165 -28.81 -35.19 5.84
C GLY E 165 -28.47 -36.54 5.22
N ASP E 166 -27.64 -37.28 5.94
CA ASP E 166 -27.42 -38.71 5.73
C ASP E 166 -27.95 -39.48 6.95
N GLU E 167 -29.22 -39.94 6.94
CA GLU E 167 -30.17 -39.80 5.81
C GLU E 167 -31.32 -38.86 6.17
N ALA E 168 -31.82 -38.11 5.19
CA ALA E 168 -32.91 -37.16 5.42
C ALA E 168 -33.53 -36.65 4.13
N SER E 169 -34.60 -35.87 4.26
CA SER E 169 -35.45 -35.52 3.11
C SER E 169 -35.53 -34.02 2.86
N SER E 170 -36.01 -33.27 3.85
CA SER E 170 -36.24 -31.83 3.69
C SER E 170 -35.61 -31.02 4.81
N LEU E 171 -35.76 -29.70 4.73
CA LEU E 171 -35.21 -28.79 5.74
C LEU E 171 -36.01 -28.86 7.05
N GLY E 172 -37.32 -29.03 6.92
CA GLY E 172 -38.17 -29.16 8.08
C GLY E 172 -37.68 -30.27 8.98
N GLU E 173 -37.38 -31.43 8.40
CA GLU E 173 -36.93 -32.58 9.16
C GLU E 173 -35.62 -32.31 9.88
N VAL E 174 -34.67 -31.76 9.14
CA VAL E 174 -33.33 -31.56 9.68
C VAL E 174 -33.39 -30.48 10.76
N LEU E 175 -34.31 -29.54 10.63
CA LEU E 175 -34.53 -28.59 11.72
C LEU E 175 -35.23 -29.26 12.90
N ARG E 176 -36.19 -30.13 12.61
CA ARG E 176 -36.85 -30.95 13.62
C ARG E 176 -35.85 -31.90 14.26
N SER E 177 -34.78 -32.19 13.53
CA SER E 177 -33.73 -33.10 13.99
C SER E 177 -32.88 -32.52 15.13
N VAL E 178 -32.88 -31.19 15.25
CA VAL E 178 -32.00 -30.52 16.22
C VAL E 178 -32.54 -30.61 17.66
N PRO E 179 -31.66 -30.94 18.62
CA PRO E 179 -32.05 -30.87 20.04
C PRO E 179 -31.90 -29.47 20.62
N TRP E 180 -32.91 -28.63 20.41
CA TRP E 180 -32.81 -27.21 20.71
C TRP E 180 -32.65 -26.89 22.18
N LEU E 181 -32.94 -27.84 23.06
CA LEU E 181 -32.76 -27.60 24.49
C LEU E 181 -31.28 -27.45 24.78
N TYR E 182 -30.48 -28.35 24.22
CA TYR E 182 -29.04 -28.32 24.43
C TYR E 182 -28.41 -27.19 23.62
N VAL E 183 -29.07 -26.78 22.54
CA VAL E 183 -28.64 -25.60 21.81
C VAL E 183 -28.70 -24.41 22.76
N ALA E 184 -29.89 -24.21 23.35
CA ALA E 184 -30.12 -23.07 24.22
C ALA E 184 -29.37 -23.23 25.55
N ALA E 185 -29.26 -24.47 26.03
CA ALA E 185 -28.60 -24.74 27.30
C ALA E 185 -27.12 -24.38 27.22
N VAL E 186 -26.45 -24.91 26.21
CA VAL E 186 -25.03 -24.64 26.01
C VAL E 186 -24.78 -23.15 25.75
N SER E 187 -25.67 -22.50 25.00
CA SER E 187 -25.55 -21.08 24.70
C SER E 187 -25.59 -20.25 25.99
N LEU E 188 -26.56 -20.53 26.84
CA LEU E 188 -26.74 -19.77 28.08
C LEU E 188 -25.59 -20.05 29.04
N TRP E 189 -24.99 -21.22 28.94
CA TRP E 189 -23.89 -21.59 29.81
C TRP E 189 -22.66 -20.72 29.57
N VAL E 190 -22.29 -20.55 28.30
CA VAL E 190 -21.12 -19.76 27.96
C VAL E 190 -21.44 -18.28 28.05
N ALA E 191 -22.67 -17.91 27.71
CA ALA E 191 -23.12 -16.54 27.86
C ALA E 191 -22.99 -16.14 29.33
N GLY E 192 -23.10 -17.13 30.21
CA GLY E 192 -23.04 -16.90 31.63
C GLY E 192 -21.64 -16.65 32.15
N PHE E 193 -20.66 -17.42 31.69
CA PHE E 193 -19.30 -17.27 32.21
C PHE E 193 -18.52 -16.24 31.40
N ASP E 194 -18.98 -15.93 30.18
CA ASP E 194 -18.41 -14.82 29.44
C ASP E 194 -18.83 -13.54 30.15
N THR E 195 -20.04 -13.54 30.70
CA THR E 195 -20.54 -12.43 31.47
C THR E 195 -19.67 -12.23 32.70
N ILE E 196 -19.30 -13.33 33.34
CA ILE E 196 -18.45 -13.29 34.52
C ILE E 196 -17.04 -12.89 34.11
N TYR E 197 -16.66 -13.29 32.91
CA TYR E 197 -15.31 -13.04 32.43
C TYR E 197 -15.14 -11.57 32.03
N SER E 198 -16.25 -10.91 31.73
CA SER E 198 -16.24 -9.54 31.24
C SER E 198 -16.19 -8.52 32.40
N ILE E 199 -16.19 -9.03 33.63
CA ILE E 199 -16.11 -8.17 34.82
C ILE E 199 -14.79 -7.44 34.84
N MET E 200 -13.72 -8.13 34.45
CA MET E 200 -12.37 -7.58 34.56
C MET E 200 -12.14 -6.47 33.53
N ASP E 201 -13.04 -6.34 32.55
CA ASP E 201 -12.91 -5.35 31.48
C ASP E 201 -14.03 -4.29 31.56
N ILE E 202 -14.70 -4.19 32.71
CA ILE E 202 -15.76 -3.20 32.88
C ILE E 202 -15.24 -1.81 32.62
N ASP E 203 -14.05 -1.54 33.12
CA ASP E 203 -13.46 -0.22 33.02
C ASP E 203 -13.11 0.09 31.56
N PHE E 204 -12.37 -0.80 30.93
CA PHE E 204 -11.92 -0.61 29.56
C PHE E 204 -13.07 -0.58 28.56
N ASP E 205 -14.07 -1.44 28.76
CA ASP E 205 -15.20 -1.55 27.85
C ASP E 205 -16.06 -0.28 27.93
N ARG E 206 -16.17 0.26 29.15
CA ARG E 206 -16.70 1.60 29.33
C ARG E 206 -15.67 2.57 28.79
N SER E 207 -16.05 3.82 28.55
CA SER E 207 -15.14 4.83 28.04
C SER E 207 -14.81 4.59 26.57
N HIS E 208 -14.35 3.38 26.25
CA HIS E 208 -14.05 3.01 24.86
C HIS E 208 -15.29 2.60 24.09
N GLY E 209 -16.44 2.65 24.75
CA GLY E 209 -17.72 2.47 24.07
C GLY E 209 -18.02 1.04 23.69
N LEU E 210 -17.34 0.09 24.33
CA LEU E 210 -17.56 -1.32 24.06
C LEU E 210 -18.70 -1.87 24.91
N GLY E 211 -19.54 -2.70 24.29
CA GLY E 211 -20.72 -3.26 24.93
C GLY E 211 -20.43 -4.47 25.79
N SER E 212 -20.92 -4.42 27.03
CA SER E 212 -20.81 -5.52 27.98
C SER E 212 -22.01 -5.43 28.90
N ILE E 213 -22.46 -6.57 29.41
CA ILE E 213 -23.54 -6.55 30.40
C ILE E 213 -22.99 -6.15 31.79
N PRO E 214 -21.74 -6.56 32.15
CA PRO E 214 -21.24 -5.98 33.41
C PRO E 214 -20.90 -4.47 33.32
N ALA E 215 -20.61 -3.97 32.13
CA ALA E 215 -20.35 -2.54 31.94
C ALA E 215 -21.67 -1.78 32.05
N LEU E 216 -22.77 -2.50 31.89
CA LEU E 216 -24.10 -1.91 31.92
C LEU E 216 -24.71 -1.94 33.32
N LEU E 217 -24.33 -2.95 34.12
CA LEU E 217 -24.97 -3.22 35.41
C LEU E 217 -23.97 -3.31 36.57
N GLY E 218 -22.68 -3.22 36.27
CA GLY E 218 -21.65 -3.35 37.29
C GLY E 218 -21.51 -4.80 37.70
N PRO E 219 -20.46 -5.12 38.49
CA PRO E 219 -20.21 -6.50 38.95
C PRO E 219 -21.43 -7.14 39.60
N LYS E 220 -21.85 -6.65 40.78
CA LYS E 220 -23.12 -7.08 41.36
C LYS E 220 -24.22 -6.60 40.42
N GLY E 221 -24.78 -7.52 39.66
CA GLY E 221 -25.75 -7.20 38.62
C GLY E 221 -25.37 -8.01 37.40
N ALA E 222 -24.07 -8.12 37.18
CA ALA E 222 -23.52 -9.05 36.21
C ALA E 222 -23.61 -10.46 36.79
N LEU E 223 -23.12 -10.60 38.02
CA LEU E 223 -23.21 -11.86 38.76
C LEU E 223 -24.66 -12.33 38.77
N ALA E 224 -25.57 -11.36 38.93
CA ALA E 224 -27.00 -11.66 38.96
C ALA E 224 -27.48 -12.20 37.63
N ALA E 225 -27.27 -11.42 36.57
CA ALA E 225 -27.64 -11.85 35.22
C ALA E 225 -26.90 -13.13 34.85
N SER E 226 -25.67 -13.26 35.33
CA SER E 226 -24.89 -14.48 35.14
C SER E 226 -25.62 -15.66 35.76
N LEU E 227 -26.11 -15.45 36.98
CA LEU E 227 -26.81 -16.49 37.72
C LEU E 227 -28.13 -16.87 37.04
N ALA E 228 -28.82 -15.88 36.51
CA ALA E 228 -30.09 -16.10 35.82
C ALA E 228 -29.86 -16.97 34.61
N MET E 229 -28.85 -16.64 33.82
CA MET E 229 -28.46 -17.44 32.65
C MET E 229 -28.16 -18.87 33.06
N HIS E 230 -27.17 -19.02 33.94
CA HIS E 230 -26.72 -20.33 34.38
C HIS E 230 -27.81 -21.14 35.07
N ALA E 231 -28.80 -20.46 35.64
CA ALA E 231 -29.94 -21.14 36.21
C ALA E 231 -30.73 -21.80 35.09
N ALA E 232 -31.18 -20.98 34.14
CA ALA E 232 -31.94 -21.45 32.99
C ALA E 232 -31.17 -22.50 32.19
N ALA E 233 -29.86 -22.48 32.31
CA ALA E 233 -29.01 -23.46 31.64
C ALA E 233 -29.21 -24.85 32.26
N VAL E 234 -29.07 -24.92 33.58
CA VAL E 234 -29.21 -26.18 34.31
C VAL E 234 -30.64 -26.68 34.17
N ALA E 235 -31.59 -25.75 34.10
CA ALA E 235 -32.99 -26.10 33.87
C ALA E 235 -33.11 -26.94 32.60
N LEU E 236 -32.51 -26.43 31.53
CA LEU E 236 -32.65 -27.06 30.23
C LEU E 236 -31.87 -28.36 30.15
N PHE E 237 -30.66 -28.37 30.74
CA PHE E 237 -29.86 -29.59 30.76
C PHE E 237 -30.63 -30.71 31.43
N ILE E 238 -31.43 -30.35 32.42
CA ILE E 238 -32.24 -31.29 33.17
C ILE E 238 -33.44 -31.71 32.34
N ALA E 239 -34.15 -30.71 31.82
CA ALA E 239 -35.35 -30.94 31.03
C ALA E 239 -35.05 -31.83 29.82
N GLY E 240 -33.80 -31.83 29.38
CA GLY E 240 -33.37 -32.64 28.27
C GLY E 240 -33.38 -34.12 28.58
N VAL E 241 -33.31 -34.46 29.87
CA VAL E 241 -33.33 -35.85 30.30
C VAL E 241 -34.71 -36.45 30.04
N GLU E 242 -35.74 -35.85 30.64
CA GLU E 242 -37.11 -36.35 30.44
C GLU E 242 -37.49 -36.32 28.97
N ALA E 243 -37.08 -35.25 28.30
CA ALA E 243 -37.48 -35.02 26.91
C ALA E 243 -36.79 -35.98 25.95
N TYR E 244 -35.46 -35.87 25.87
CA TYR E 244 -34.69 -36.68 24.93
C TYR E 244 -34.34 -38.05 25.52
N GLY E 245 -35.17 -38.53 26.44
CA GLY E 245 -35.00 -39.87 27.00
C GLY E 245 -33.77 -40.01 27.87
N LEU E 246 -32.60 -40.10 27.24
CA LEU E 246 -31.34 -40.24 27.95
C LEU E 246 -31.33 -41.46 28.86
N GLY E 247 -30.19 -41.69 29.50
CA GLY E 247 -30.01 -42.89 30.30
C GLY E 247 -29.15 -42.63 31.51
N ALA E 248 -28.61 -43.70 32.08
CA ALA E 248 -27.86 -43.62 33.32
C ALA E 248 -26.67 -42.68 33.20
N ILE E 249 -25.70 -43.08 32.38
CA ILE E 249 -24.46 -42.33 32.23
C ILE E 249 -24.74 -40.89 31.81
N ALA E 250 -25.70 -40.69 30.91
CA ALA E 250 -26.05 -39.36 30.43
C ALA E 250 -26.63 -38.53 31.57
N THR E 251 -27.48 -39.14 32.38
CA THR E 251 -28.11 -38.45 33.49
C THR E 251 -27.08 -38.12 34.57
N VAL E 252 -26.13 -39.02 34.77
CA VAL E 252 -25.02 -38.76 35.69
C VAL E 252 -24.21 -37.57 35.19
N SER E 253 -23.92 -37.55 33.89
CA SER E 253 -23.18 -36.46 33.28
C SER E 253 -23.95 -35.17 33.39
N THR E 254 -25.24 -35.23 33.07
CA THR E 254 -26.13 -34.07 33.18
C THR E 254 -26.06 -33.46 34.58
N ALA E 255 -25.90 -34.31 35.58
CA ALA E 255 -25.87 -33.87 36.97
C ALA E 255 -24.52 -33.24 37.30
N LEU E 256 -23.45 -33.86 36.80
CA LEU E 256 -22.09 -33.35 37.02
C LEU E 256 -21.88 -31.98 36.38
N THR E 257 -22.34 -31.80 35.14
CA THR E 257 -22.21 -30.50 34.47
C THR E 257 -23.03 -29.48 35.25
N ALA E 258 -24.23 -29.87 35.68
CA ALA E 258 -25.07 -29.02 36.49
C ALA E 258 -24.34 -28.67 37.77
N LEU E 259 -23.54 -29.63 38.26
CA LEU E 259 -22.77 -29.44 39.47
C LEU E 259 -21.69 -28.38 39.29
N VAL E 260 -20.92 -28.50 38.22
CA VAL E 260 -19.84 -27.56 37.91
C VAL E 260 -20.37 -26.13 37.74
N ILE E 261 -21.41 -25.99 36.92
CA ILE E 261 -22.05 -24.69 36.67
C ILE E 261 -22.38 -23.96 37.97
N ILE E 262 -22.56 -24.72 39.05
CA ILE E 262 -22.88 -24.13 40.34
C ILE E 262 -21.61 -23.63 41.04
N LEU E 263 -20.49 -24.29 40.83
CA LEU E 263 -19.22 -23.82 41.41
C LEU E 263 -18.69 -22.58 40.72
N VAL E 264 -18.84 -22.51 39.40
CA VAL E 264 -18.36 -21.34 38.67
C VAL E 264 -19.15 -20.13 39.17
N GLN E 265 -20.43 -20.34 39.44
CA GLN E 265 -21.24 -19.31 40.07
C GLN E 265 -20.72 -19.04 41.47
N ALA E 266 -20.62 -20.12 42.25
CA ALA E 266 -20.18 -20.04 43.63
C ALA E 266 -18.85 -19.30 43.77
N MET E 267 -17.84 -19.81 43.08
CA MET E 267 -16.50 -19.23 43.11
C MET E 267 -16.48 -17.78 42.61
N ALA E 268 -17.41 -17.46 41.71
CA ALA E 268 -17.47 -16.11 41.13
C ALA E 268 -18.12 -15.11 42.09
N TRP E 269 -19.15 -15.56 42.79
CA TRP E 269 -19.79 -14.71 43.80
C TRP E 269 -18.84 -14.51 44.98
N LEU E 270 -17.89 -15.43 45.14
CA LEU E 270 -16.84 -15.28 46.14
C LEU E 270 -15.65 -14.53 45.56
N GLY E 271 -15.93 -13.57 44.68
CA GLY E 271 -14.88 -12.91 43.92
C GLY E 271 -14.20 -13.98 43.09
N ARG E 272 -12.91 -14.22 43.35
CA ARG E 272 -12.18 -15.40 42.90
C ARG E 272 -12.67 -15.96 41.54
N VAL E 273 -12.58 -15.13 40.51
CA VAL E 273 -13.23 -15.38 39.21
C VAL E 273 -12.38 -16.13 38.19
N LYS E 274 -11.06 -16.09 38.36
CA LYS E 274 -10.17 -16.73 37.40
C LYS E 274 -10.34 -18.25 37.44
N GLU E 275 -10.33 -18.80 38.65
CA GLU E 275 -10.52 -20.23 38.81
C GLU E 275 -11.96 -20.60 38.47
N SER E 276 -12.88 -19.66 38.65
CA SER E 276 -14.29 -19.87 38.27
C SER E 276 -14.40 -20.06 36.76
N PHE E 277 -13.80 -19.13 36.03
CA PHE E 277 -13.76 -19.21 34.58
C PHE E 277 -13.03 -20.48 34.15
N ASN E 278 -11.84 -20.68 34.72
CA ASN E 278 -11.01 -21.83 34.37
C ASN E 278 -11.72 -23.16 34.65
N LEU E 279 -12.72 -23.13 35.54
CA LEU E 279 -13.41 -24.34 35.96
C LEU E 279 -14.29 -24.92 34.85
N ASN E 280 -14.76 -24.07 33.95
CA ASN E 280 -15.74 -24.48 32.94
C ASN E 280 -15.22 -25.54 31.97
N LEU E 281 -13.93 -25.88 32.05
CA LEU E 281 -13.36 -26.88 31.15
C LEU E 281 -13.79 -28.30 31.53
N ALA E 282 -14.46 -28.43 32.67
CA ALA E 282 -14.91 -29.73 33.12
C ALA E 282 -16.08 -30.18 32.25
N VAL E 283 -16.91 -29.23 31.83
CA VAL E 283 -18.17 -29.55 31.15
C VAL E 283 -17.91 -30.31 29.84
N PRO E 284 -17.01 -29.81 28.98
CA PRO E 284 -16.65 -30.60 27.80
C PRO E 284 -16.11 -31.98 28.15
N ILE E 285 -15.20 -32.03 29.12
CA ILE E 285 -14.56 -33.28 29.53
C ILE E 285 -15.59 -34.27 30.07
N ILE E 286 -16.49 -33.77 30.92
CA ILE E 286 -17.54 -34.60 31.49
C ILE E 286 -18.40 -35.17 30.37
N ILE E 287 -18.86 -34.28 29.49
CA ILE E 287 -19.69 -34.68 28.36
C ILE E 287 -18.95 -35.69 27.47
N GLY E 288 -17.73 -35.33 27.10
CA GLY E 288 -16.94 -36.16 26.22
C GLY E 288 -16.71 -37.53 26.81
N ALA E 289 -16.27 -37.56 28.06
CA ALA E 289 -16.07 -38.83 28.76
C ALA E 289 -17.39 -39.60 28.87
N GLY E 290 -18.48 -38.88 29.12
CA GLY E 290 -19.79 -39.49 29.23
C GLY E 290 -20.20 -40.22 27.97
N ILE E 291 -19.88 -39.63 26.82
CA ILE E 291 -20.18 -40.25 25.53
C ILE E 291 -19.33 -41.50 25.33
N ILE E 292 -18.03 -41.38 25.62
CA ILE E 292 -17.09 -42.48 25.39
C ILE E 292 -17.44 -43.69 26.22
N VAL E 293 -17.90 -43.47 27.45
CA VAL E 293 -18.27 -44.56 28.34
C VAL E 293 -19.61 -45.16 27.91
N ASP E 294 -20.52 -44.32 27.43
CA ASP E 294 -21.83 -44.79 26.98
C ASP E 294 -21.72 -45.71 25.76
N MET E 295 -20.76 -45.44 24.88
CA MET E 295 -20.54 -46.28 23.70
C MET E 295 -20.05 -47.66 24.13
N LEU E 296 -19.26 -47.70 25.20
CA LEU E 296 -18.75 -48.96 25.75
C LEU E 296 -19.69 -49.55 26.79
N LEU F 22 -26.10 -46.18 74.10
CA LEU F 22 -24.69 -45.83 74.23
C LEU F 22 -24.40 -44.53 73.48
N VAL F 23 -23.48 -43.72 74.02
CA VAL F 23 -23.03 -42.52 73.33
C VAL F 23 -21.51 -42.34 73.44
N ARG F 24 -20.88 -41.98 72.32
CA ARG F 24 -19.45 -41.70 72.31
C ARG F 24 -19.24 -40.20 72.30
N ILE F 25 -18.55 -39.69 73.31
CA ILE F 25 -18.44 -38.24 73.53
C ILE F 25 -17.56 -37.56 72.48
N GLU F 26 -16.51 -38.26 72.05
CA GLU F 26 -15.55 -37.73 71.09
C GLU F 26 -16.23 -37.07 69.88
N HIS F 27 -17.27 -37.71 69.35
CA HIS F 27 -18.00 -37.19 68.19
C HIS F 27 -18.39 -35.72 68.34
N THR F 28 -18.68 -35.32 69.58
CA THR F 28 -19.15 -33.97 69.84
C THR F 28 -18.14 -32.92 69.35
N ILE F 29 -16.88 -33.33 69.24
CA ILE F 29 -15.83 -32.44 68.74
C ILE F 29 -16.25 -31.84 67.40
N PHE F 30 -16.94 -32.65 66.59
CA PHE F 30 -17.29 -32.23 65.24
C PHE F 30 -18.52 -31.31 65.21
N SER F 31 -19.08 -31.04 66.39
CA SER F 31 -20.27 -30.20 66.51
C SER F 31 -19.91 -28.83 67.08
N LEU F 32 -18.78 -28.77 67.79
CA LEU F 32 -18.38 -27.55 68.47
C LEU F 32 -18.19 -26.33 67.55
N PRO F 33 -17.51 -26.53 66.40
CA PRO F 33 -17.22 -25.40 65.51
C PRO F 33 -18.46 -24.59 65.15
N PHE F 34 -19.57 -25.27 64.88
CA PHE F 34 -20.79 -24.59 64.44
C PHE F 34 -21.36 -23.70 65.52
N ALA F 35 -21.06 -24.01 66.78
CA ALA F 35 -21.47 -23.18 67.90
C ALA F 35 -20.60 -21.92 67.97
N TYR F 36 -19.29 -22.09 67.93
CA TYR F 36 -18.35 -20.98 67.99
C TYR F 36 -18.53 -20.05 66.80
N VAL F 37 -18.93 -20.62 65.66
CA VAL F 37 -19.23 -19.82 64.48
C VAL F 37 -20.35 -18.82 64.80
N GLY F 38 -21.42 -19.30 65.41
CA GLY F 38 -22.55 -18.45 65.73
C GLY F 38 -22.27 -17.47 66.84
N ALA F 39 -21.25 -17.78 67.64
CA ALA F 39 -20.82 -16.88 68.71
C ALA F 39 -19.93 -15.77 68.16
N LEU F 40 -19.19 -16.08 67.11
CA LEU F 40 -18.32 -15.09 66.47
C LEU F 40 -19.12 -14.24 65.51
N LEU F 41 -19.84 -14.87 64.59
CA LEU F 41 -20.66 -14.14 63.61
C LEU F 41 -21.76 -13.31 64.29
N SER F 42 -21.94 -13.54 65.59
CA SER F 42 -22.66 -12.60 66.43
C SER F 42 -21.63 -11.67 67.02
N ARG F 43 -21.65 -10.41 66.59
CA ARG F 43 -20.56 -9.48 66.89
C ARG F 43 -20.37 -9.21 68.39
N TYR F 44 -21.23 -9.78 69.25
CA TYR F 44 -21.06 -9.64 70.68
C TYR F 44 -19.83 -10.42 71.17
N PRO F 45 -19.32 -10.07 72.35
CA PRO F 45 -18.14 -10.74 72.92
C PRO F 45 -18.48 -11.82 73.94
N PHE F 46 -17.50 -12.65 74.27
CA PHE F 46 -17.67 -13.73 75.23
C PHE F 46 -16.33 -14.12 75.82
N THR F 47 -16.38 -14.84 76.95
CA THR F 47 -15.19 -15.19 77.69
C THR F 47 -14.82 -16.64 77.51
N LEU F 48 -13.62 -17.00 77.95
CA LEU F 48 -13.19 -18.40 77.92
C LEU F 48 -14.15 -19.26 78.73
N ALA F 49 -14.69 -18.68 79.80
CA ALA F 49 -15.67 -19.37 80.62
C ALA F 49 -16.90 -19.67 79.77
N ASP F 50 -17.45 -18.63 79.15
CA ASP F 50 -18.60 -18.75 78.28
C ASP F 50 -18.36 -19.82 77.20
N ALA F 51 -17.13 -19.88 76.69
CA ALA F 51 -16.77 -20.77 75.60
C ALA F 51 -16.77 -22.22 76.04
N ILE F 52 -16.41 -22.46 77.30
CA ILE F 52 -16.42 -23.81 77.86
C ILE F 52 -17.85 -24.28 78.06
N LEU F 53 -18.69 -23.38 78.57
CA LEU F 53 -20.11 -23.69 78.76
C LEU F 53 -20.78 -24.01 77.44
N MET F 54 -20.36 -23.32 76.37
CA MET F 54 -20.85 -23.62 75.02
C MET F 54 -20.60 -25.09 74.74
N ALA F 55 -19.35 -25.51 74.90
CA ALA F 55 -18.93 -26.88 74.62
C ALA F 55 -19.73 -27.85 75.47
N ALA F 56 -19.79 -27.57 76.76
CA ALA F 56 -20.58 -28.38 77.68
C ALA F 56 -22.01 -28.56 77.17
N ALA F 57 -22.66 -27.45 76.85
CA ALA F 57 -24.04 -27.46 76.36
C ALA F 57 -24.19 -28.40 75.15
N VAL F 58 -23.23 -28.32 74.24
CA VAL F 58 -23.24 -29.16 73.05
C VAL F 58 -23.10 -30.62 73.48
N VAL F 59 -22.11 -30.91 74.30
CA VAL F 59 -21.89 -32.27 74.81
C VAL F 59 -23.17 -32.83 75.43
N GLY F 60 -23.83 -32.04 76.26
CA GLY F 60 -25.07 -32.46 76.86
C GLY F 60 -26.13 -32.72 75.81
N LEU F 61 -26.30 -31.76 74.91
CA LEU F 61 -27.34 -31.85 73.90
C LEU F 61 -27.14 -33.10 73.04
N ARG F 62 -25.91 -33.32 72.60
CA ARG F 62 -25.60 -34.48 71.79
C ARG F 62 -25.78 -35.76 72.60
N MET F 63 -25.36 -35.73 73.87
CA MET F 63 -25.54 -36.88 74.74
C MET F 63 -27.02 -37.28 74.82
N ALA F 64 -27.86 -36.31 75.17
CA ALA F 64 -29.29 -36.53 75.28
C ALA F 64 -29.89 -36.99 73.94
N GLY F 65 -29.52 -36.32 72.86
CA GLY F 65 -30.03 -36.68 71.55
C GLY F 65 -29.66 -38.10 71.18
N MET F 66 -28.37 -38.38 71.16
CA MET F 66 -27.87 -39.69 70.78
C MET F 66 -28.51 -40.77 71.62
N ALA F 67 -28.60 -40.51 72.93
CA ALA F 67 -29.28 -41.42 73.84
C ALA F 67 -30.72 -41.66 73.39
N TYR F 68 -31.53 -40.62 73.42
CA TYR F 68 -32.96 -40.77 73.14
C TYR F 68 -33.22 -41.34 71.74
N ASN F 69 -32.30 -41.08 70.82
CA ASN F 69 -32.41 -41.61 69.47
C ASN F 69 -32.45 -43.12 69.51
N ASN F 70 -31.52 -43.70 70.27
CA ASN F 70 -31.40 -45.14 70.37
C ASN F 70 -32.64 -45.77 71.01
N ILE F 71 -33.34 -44.97 71.80
CA ILE F 71 -34.57 -45.40 72.47
C ILE F 71 -35.79 -45.34 71.54
N ALA F 72 -36.08 -44.16 71.02
CA ALA F 72 -37.27 -43.93 70.23
C ALA F 72 -37.32 -44.78 68.95
N ASP F 73 -36.16 -45.12 68.42
CA ASP F 73 -36.07 -45.93 67.20
C ASP F 73 -35.82 -47.40 67.53
N LEU F 74 -35.87 -47.77 68.80
CA LEU F 74 -35.57 -49.13 69.24
C LEU F 74 -36.44 -50.18 68.54
N ASP F 75 -37.75 -50.00 68.60
CA ASP F 75 -38.69 -50.99 68.04
C ASP F 75 -38.36 -51.34 66.59
N ILE F 76 -37.91 -50.36 65.83
CA ILE F 76 -37.61 -50.54 64.41
C ILE F 76 -36.12 -50.76 64.20
N ASP F 77 -35.30 -50.36 65.16
CA ASP F 77 -33.87 -50.61 65.08
C ASP F 77 -33.62 -52.10 65.27
N ARG F 78 -34.61 -52.80 65.81
CA ARG F 78 -34.52 -54.25 66.00
C ARG F 78 -34.79 -55.00 64.70
N LEU F 79 -35.62 -54.40 63.85
CA LEU F 79 -36.07 -55.05 62.61
C LEU F 79 -35.10 -54.81 61.45
N ASN F 80 -34.61 -53.58 61.34
CA ASN F 80 -33.69 -53.23 60.28
C ASN F 80 -32.42 -54.06 60.42
N PRO F 81 -31.88 -54.54 59.28
CA PRO F 81 -30.66 -55.37 59.34
C PRO F 81 -29.43 -54.56 59.76
N ARG F 82 -29.37 -53.31 59.33
CA ARG F 82 -28.20 -52.46 59.55
C ARG F 82 -28.04 -52.14 61.02
N THR F 83 -29.16 -52.04 61.72
CA THR F 83 -29.18 -51.61 63.11
C THR F 83 -29.31 -52.79 64.07
N ALA F 84 -29.22 -54.00 63.55
CA ALA F 84 -29.28 -55.19 64.39
C ALA F 84 -28.04 -55.26 65.30
N LYS F 85 -27.00 -54.54 64.91
CA LYS F 85 -25.73 -54.55 65.63
C LYS F 85 -25.65 -53.40 66.63
N ARG F 86 -26.60 -52.46 66.55
CA ARG F 86 -26.62 -51.32 67.45
C ARG F 86 -26.80 -51.80 68.89
N PRO F 87 -26.31 -51.02 69.87
CA PRO F 87 -26.44 -51.41 71.28
C PRO F 87 -27.89 -51.40 71.74
N LEU F 88 -28.18 -51.99 72.89
CA LEU F 88 -29.54 -52.17 73.42
C LEU F 88 -30.58 -52.73 72.42
N VAL F 89 -30.11 -53.14 71.25
CA VAL F 89 -30.87 -54.05 70.39
C VAL F 89 -30.33 -55.41 70.81
N VAL F 90 -29.01 -55.47 70.86
CA VAL F 90 -28.29 -56.63 71.36
C VAL F 90 -28.60 -56.82 72.84
N GLY F 91 -28.70 -55.72 73.56
CA GLY F 91 -28.92 -55.75 74.99
C GLY F 91 -27.68 -55.33 75.75
N ALA F 92 -26.72 -54.76 75.02
CA ALA F 92 -25.44 -54.37 75.60
C ALA F 92 -25.63 -53.32 76.69
N VAL F 93 -26.75 -52.60 76.63
CA VAL F 93 -27.10 -51.62 77.65
C VAL F 93 -28.61 -51.63 77.88
N SER F 94 -29.03 -51.16 79.06
CA SER F 94 -30.44 -51.14 79.41
C SER F 94 -31.08 -49.85 78.91
N LEU F 95 -32.41 -49.79 78.98
CA LEU F 95 -33.11 -48.53 78.75
C LEU F 95 -32.83 -47.61 79.91
N ARG F 96 -32.57 -48.20 81.07
CA ARG F 96 -32.25 -47.42 82.26
C ARG F 96 -30.95 -46.65 82.02
N GLU F 97 -29.89 -47.38 81.64
CA GLU F 97 -28.60 -46.77 81.34
C GLU F 97 -28.77 -45.70 80.27
N ALA F 98 -29.69 -45.96 79.34
CA ALA F 98 -29.96 -45.03 78.24
C ALA F 98 -30.65 -43.79 78.77
N TRP F 99 -31.80 -44.00 79.40
CA TRP F 99 -32.57 -42.92 79.99
C TRP F 99 -31.76 -42.13 81.00
N ALA F 100 -30.70 -42.75 81.51
CA ALA F 100 -29.80 -42.07 82.45
C ALA F 100 -29.01 -40.99 81.72
N LEU F 101 -28.59 -41.29 80.50
CA LEU F 101 -27.81 -40.34 79.70
C LEU F 101 -28.70 -39.25 79.13
N VAL F 102 -29.95 -39.59 78.86
CA VAL F 102 -30.95 -38.61 78.46
C VAL F 102 -31.05 -37.55 79.56
N ALA F 103 -31.32 -38.02 80.77
CA ALA F 103 -31.43 -37.12 81.92
C ALA F 103 -30.10 -36.39 82.14
N ALA F 104 -29.00 -37.13 82.09
CA ALA F 104 -27.67 -36.56 82.31
C ALA F 104 -27.33 -35.45 81.31
N GLY F 105 -27.55 -35.74 80.03
CA GLY F 105 -27.25 -34.80 78.97
C GLY F 105 -28.14 -33.57 79.07
N SER F 106 -29.43 -33.81 79.25
CA SER F 106 -30.39 -32.73 79.40
C SER F 106 -29.95 -31.78 80.52
N ALA F 107 -29.42 -32.38 81.59
CA ALA F 107 -29.02 -31.63 82.77
C ALA F 107 -27.78 -30.79 82.47
N ILE F 108 -26.72 -31.43 81.98
CA ILE F 108 -25.46 -30.72 81.74
C ILE F 108 -25.61 -29.71 80.60
N TYR F 109 -26.76 -29.76 79.93
CA TYR F 109 -27.12 -28.72 78.98
C TYR F 109 -27.78 -27.58 79.75
N PHE F 110 -28.89 -27.88 80.43
CA PHE F 110 -29.58 -26.92 81.27
C PHE F 110 -28.61 -26.23 82.24
N ALA F 111 -27.64 -27.00 82.75
CA ALA F 111 -26.65 -26.49 83.68
C ALA F 111 -25.83 -25.39 83.00
N SER F 112 -25.18 -25.74 81.89
CA SER F 112 -24.34 -24.80 81.16
C SER F 112 -25.14 -23.62 80.63
N ALA F 113 -26.39 -23.88 80.26
CA ALA F 113 -27.28 -22.84 79.76
C ALA F 113 -27.61 -21.80 80.83
N ALA F 114 -27.55 -22.23 82.10
CA ALA F 114 -27.89 -21.38 83.24
C ALA F 114 -26.75 -20.47 83.64
N LEU F 115 -25.52 -20.99 83.55
CA LEU F 115 -24.33 -20.23 83.92
C LEU F 115 -23.94 -19.23 82.83
N LEU F 116 -24.58 -19.35 81.68
CA LEU F 116 -24.32 -18.46 80.56
C LEU F 116 -25.16 -17.18 80.69
N ASN F 117 -26.41 -17.27 80.24
CA ASN F 117 -27.32 -16.12 80.20
C ASN F 117 -28.68 -16.53 80.71
N THR F 118 -29.61 -15.58 80.72
CA THR F 118 -30.99 -15.86 81.07
C THR F 118 -31.78 -16.20 79.81
N TYR F 119 -31.29 -15.73 78.67
CA TYR F 119 -31.91 -16.02 77.38
C TYR F 119 -31.53 -17.43 76.94
N ALA F 120 -30.25 -17.75 77.15
CA ALA F 120 -29.76 -19.10 76.89
C ALA F 120 -30.60 -20.11 77.66
N LEU F 121 -30.81 -19.85 78.95
CA LEU F 121 -31.62 -20.72 79.78
C LEU F 121 -33.06 -20.72 79.30
N LEU F 122 -33.57 -19.53 78.99
CA LEU F 122 -34.96 -19.37 78.55
C LEU F 122 -35.27 -20.18 77.29
N LEU F 123 -34.30 -20.30 76.41
CA LEU F 123 -34.47 -20.96 75.12
C LEU F 123 -34.03 -22.42 75.16
N SER F 124 -33.44 -22.82 76.28
CA SER F 124 -32.97 -24.19 76.48
C SER F 124 -34.01 -25.24 76.12
N PRO F 125 -35.22 -25.15 76.73
CA PRO F 125 -36.20 -26.21 76.49
C PRO F 125 -36.61 -26.34 75.03
N LEU F 126 -36.67 -25.23 74.32
CA LEU F 126 -37.07 -25.26 72.93
C LEU F 126 -36.01 -25.94 72.07
N VAL F 127 -34.75 -25.62 72.33
CA VAL F 127 -33.63 -26.26 71.64
C VAL F 127 -33.56 -27.76 71.95
N LEU F 128 -33.73 -28.12 73.22
CA LEU F 128 -33.72 -29.51 73.65
C LEU F 128 -34.90 -30.26 73.05
N ALA F 129 -36.02 -29.58 72.93
CA ALA F 129 -37.23 -30.16 72.37
C ALA F 129 -36.97 -30.55 70.91
N ILE F 130 -36.35 -29.64 70.18
CA ILE F 130 -36.00 -29.86 68.77
C ILE F 130 -35.13 -31.11 68.61
N ALA F 131 -34.24 -31.32 69.57
CA ALA F 131 -33.30 -32.43 69.50
C ALA F 131 -33.99 -33.75 69.82
N LEU F 132 -34.99 -33.71 70.70
CA LEU F 132 -35.61 -34.93 71.20
C LEU F 132 -36.83 -35.32 70.39
N THR F 133 -37.35 -34.38 69.61
CA THR F 133 -38.53 -34.65 68.80
C THR F 133 -38.14 -35.27 67.46
N TYR F 134 -36.89 -35.07 67.07
CA TYR F 134 -36.43 -35.47 65.73
C TYR F 134 -36.66 -36.96 65.41
N PRO F 135 -36.34 -37.86 66.36
CA PRO F 135 -36.50 -39.29 66.12
C PRO F 135 -37.94 -39.71 65.79
N HIS F 136 -38.90 -38.81 65.97
CA HIS F 136 -40.32 -39.10 65.69
C HIS F 136 -40.76 -38.50 64.36
N ALA F 137 -39.94 -37.62 63.81
CA ALA F 137 -40.23 -36.98 62.54
C ALA F 137 -40.60 -38.02 61.48
N LYS F 138 -39.78 -39.06 61.37
CA LYS F 138 -39.98 -40.11 60.36
C LYS F 138 -41.27 -40.89 60.56
N ARG F 139 -41.98 -40.63 61.65
CA ARG F 139 -43.22 -41.32 61.96
C ARG F 139 -44.42 -40.46 61.57
N LEU F 140 -44.18 -39.17 61.36
CA LEU F 140 -45.24 -38.20 61.11
C LEU F 140 -45.30 -37.78 59.66
N HIS F 141 -44.12 -37.56 59.09
CA HIS F 141 -44.00 -36.99 57.76
C HIS F 141 -42.67 -37.37 57.11
N PRO F 142 -42.56 -37.19 55.78
CA PRO F 142 -41.24 -37.33 55.15
C PRO F 142 -40.34 -36.17 55.55
N LEU F 143 -39.24 -35.97 54.81
CA LEU F 143 -38.25 -34.95 55.13
C LEU F 143 -38.03 -34.73 56.65
N PRO F 144 -37.64 -35.80 57.35
CA PRO F 144 -37.08 -35.65 58.70
C PRO F 144 -35.67 -35.09 58.63
N HIS F 145 -35.14 -35.05 57.42
CA HIS F 145 -33.79 -34.56 57.17
C HIS F 145 -33.67 -33.09 57.54
N LEU F 146 -34.74 -32.34 57.31
CA LEU F 146 -34.78 -30.94 57.73
C LEU F 146 -34.73 -30.85 59.25
N HIS F 147 -35.64 -31.60 59.89
CA HIS F 147 -35.70 -31.69 61.34
C HIS F 147 -34.30 -31.95 61.87
N LEU F 148 -33.64 -32.93 61.29
CA LEU F 148 -32.27 -33.28 61.67
C LEU F 148 -31.32 -32.10 61.53
N GLY F 149 -31.50 -31.28 60.51
CA GLY F 149 -30.57 -30.20 60.24
C GLY F 149 -30.78 -28.98 61.12
N ILE F 150 -32.04 -28.69 61.40
CA ILE F 150 -32.38 -27.62 62.33
C ILE F 150 -31.72 -27.89 63.69
N VAL F 151 -31.47 -29.16 64.01
CA VAL F 151 -30.77 -29.51 65.24
C VAL F 151 -29.37 -28.92 65.25
N LEU F 152 -28.67 -29.02 64.13
CA LEU F 152 -27.34 -28.45 64.03
C LEU F 152 -27.45 -26.93 63.87
N GLY F 153 -28.53 -26.46 63.27
CA GLY F 153 -28.79 -25.04 63.25
C GLY F 153 -28.96 -24.48 64.65
N SER F 154 -29.61 -25.25 65.52
CA SER F 154 -29.87 -24.82 66.87
C SER F 154 -28.56 -24.67 67.64
N VAL F 155 -27.51 -25.32 67.16
CA VAL F 155 -26.20 -25.25 67.81
C VAL F 155 -25.54 -23.90 67.58
N VAL F 156 -25.49 -23.48 66.33
CA VAL F 156 -24.98 -22.16 65.99
C VAL F 156 -25.89 -21.10 66.62
N PHE F 157 -27.20 -21.31 66.56
CA PHE F 157 -28.16 -20.46 67.26
C PHE F 157 -27.83 -20.31 68.76
N GLY F 158 -27.58 -21.45 69.39
CA GLY F 158 -27.16 -21.48 70.77
C GLY F 158 -25.86 -20.72 70.96
N GLY F 159 -24.92 -20.92 70.05
CA GLY F 159 -23.64 -20.24 70.13
C GLY F 159 -23.81 -18.74 70.08
N ALA F 160 -24.75 -18.29 69.26
CA ALA F 160 -25.09 -16.88 69.21
C ALA F 160 -25.66 -16.40 70.55
N VAL F 161 -26.78 -17.00 70.98
CA VAL F 161 -27.43 -16.56 72.22
C VAL F 161 -26.43 -16.62 73.37
N ALA F 162 -25.53 -17.59 73.31
CA ALA F 162 -24.52 -17.80 74.35
C ALA F 162 -23.61 -16.58 74.48
N ALA F 163 -23.57 -15.76 73.43
CA ALA F 163 -22.74 -14.56 73.42
C ALA F 163 -23.58 -13.29 73.56
N SER F 164 -24.77 -13.30 72.97
CA SER F 164 -25.67 -12.14 73.04
C SER F 164 -26.63 -12.20 74.24
N GLY F 165 -26.08 -12.54 75.41
CA GLY F 165 -26.74 -12.39 76.70
C GLY F 165 -25.76 -11.73 77.64
N ASP F 166 -24.49 -12.11 77.48
CA ASP F 166 -23.35 -11.41 78.05
C ASP F 166 -22.52 -10.80 76.91
N GLU F 167 -22.76 -9.54 76.52
CA GLU F 167 -23.76 -8.63 77.12
C GLU F 167 -24.92 -8.34 76.16
N ALA F 168 -26.13 -8.17 76.71
CA ALA F 168 -27.32 -7.92 75.88
C ALA F 168 -28.50 -7.45 76.71
N SER F 169 -29.59 -7.08 76.04
CA SER F 169 -30.72 -6.38 76.67
C SER F 169 -32.04 -7.13 76.55
N SER F 170 -32.48 -7.39 75.33
CA SER F 170 -33.78 -8.01 75.10
C SER F 170 -33.70 -9.21 74.17
N LEU F 171 -34.84 -9.84 73.91
CA LEU F 171 -34.92 -11.02 73.05
C LEU F 171 -34.76 -10.64 71.58
N GLY F 172 -35.29 -9.49 71.22
CA GLY F 172 -35.16 -8.98 69.87
C GLY F 172 -33.70 -8.92 69.46
N GLU F 173 -32.86 -8.35 70.33
CA GLU F 173 -31.44 -8.19 70.04
C GLU F 173 -30.76 -9.54 69.86
N VAL F 174 -31.01 -10.45 70.78
CA VAL F 174 -30.33 -11.73 70.78
C VAL F 174 -30.78 -12.53 69.57
N LEU F 175 -32.03 -12.34 69.14
CA LEU F 175 -32.48 -12.94 67.88
C LEU F 175 -31.82 -12.25 66.70
N ARG F 176 -31.71 -10.93 66.76
CA ARG F 176 -31.00 -10.15 65.75
C ARG F 176 -29.52 -10.54 65.75
N SER F 177 -29.05 -11.05 66.87
CA SER F 177 -27.66 -11.44 67.04
C SER F 177 -27.29 -12.68 66.22
N VAL F 178 -28.29 -13.48 65.85
CA VAL F 178 -28.04 -14.76 65.20
C VAL F 178 -27.69 -14.60 63.71
N PRO F 179 -26.63 -15.31 63.24
CA PRO F 179 -26.31 -15.34 61.82
C PRO F 179 -27.13 -16.38 61.06
N TRP F 180 -28.37 -16.03 60.71
CA TRP F 180 -29.33 -17.00 60.19
C TRP F 180 -28.94 -17.63 58.86
N LEU F 181 -28.00 -17.03 58.15
CA LEU F 181 -27.57 -17.61 56.89
C LEU F 181 -26.88 -18.92 57.17
N TYR F 182 -25.99 -18.90 58.17
CA TYR F 182 -25.24 -20.10 58.53
C TYR F 182 -26.13 -21.09 59.28
N VAL F 183 -27.18 -20.58 59.92
CA VAL F 183 -28.19 -21.45 60.51
C VAL F 183 -28.81 -22.28 59.37
N ALA F 184 -29.30 -21.59 58.36
CA ALA F 184 -29.99 -22.24 57.25
C ALA F 184 -29.00 -23.02 56.38
N ALA F 185 -27.79 -22.49 56.23
CA ALA F 185 -26.76 -23.13 55.40
C ALA F 185 -26.38 -24.50 55.97
N VAL F 186 -26.03 -24.51 57.25
CA VAL F 186 -25.63 -25.73 57.94
C VAL F 186 -26.79 -26.73 57.96
N SER F 187 -28.01 -26.24 58.15
CA SER F 187 -29.18 -27.10 58.19
C SER F 187 -29.37 -27.83 56.87
N LEU F 188 -29.30 -27.06 55.77
CA LEU F 188 -29.51 -27.64 54.44
C LEU F 188 -28.37 -28.57 54.05
N TRP F 189 -27.20 -28.36 54.63
CA TRP F 189 -26.05 -29.19 54.34
C TRP F 189 -26.24 -30.62 54.88
N VAL F 190 -26.69 -30.73 56.11
CA VAL F 190 -26.89 -32.05 56.73
C VAL F 190 -28.18 -32.68 56.25
N ALA F 191 -29.20 -31.85 56.00
CA ALA F 191 -30.43 -32.32 55.41
C ALA F 191 -30.12 -32.98 54.07
N GLY F 192 -29.05 -32.50 53.43
CA GLY F 192 -28.68 -32.98 52.12
C GLY F 192 -28.02 -34.35 52.15
N PHE F 193 -27.10 -34.56 53.09
CA PHE F 193 -26.37 -35.82 53.11
C PHE F 193 -27.13 -36.87 53.94
N ASP F 194 -28.06 -36.42 54.78
CA ASP F 194 -28.94 -37.36 55.46
C ASP F 194 -29.88 -37.93 54.42
N THR F 195 -30.26 -37.07 53.47
CA THR F 195 -31.07 -37.51 52.33
C THR F 195 -30.35 -38.56 51.52
N ILE F 196 -29.05 -38.35 51.30
CA ILE F 196 -28.23 -39.29 50.56
C ILE F 196 -28.03 -40.54 51.40
N TYR F 197 -27.98 -40.35 52.72
CA TYR F 197 -27.71 -41.46 53.62
C TYR F 197 -28.93 -42.36 53.75
N SER F 198 -30.11 -41.80 53.48
CA SER F 198 -31.36 -42.51 53.65
C SER F 198 -31.69 -43.39 52.44
N ILE F 199 -30.82 -43.37 51.42
CA ILE F 199 -31.02 -44.15 50.21
C ILE F 199 -30.96 -45.62 50.55
N MET F 200 -30.07 -45.98 51.46
CA MET F 200 -29.83 -47.38 51.79
C MET F 200 -30.98 -48.00 52.57
N ASP F 201 -31.88 -47.15 53.08
CA ASP F 201 -33.01 -47.61 53.89
C ASP F 201 -34.34 -47.38 53.18
N ILE F 202 -34.31 -47.17 51.87
CA ILE F 202 -35.52 -46.91 51.09
C ILE F 202 -36.49 -48.07 51.26
N ASP F 203 -35.94 -49.27 51.21
CA ASP F 203 -36.74 -50.47 51.27
C ASP F 203 -37.38 -50.62 52.66
N PHE F 204 -36.55 -50.57 53.69
CA PHE F 204 -37.03 -50.73 55.06
C PHE F 204 -37.97 -49.61 55.49
N ASP F 205 -37.68 -48.37 55.08
CA ASP F 205 -38.49 -47.23 55.50
C ASP F 205 -39.88 -47.29 54.85
N ARG F 206 -39.90 -47.77 53.61
CA ARG F 206 -41.15 -48.18 52.98
C ARG F 206 -41.62 -49.46 53.66
N SER F 207 -42.87 -49.82 53.47
CA SER F 207 -43.43 -51.02 54.10
C SER F 207 -43.65 -50.81 55.60
N HIS F 208 -42.58 -50.42 56.30
CA HIS F 208 -42.67 -50.14 57.74
C HIS F 208 -43.23 -48.76 58.04
N GLY F 209 -43.56 -48.01 56.98
CA GLY F 209 -44.30 -46.78 57.14
C GLY F 209 -43.46 -45.63 57.68
N LEU F 210 -42.15 -45.75 57.55
CA LEU F 210 -41.24 -44.69 57.98
C LEU F 210 -41.02 -43.65 56.89
N GLY F 211 -41.01 -42.38 57.28
CA GLY F 211 -40.90 -41.28 56.35
C GLY F 211 -39.47 -40.99 55.91
N SER F 212 -39.28 -40.89 54.60
CA SER F 212 -38.00 -40.55 53.99
C SER F 212 -38.28 -39.85 52.69
N ILE F 213 -37.40 -38.94 52.28
CA ILE F 213 -37.55 -38.31 50.98
C ILE F 213 -37.08 -39.29 49.87
N PRO F 214 -36.04 -40.12 50.12
CA PRO F 214 -35.77 -41.12 49.07
C PRO F 214 -36.82 -42.22 48.99
N ALA F 215 -37.53 -42.48 50.06
CA ALA F 215 -38.61 -43.46 50.04
C ALA F 215 -39.81 -42.89 49.29
N LEU F 216 -39.83 -41.58 49.13
CA LEU F 216 -40.92 -40.88 48.47
C LEU F 216 -40.65 -40.68 46.98
N LEU F 217 -39.37 -40.56 46.61
CA LEU F 217 -38.97 -40.18 45.27
C LEU F 217 -37.98 -41.14 44.63
N GLY F 218 -37.56 -42.16 45.37
CA GLY F 218 -36.56 -43.10 44.88
C GLY F 218 -35.18 -42.46 44.85
N PRO F 219 -34.13 -43.26 44.62
CA PRO F 219 -32.74 -42.77 44.56
C PRO F 219 -32.58 -41.58 43.62
N LYS F 220 -32.73 -41.78 42.32
CA LYS F 220 -32.78 -40.67 41.39
C LYS F 220 -34.03 -39.87 41.73
N GLY F 221 -33.84 -38.72 42.36
CA GLY F 221 -34.95 -37.94 42.86
C GLY F 221 -34.62 -37.51 44.27
N ALA F 222 -34.00 -38.44 45.00
CA ALA F 222 -33.36 -38.10 46.26
C ALA F 222 -32.07 -37.34 45.96
N LEU F 223 -31.24 -37.92 45.09
CA LEU F 223 -30.03 -37.26 44.64
C LEU F 223 -30.35 -35.85 44.16
N ALA F 224 -31.47 -35.72 43.46
CA ALA F 224 -31.91 -34.44 42.94
C ALA F 224 -32.21 -33.48 44.08
N ALA F 225 -33.13 -33.87 44.95
CA ALA F 225 -33.50 -33.06 46.09
C ALA F 225 -32.27 -32.81 46.97
N SER F 226 -31.38 -33.80 47.02
CA SER F 226 -30.13 -33.67 47.75
C SER F 226 -29.30 -32.53 47.15
N LEU F 227 -29.24 -32.53 45.83
CA LEU F 227 -28.48 -31.53 45.08
C LEU F 227 -29.06 -30.14 45.25
N ALA F 228 -30.40 -30.05 45.26
CA ALA F 228 -31.09 -28.79 45.43
C ALA F 228 -30.73 -28.20 46.80
N MET F 229 -30.83 -29.02 47.83
CA MET F 229 -30.45 -28.61 49.19
C MET F 229 -29.01 -28.11 49.22
N HIS F 230 -28.09 -28.98 48.83
CA HIS F 230 -26.67 -28.68 48.89
C HIS F 230 -26.30 -27.50 47.99
N ALA F 231 -27.10 -27.23 46.97
CA ALA F 231 -26.88 -26.05 46.15
C ALA F 231 -27.16 -24.82 46.99
N ALA F 232 -28.39 -24.74 47.49
CA ALA F 232 -28.82 -23.63 48.33
C ALA F 232 -27.91 -23.45 49.54
N ALA F 233 -27.24 -24.52 49.95
CA ALA F 233 -26.32 -24.47 51.08
C ALA F 233 -25.09 -23.65 50.71
N VAL F 234 -24.47 -24.00 49.59
CA VAL F 234 -23.26 -23.32 49.13
C VAL F 234 -23.60 -21.86 48.80
N ALA F 235 -24.82 -21.63 48.33
CA ALA F 235 -25.29 -20.28 48.06
C ALA F 235 -25.19 -19.44 49.33
N LEU F 236 -25.71 -19.98 50.42
CA LEU F 236 -25.76 -19.23 51.67
C LEU F 236 -24.39 -19.08 52.31
N PHE F 237 -23.57 -20.14 52.25
CA PHE F 237 -22.21 -20.08 52.77
C PHE F 237 -21.43 -18.96 52.08
N ILE F 238 -21.74 -18.75 50.81
CA ILE F 238 -21.10 -17.73 50.02
C ILE F 238 -21.66 -16.37 50.39
N ALA F 239 -22.99 -16.29 50.37
CA ALA F 239 -23.67 -15.03 50.66
C ALA F 239 -23.28 -14.48 52.03
N GLY F 240 -22.85 -15.38 52.91
CA GLY F 240 -22.43 -15.00 54.26
C GLY F 240 -21.14 -14.22 54.26
N VAL F 241 -20.35 -14.35 53.20
CA VAL F 241 -19.09 -13.63 53.08
C VAL F 241 -19.38 -12.14 52.90
N GLU F 242 -20.11 -11.79 51.84
CA GLU F 242 -20.44 -10.40 51.57
C GLU F 242 -21.23 -9.80 52.74
N ALA F 243 -22.14 -10.60 53.29
CA ALA F 243 -23.04 -10.12 54.35
C ALA F 243 -22.32 -9.91 55.69
N TYR F 244 -21.80 -10.99 56.25
CA TYR F 244 -21.14 -10.92 57.56
C TYR F 244 -19.65 -10.54 57.42
N GLY F 245 -19.32 -9.81 56.38
CA GLY F 245 -17.97 -9.28 56.21
C GLY F 245 -16.95 -10.37 55.92
N LEU F 246 -16.55 -11.09 56.96
CA LEU F 246 -15.56 -12.16 56.85
C LEU F 246 -14.24 -11.65 56.29
N GLY F 247 -13.25 -12.54 56.21
CA GLY F 247 -11.92 -12.18 55.77
C GLY F 247 -11.27 -13.26 54.95
N ALA F 248 -9.95 -13.18 54.84
CA ALA F 248 -9.19 -14.09 54.00
C ALA F 248 -9.41 -15.54 54.40
N ILE F 249 -8.93 -15.89 55.58
CA ILE F 249 -8.98 -17.26 56.06
C ILE F 249 -10.41 -17.81 56.04
N ALA F 250 -11.37 -16.96 56.44
CA ALA F 250 -12.78 -17.36 56.47
C ALA F 250 -13.30 -17.62 55.06
N THR F 251 -12.91 -16.77 54.12
CA THR F 251 -13.34 -16.91 52.74
C THR F 251 -12.69 -18.15 52.11
N VAL F 252 -11.44 -18.41 52.48
CA VAL F 252 -10.77 -19.63 52.04
C VAL F 252 -11.52 -20.85 52.56
N SER F 253 -11.88 -20.82 53.84
CA SER F 253 -12.62 -21.91 54.46
C SER F 253 -13.98 -22.07 53.79
N THR F 254 -14.67 -20.95 53.61
CA THR F 254 -15.97 -20.94 52.92
C THR F 254 -15.88 -21.63 51.57
N ALA F 255 -14.75 -21.47 50.89
CA ALA F 255 -14.56 -22.07 49.57
C ALA F 255 -14.29 -23.56 49.70
N LEU F 256 -13.49 -23.94 50.68
CA LEU F 256 -13.14 -25.34 50.89
C LEU F 256 -14.38 -26.16 51.26
N THR F 257 -15.21 -25.64 52.15
CA THR F 257 -16.42 -26.35 52.56
C THR F 257 -17.32 -26.48 51.35
N ALA F 258 -17.43 -25.39 50.57
CA ALA F 258 -18.21 -25.40 49.35
C ALA F 258 -17.64 -26.44 48.40
N LEU F 259 -16.32 -26.61 48.46
CA LEU F 259 -15.64 -27.59 47.63
C LEU F 259 -16.03 -29.00 48.00
N VAL F 260 -15.98 -29.31 49.29
CA VAL F 260 -16.31 -30.65 49.80
C VAL F 260 -17.75 -31.01 49.46
N ILE F 261 -18.68 -30.09 49.74
CA ILE F 261 -20.10 -30.30 49.49
C ILE F 261 -20.35 -30.76 48.05
N ILE F 262 -19.44 -30.41 47.16
CA ILE F 262 -19.57 -30.77 45.75
C ILE F 262 -19.10 -32.21 45.51
N LEU F 263 -18.13 -32.67 46.28
CA LEU F 263 -17.64 -34.04 46.15
C LEU F 263 -18.64 -35.04 46.73
N VAL F 264 -19.27 -34.69 47.84
CA VAL F 264 -20.23 -35.58 48.47
C VAL F 264 -21.38 -35.77 47.48
N GLN F 265 -21.72 -34.70 46.76
CA GLN F 265 -22.69 -34.78 45.69
C GLN F 265 -22.11 -35.63 44.57
N ALA F 266 -20.92 -35.27 44.13
CA ALA F 266 -20.24 -35.96 43.03
C ALA F 266 -20.15 -37.47 43.28
N MET F 267 -19.52 -37.82 44.40
CA MET F 267 -19.33 -39.21 44.78
C MET F 267 -20.65 -39.96 44.94
N ALA F 268 -21.70 -39.24 45.33
CA ALA F 268 -23.02 -39.82 45.56
C ALA F 268 -23.75 -40.08 44.25
N TRP F 269 -23.62 -39.16 43.29
CA TRP F 269 -24.19 -39.37 41.97
C TRP F 269 -23.44 -40.47 41.23
N LEU F 270 -22.20 -40.73 41.64
CA LEU F 270 -21.44 -41.87 41.12
C LEU F 270 -21.70 -43.12 41.96
N GLY F 271 -22.93 -43.27 42.47
CA GLY F 271 -23.23 -44.32 43.42
C GLY F 271 -22.37 -44.06 44.64
N ARG F 272 -21.46 -44.99 44.94
CA ARG F 272 -20.36 -44.76 45.87
C ARG F 272 -20.68 -43.78 47.02
N VAL F 273 -21.68 -44.12 47.82
CA VAL F 273 -22.27 -43.18 48.78
C VAL F 273 -21.65 -43.21 50.18
N LYS F 274 -20.99 -44.30 50.53
CA LYS F 274 -20.43 -44.44 51.86
C LYS F 274 -19.30 -43.44 52.07
N GLU F 275 -18.42 -43.37 51.08
CA GLU F 275 -17.30 -42.43 51.13
C GLU F 275 -17.82 -41.01 50.96
N SER F 276 -18.93 -40.85 50.25
CA SER F 276 -19.58 -39.55 50.10
C SER F 276 -20.07 -39.04 51.46
N PHE F 277 -20.80 -39.89 52.17
CA PHE F 277 -21.27 -39.57 53.50
C PHE F 277 -20.08 -39.32 54.41
N ASN F 278 -19.13 -40.25 54.42
CA ASN F 278 -17.95 -40.18 55.28
C ASN F 278 -17.13 -38.90 55.00
N LEU F 279 -17.30 -38.33 53.81
CA LEU F 279 -16.52 -37.17 53.41
C LEU F 279 -16.90 -35.90 54.17
N ASN F 280 -18.14 -35.84 54.65
CA ASN F 280 -18.67 -34.62 55.25
C ASN F 280 -17.94 -34.20 56.54
N LEU F 281 -17.04 -35.04 57.04
CA LEU F 281 -16.31 -34.72 58.27
C LEU F 281 -15.25 -33.65 58.03
N ALA F 282 -15.04 -33.28 56.79
CA ALA F 282 -14.06 -32.26 56.45
C ALA F 282 -14.58 -30.90 56.87
N VAL F 283 -15.89 -30.71 56.73
CA VAL F 283 -16.51 -29.40 56.93
C VAL F 283 -16.27 -28.88 58.36
N PRO F 284 -16.57 -29.70 59.38
CA PRO F 284 -16.22 -29.27 60.75
C PRO F 284 -14.73 -28.97 60.91
N ILE F 285 -13.89 -29.85 60.39
CA ILE F 285 -12.44 -29.72 60.53
C ILE F 285 -11.93 -28.47 59.83
N ILE F 286 -12.43 -28.23 58.62
CA ILE F 286 -12.07 -27.04 57.87
C ILE F 286 -12.47 -25.80 58.67
N ILE F 287 -13.72 -25.77 59.11
CA ILE F 287 -14.23 -24.64 59.88
C ILE F 287 -13.42 -24.47 61.15
N GLY F 288 -13.26 -25.55 61.90
CA GLY F 288 -12.56 -25.51 63.17
C GLY F 288 -11.13 -25.03 63.01
N ALA F 289 -10.42 -25.60 62.04
CA ALA F 289 -9.07 -25.18 61.75
C ALA F 289 -9.05 -23.71 61.32
N GLY F 290 -10.03 -23.32 60.51
CA GLY F 290 -10.14 -21.96 60.01
C GLY F 290 -10.24 -20.94 61.13
N ILE F 291 -10.99 -21.29 62.18
CA ILE F 291 -11.13 -20.43 63.35
C ILE F 291 -9.81 -20.33 64.09
N ILE F 292 -9.18 -21.48 64.31
CA ILE F 292 -7.94 -21.56 65.08
C ILE F 292 -6.83 -20.74 64.44
N VAL F 293 -6.76 -20.77 63.13
CA VAL F 293 -5.74 -20.03 62.39
C VAL F 293 -6.06 -18.55 62.39
N ASP F 294 -7.35 -18.21 62.33
CA ASP F 294 -7.79 -16.82 62.31
C ASP F 294 -7.46 -16.11 63.62
N MET F 295 -7.56 -16.83 64.73
CA MET F 295 -7.22 -16.27 66.04
C MET F 295 -5.74 -15.94 66.11
N LEU F 296 -4.92 -16.76 65.47
CA LEU F 296 -3.47 -16.57 65.42
C LEU F 296 -3.05 -15.71 64.23
#